data_3GD3
#
_entry.id   3GD3
#
_cell.length_a   75.050
_cell.length_b   80.290
_cell.length_c   419.640
_cell.angle_alpha   90.00
_cell.angle_beta   90.00
_cell.angle_gamma   90.00
#
_symmetry.space_group_name_H-M   'P 21 21 21'
#
loop_
_entity.id
_entity.type
_entity.pdbx_description
1 polymer 'Apoptosis-inducing factor 1, mitochondrial'
2 polymer 'Apoptosis-inducing factor 1, mitochondrial'
3 non-polymer 'FLAVIN-ADENINE DINUCLEOTIDE'
4 water water
#
loop_
_entity_poly.entity_id
_entity_poly.type
_entity_poly.pdbx_seq_one_letter_code
_entity_poly.pdbx_strand_id
1 'polypeptide(L)'
;GAGAYAYKTIKEDQKRYNERVMGLGLSPEEKQRRAIASATEGGSVPQIRAPSHVPFLLIGGGTAAFAAARSIRARDPGAR
VLIVSEDPELPYMRPPLSKELWFSDDPNVTKTLQFRQWNGKERSIYFQPPSFYVSAQDLPNIENGGVAVLTGKKVVHLDV
RGNMVKLNDGSQITFEKCLIATGGTPRSLSAIDRAGAEVKSRTTLFRKIGDFRALEKISREVKSITVIGGGFLGSELACA
LGRKSQASGIEVIQLFPEKGNMGKILPQYLSNWTMEKVKREGVKVMPNAIVQSVGVSGGRLLIKLKDGRKVETDHIVTAV
GLEPNVELAKTGGLEIDSDFGGFRVNAELQARSNIWVAGDAACFYDIKLGRRRVEHHDHAVVSGRLAGENMTGAAKPYWH
QSMFWSDLGPDVGYEAIGLVDSSLPTVGVFAKATAQDNPKSATEQSGTGIRSESETESEASEITIPPSAPAVPQVPVEGE
DYGKGVIFYLRDKVVVGIVLWNVFNRMPIARKIIKDGEQHEDLNEVAKLFNIHED
;
A,B,C,D
2 'polypeptide(L)' (UNK)(UNK)(UNK)(UNK)(UNK)(UNK)(UNK)(UNK)(UNK) E,F
#
loop_
_chem_comp.id
_chem_comp.type
_chem_comp.name
_chem_comp.formula
FAD non-polymer 'FLAVIN-ADENINE DINUCLEOTIDE' 'C27 H33 N9 O15 P2'
#
# COMPACT_ATOMS: atom_id res chain seq x y z
N PRO A 51 -11.00 -26.36 -25.29
CA PRO A 51 -11.03 -25.79 -26.64
C PRO A 51 -11.95 -24.57 -26.78
N SER A 52 -11.40 -23.43 -27.22
CA SER A 52 -12.18 -22.25 -27.65
C SER A 52 -11.30 -21.19 -28.32
N HIS A 53 -11.91 -20.16 -28.91
CA HIS A 53 -11.15 -19.23 -29.75
C HIS A 53 -11.39 -17.77 -29.44
N VAL A 54 -10.31 -17.00 -29.50
CA VAL A 54 -10.34 -15.54 -29.40
C VAL A 54 -9.27 -14.97 -30.36
N PRO A 55 -9.57 -13.86 -31.07
CA PRO A 55 -8.61 -13.33 -32.03
C PRO A 55 -7.42 -12.61 -31.38
N PHE A 56 -7.70 -11.68 -30.48
CA PHE A 56 -6.68 -10.98 -29.74
C PHE A 56 -6.67 -11.50 -28.32
N LEU A 57 -5.59 -12.22 -28.01
CA LEU A 57 -5.30 -12.78 -26.69
C LEU A 57 -3.99 -12.23 -26.17
N LEU A 58 -4.00 -11.83 -24.90
CA LEU A 58 -2.83 -11.21 -24.27
C LEU A 58 -2.51 -11.92 -22.95
N ILE A 59 -1.22 -12.19 -22.73
CA ILE A 59 -0.77 -12.98 -21.59
C ILE A 59 -0.16 -12.09 -20.51
N GLY A 60 -0.67 -12.24 -19.30
CA GLY A 60 -0.30 -11.40 -18.17
C GLY A 60 -1.22 -10.20 -18.19
N GLY A 61 -1.87 -9.92 -17.07
CA GLY A 61 -2.90 -8.89 -17.09
C GLY A 61 -2.51 -7.54 -16.54
N GLY A 62 -1.30 -7.10 -16.87
CA GLY A 62 -0.79 -5.87 -16.24
C GLY A 62 -0.86 -4.55 -16.99
N THR A 63 0.08 -3.68 -16.68
CA THR A 63 0.16 -2.35 -17.28
C THR A 63 0.31 -2.41 -18.80
N ALA A 64 1.08 -3.40 -19.28
CA ALA A 64 1.35 -3.56 -20.71
C ALA A 64 0.16 -4.17 -21.47
N ALA A 65 -0.41 -5.25 -20.93
CA ALA A 65 -1.59 -5.90 -21.50
C ALA A 65 -2.76 -4.95 -21.64
N PHE A 66 -3.10 -4.24 -20.57
CA PHE A 66 -4.19 -3.27 -20.65
C PHE A 66 -3.92 -2.17 -21.67
N ALA A 67 -2.68 -1.70 -21.78
CA ALA A 67 -2.37 -0.67 -22.79
C ALA A 67 -2.54 -1.18 -24.22
N ALA A 68 -2.11 -2.42 -24.49
CA ALA A 68 -2.35 -3.00 -25.78
C ALA A 68 -3.86 -3.15 -25.98
N ALA A 69 -4.54 -3.64 -24.94
CA ALA A 69 -5.97 -3.85 -25.03
C ALA A 69 -6.68 -2.59 -25.49
N ARG A 70 -6.24 -1.44 -24.98
CA ARG A 70 -6.81 -0.18 -25.40
C ARG A 70 -6.36 0.16 -26.83
N SER A 71 -5.15 -0.26 -27.18
CA SER A 71 -4.55 0.12 -28.45
C SER A 71 -5.26 -0.56 -29.62
N ILE A 72 -5.55 -1.84 -29.44
CA ILE A 72 -6.15 -2.65 -30.50
C ILE A 72 -7.57 -2.19 -30.80
N ARG A 73 -8.39 -2.18 -29.77
CA ARG A 73 -9.69 -1.50 -29.75
C ARG A 73 -9.75 -0.19 -30.55
N ALA A 74 -8.83 0.72 -30.25
CA ALA A 74 -8.69 1.98 -30.99
C ALA A 74 -8.60 1.79 -32.49
N ARG A 75 -7.78 0.83 -32.92
CA ARG A 75 -7.49 0.63 -34.32
C ARG A 75 -8.53 -0.24 -34.98
N ASP A 76 -8.85 -1.38 -34.36
CA ASP A 76 -9.87 -2.33 -34.87
C ASP A 76 -11.11 -2.29 -33.98
N PRO A 77 -12.02 -1.34 -34.26
CA PRO A 77 -13.09 -1.14 -33.29
C PRO A 77 -14.11 -2.24 -33.50
N GLY A 78 -14.30 -3.09 -32.51
CA GLY A 78 -15.09 -4.29 -32.71
C GLY A 78 -14.26 -5.56 -32.68
N ALA A 79 -12.97 -5.42 -32.36
CA ALA A 79 -12.09 -6.56 -32.14
C ALA A 79 -12.40 -7.23 -30.80
N ARG A 80 -12.39 -8.56 -30.80
CA ARG A 80 -12.64 -9.31 -29.58
C ARG A 80 -11.33 -9.62 -28.82
N VAL A 81 -11.12 -8.95 -27.69
CA VAL A 81 -9.88 -9.09 -26.92
C VAL A 81 -10.09 -9.86 -25.61
N LEU A 82 -9.22 -10.84 -25.36
CA LEU A 82 -9.21 -11.54 -24.07
C LEU A 82 -7.84 -11.51 -23.39
N ILE A 83 -7.81 -10.97 -22.18
CA ILE A 83 -6.62 -11.05 -21.33
C ILE A 83 -6.77 -12.18 -20.31
N VAL A 84 -5.73 -12.99 -20.19
CA VAL A 84 -5.61 -13.97 -19.11
C VAL A 84 -4.62 -13.44 -18.06
N SER A 85 -4.99 -13.51 -16.77
CA SER A 85 -4.15 -13.02 -15.68
C SER A 85 -4.06 -13.95 -14.48
N GLU A 86 -2.84 -14.22 -14.04
CA GLU A 86 -2.58 -14.91 -12.77
C GLU A 86 -3.33 -14.27 -11.61
N ASP A 87 -3.13 -12.96 -11.43
CA ASP A 87 -3.77 -12.19 -10.35
C ASP A 87 -5.29 -12.30 -10.39
N PRO A 88 -5.94 -12.29 -9.22
CA PRO A 88 -7.40 -12.29 -9.15
C PRO A 88 -7.96 -10.87 -9.23
N GLU A 89 -7.06 -9.92 -9.50
CA GLU A 89 -7.42 -8.50 -9.55
C GLU A 89 -7.51 -8.00 -11.00
N LEU A 90 -8.33 -6.97 -11.22
CA LEU A 90 -8.48 -6.37 -12.56
C LEU A 90 -7.34 -5.40 -12.80
N PRO A 91 -6.77 -5.39 -14.02
CA PRO A 91 -5.57 -4.64 -14.32
C PRO A 91 -5.52 -3.27 -13.64
N TYR A 92 -4.45 -3.04 -12.87
CA TYR A 92 -4.20 -1.79 -12.12
C TYR A 92 -2.78 -1.30 -12.30
N MET A 93 -2.56 -0.01 -12.07
CA MET A 93 -1.21 0.59 -12.08
C MET A 93 -0.51 0.15 -10.80
N ARG A 94 0.82 0.21 -10.75
CA ARG A 94 1.58 -0.28 -9.58
C ARG A 94 2.17 0.81 -8.67
N PRO A 95 2.61 1.95 -9.25
CA PRO A 95 3.29 2.98 -8.45
C PRO A 95 2.64 3.41 -7.11
N PRO A 96 1.30 3.52 -7.02
CA PRO A 96 0.66 3.88 -5.75
C PRO A 96 0.96 2.94 -4.59
N LEU A 97 1.24 1.68 -4.91
CA LEU A 97 1.48 0.67 -3.90
C LEU A 97 2.70 0.94 -3.00
N SER A 98 3.72 1.58 -3.54
CA SER A 98 4.88 1.90 -2.73
C SER A 98 4.84 3.36 -2.32
N LYS A 99 3.70 4.01 -2.53
CA LYS A 99 3.67 5.44 -2.35
C LYS A 99 2.36 5.93 -1.74
N GLU A 100 1.57 6.65 -2.53
CA GLU A 100 0.41 7.40 -2.04
C GLU A 100 -0.62 6.57 -1.27
N LEU A 101 -0.63 5.27 -1.52
CA LEU A 101 -1.54 4.37 -0.81
C LEU A 101 -1.15 4.25 0.65
N TRP A 102 0.08 4.58 0.97
CA TRP A 102 0.51 4.55 2.36
C TRP A 102 0.19 5.81 3.14
N PHE A 103 -0.22 6.87 2.44
CA PHE A 103 -0.29 8.19 3.07
C PHE A 103 -1.69 8.66 3.42
N SER A 104 -2.65 7.76 3.28
CA SER A 104 -4.04 8.04 3.62
C SER A 104 -4.32 7.62 5.05
N ASP A 105 -5.17 8.40 5.73
CA ASP A 105 -5.54 8.12 7.11
C ASP A 105 -6.92 7.46 7.19
N ASP A 106 -7.37 6.91 6.06
CA ASP A 106 -8.64 6.21 6.00
C ASP A 106 -8.39 4.70 5.80
N PRO A 107 -8.88 3.86 6.75
CA PRO A 107 -8.66 2.41 6.72
C PRO A 107 -9.41 1.72 5.58
N ASN A 108 -10.65 2.14 5.32
CA ASN A 108 -11.46 1.56 4.22
C ASN A 108 -10.84 1.82 2.83
N VAL A 109 -9.69 2.48 2.81
CA VAL A 109 -8.91 2.65 1.59
C VAL A 109 -7.95 1.47 1.40
N THR A 110 -7.66 0.75 2.47
CA THR A 110 -7.00 -0.55 2.31
C THR A 110 -7.95 -1.50 1.59
N LYS A 111 -9.26 -1.24 1.76
CA LYS A 111 -10.28 -2.02 1.07
C LYS A 111 -10.44 -1.53 -0.37
N THR A 112 -11.04 -0.34 -0.54
CA THR A 112 -11.46 0.16 -1.86
C THR A 112 -10.32 0.40 -2.86
N LEU A 113 -9.12 0.62 -2.35
CA LEU A 113 -7.96 0.95 -3.18
C LEU A 113 -8.15 2.24 -3.99
N GLN A 114 -9.15 3.03 -3.62
CA GLN A 114 -9.32 4.39 -4.10
C GLN A 114 -8.42 5.30 -3.29
N PHE A 115 -7.24 5.61 -3.82
CA PHE A 115 -6.22 6.38 -3.11
C PHE A 115 -6.27 7.90 -3.33
N ARG A 116 -5.61 8.64 -2.43
CA ARG A 116 -5.50 10.10 -2.59
C ARG A 116 -4.13 10.53 -3.09
N GLN A 117 -4.14 11.46 -4.03
CA GLN A 117 -2.91 12.02 -4.60
C GLN A 117 -2.38 13.08 -3.65
N TRP A 118 -1.26 13.71 -4.00
CA TRP A 118 -0.67 14.74 -3.12
C TRP A 118 -1.51 16.02 -3.17
N ASN A 119 -2.41 16.12 -4.13
CA ASN A 119 -3.29 17.24 -4.24
C ASN A 119 -4.61 16.85 -3.58
N GLY A 120 -4.71 15.57 -3.22
CA GLY A 120 -5.83 15.09 -2.41
C GLY A 120 -7.09 14.67 -3.14
N LYS A 121 -6.99 14.49 -4.46
CA LYS A 121 -8.11 13.97 -5.23
C LYS A 121 -8.03 12.46 -5.28
N GLU A 122 -9.13 11.82 -4.92
CA GLU A 122 -9.31 10.37 -5.04
C GLU A 122 -8.77 9.87 -6.38
N ARG A 123 -8.40 8.59 -6.44
CA ARG A 123 -8.18 7.92 -7.71
C ARG A 123 -8.17 6.42 -7.51
N SER A 124 -8.93 5.69 -8.31
CA SER A 124 -8.93 4.24 -8.30
C SER A 124 -7.57 3.75 -8.73
N ILE A 125 -7.10 2.67 -8.12
CA ILE A 125 -5.88 2.02 -8.59
C ILE A 125 -6.09 1.31 -9.93
N TYR A 126 -7.23 0.63 -10.06
CA TYR A 126 -7.53 -0.16 -11.25
C TYR A 126 -7.66 0.76 -12.48
N PHE A 127 -7.18 0.29 -13.64
CA PHE A 127 -7.11 1.13 -14.85
C PHE A 127 -8.41 1.77 -15.32
N GLN A 128 -9.49 1.00 -15.26
CA GLN A 128 -10.84 1.50 -15.58
C GLN A 128 -11.80 0.78 -14.64
N PRO A 129 -13.00 1.35 -14.41
CA PRO A 129 -13.98 0.61 -13.64
C PRO A 129 -14.24 -0.77 -14.25
N PRO A 130 -14.83 -1.71 -13.48
CA PRO A 130 -14.90 -3.06 -14.02
C PRO A 130 -15.99 -3.25 -15.11
N SER A 131 -17.05 -2.44 -15.07
CA SER A 131 -18.14 -2.56 -16.05
C SER A 131 -17.67 -2.24 -17.47
N PHE A 132 -16.54 -1.53 -17.55
CA PHE A 132 -15.80 -1.32 -18.80
C PHE A 132 -15.39 -2.62 -19.48
N TYR A 133 -15.11 -3.65 -18.70
CA TYR A 133 -14.85 -4.95 -19.31
C TYR A 133 -16.14 -5.65 -19.72
N VAL A 134 -15.97 -6.71 -20.50
CA VAL A 134 -17.06 -7.62 -20.79
C VAL A 134 -16.61 -8.98 -20.32
N SER A 135 -17.55 -9.85 -19.97
CA SER A 135 -17.17 -11.16 -19.42
C SER A 135 -16.48 -12.01 -20.48
N ALA A 136 -15.82 -13.07 -20.03
CA ALA A 136 -15.00 -13.92 -20.91
C ALA A 136 -15.83 -14.93 -21.73
N GLN A 137 -17.00 -15.30 -21.21
CA GLN A 137 -17.87 -16.24 -21.91
C GLN A 137 -18.74 -15.52 -22.92
N ASP A 138 -19.29 -14.37 -22.51
CA ASP A 138 -20.13 -13.51 -23.36
C ASP A 138 -19.40 -12.95 -24.58
N LEU A 139 -18.06 -12.94 -24.52
CA LEU A 139 -17.21 -12.29 -25.53
C LEU A 139 -17.47 -12.66 -27.00
N PRO A 140 -17.38 -13.95 -27.38
CA PRO A 140 -17.63 -14.30 -28.78
C PRO A 140 -19.00 -13.85 -29.31
N ASN A 141 -19.99 -13.76 -28.44
CA ASN A 141 -21.34 -13.37 -28.82
C ASN A 141 -21.60 -11.86 -28.76
N ILE A 142 -20.59 -11.08 -28.40
CA ILE A 142 -20.77 -9.63 -28.27
C ILE A 142 -20.73 -8.91 -29.61
N GLU A 143 -20.02 -9.50 -30.58
CA GLU A 143 -20.05 -9.05 -31.99
C GLU A 143 -20.17 -7.54 -32.13
N ASN A 144 -19.06 -6.88 -31.81
CA ASN A 144 -18.91 -5.45 -31.59
C ASN A 144 -17.70 -5.32 -30.70
N GLY A 145 -17.21 -6.49 -30.29
CA GLY A 145 -15.97 -6.62 -29.57
C GLY A 145 -15.95 -5.94 -28.23
N GLY A 146 -14.86 -6.14 -27.52
CA GLY A 146 -14.66 -5.58 -26.19
C GLY A 146 -13.43 -6.22 -25.60
N VAL A 147 -13.17 -5.93 -24.34
CA VAL A 147 -12.06 -6.53 -23.61
C VAL A 147 -12.61 -7.41 -22.47
N ALA A 148 -12.24 -8.69 -22.53
CA ALA A 148 -12.69 -9.65 -21.53
C ALA A 148 -11.49 -10.04 -20.72
N VAL A 149 -11.74 -10.43 -19.46
CA VAL A 149 -10.65 -10.60 -18.52
C VAL A 149 -10.73 -11.91 -17.74
N LEU A 150 -9.80 -12.82 -18.04
CA LEU A 150 -9.80 -14.12 -17.40
C LEU A 150 -8.88 -14.15 -16.19
N THR A 151 -9.34 -13.55 -15.11
CA THR A 151 -8.58 -13.51 -13.86
C THR A 151 -8.58 -14.87 -13.19
N GLY A 152 -7.48 -15.20 -12.53
CA GLY A 152 -7.38 -16.42 -11.76
C GLY A 152 -6.88 -17.60 -12.56
N LYS A 153 -6.43 -17.35 -13.79
CA LYS A 153 -5.91 -18.41 -14.63
C LYS A 153 -4.47 -18.13 -15.02
N LYS A 154 -3.78 -19.15 -15.54
CA LYS A 154 -2.37 -19.04 -15.88
C LYS A 154 -2.00 -19.83 -17.12
N VAL A 155 -1.35 -19.17 -18.07
CA VAL A 155 -0.81 -19.83 -19.26
C VAL A 155 0.40 -20.67 -18.87
N VAL A 156 0.39 -21.95 -19.25
CA VAL A 156 1.45 -22.86 -18.86
C VAL A 156 2.07 -23.58 -20.07
N HIS A 157 1.49 -23.39 -21.24
CA HIS A 157 2.04 -23.96 -22.47
C HIS A 157 1.71 -23.12 -23.70
N LEU A 158 2.75 -22.64 -24.36
CA LEU A 158 2.60 -21.89 -25.60
C LEU A 158 2.93 -22.80 -26.78
N ASP A 159 2.21 -22.59 -27.88
CA ASP A 159 2.49 -23.33 -29.12
C ASP A 159 2.44 -22.41 -30.34
N VAL A 160 3.63 -21.97 -30.76
CA VAL A 160 3.77 -20.99 -31.83
C VAL A 160 3.33 -21.51 -33.21
N ARG A 161 3.74 -22.72 -33.55
CA ARG A 161 3.28 -23.31 -34.80
C ARG A 161 1.79 -23.61 -34.70
N GLY A 162 1.37 -24.13 -33.56
CA GLY A 162 -0.03 -24.50 -33.33
C GLY A 162 -0.97 -23.35 -32.97
N ASN A 163 -0.45 -22.14 -32.84
CA ASN A 163 -1.25 -20.94 -32.52
C ASN A 163 -2.29 -21.06 -31.39
N MET A 164 -1.91 -21.75 -30.31
CA MET A 164 -2.76 -21.85 -29.10
C MET A 164 -1.95 -21.99 -27.81
N VAL A 165 -2.52 -21.43 -26.74
CA VAL A 165 -1.98 -21.59 -25.39
C VAL A 165 -2.65 -22.78 -24.69
N LYS A 166 -2.21 -23.06 -23.46
CA LYS A 166 -2.87 -24.02 -22.59
C LYS A 166 -2.97 -23.37 -21.22
N LEU A 167 -4.18 -23.22 -20.71
CA LEU A 167 -4.34 -22.70 -19.36
C LEU A 167 -3.98 -23.79 -18.34
N ASN A 168 -3.63 -23.38 -17.12
CA ASN A 168 -3.23 -24.31 -16.06
C ASN A 168 -4.24 -25.43 -15.79
N ASP A 169 -5.53 -25.10 -15.93
CA ASP A 169 -6.62 -26.07 -15.74
C ASP A 169 -6.81 -26.97 -16.96
N GLY A 170 -5.96 -26.81 -17.98
CA GLY A 170 -5.92 -27.74 -19.10
C GLY A 170 -6.71 -27.34 -20.34
N SER A 171 -7.65 -26.41 -20.18
CA SER A 171 -8.42 -25.89 -21.32
C SER A 171 -7.50 -25.21 -22.32
N GLN A 172 -7.92 -25.18 -23.58
CA GLN A 172 -7.11 -24.62 -24.65
C GLN A 172 -7.79 -23.45 -25.34
N ILE A 173 -7.01 -22.45 -25.73
CA ILE A 173 -7.53 -21.31 -26.45
C ILE A 173 -6.67 -20.97 -27.66
N THR A 174 -7.28 -21.04 -28.84
CA THR A 174 -6.63 -20.70 -30.10
C THR A 174 -6.63 -19.18 -30.34
N PHE A 175 -5.47 -18.66 -30.72
CA PHE A 175 -5.34 -17.25 -31.03
C PHE A 175 -4.95 -16.99 -32.48
N GLU A 176 -5.33 -15.82 -32.97
CA GLU A 176 -4.88 -15.35 -34.26
C GLU A 176 -3.67 -14.45 -34.11
N LYS A 177 -3.66 -13.68 -33.03
CA LYS A 177 -2.60 -12.71 -32.69
C LYS A 177 -2.36 -12.71 -31.17
N CYS A 178 -1.13 -12.95 -30.75
CA CYS A 178 -0.85 -13.09 -29.31
C CYS A 178 0.21 -12.14 -28.78
N LEU A 179 0.07 -11.77 -27.50
CA LEU A 179 1.03 -10.88 -26.83
C LEU A 179 1.42 -11.45 -25.49
N ILE A 180 2.72 -11.40 -25.20
CA ILE A 180 3.25 -11.90 -23.94
C ILE A 180 3.78 -10.71 -23.15
N ALA A 181 2.98 -10.23 -22.22
CA ALA A 181 3.33 -9.12 -21.35
C ALA A 181 3.28 -9.61 -19.92
N THR A 182 4.20 -10.51 -19.58
CA THR A 182 4.14 -11.22 -18.31
C THR A 182 4.83 -10.53 -17.15
N GLY A 183 5.46 -9.37 -17.40
CA GLY A 183 6.26 -8.69 -16.38
C GLY A 183 7.32 -9.56 -15.67
N GLY A 184 7.31 -9.55 -14.34
CA GLY A 184 8.34 -10.20 -13.57
C GLY A 184 8.03 -10.57 -12.13
N THR A 185 8.82 -11.50 -11.61
CA THR A 185 8.77 -11.96 -10.20
C THR A 185 9.96 -11.36 -9.44
N PRO A 186 9.68 -10.70 -8.30
CA PRO A 186 10.77 -10.12 -7.55
C PRO A 186 11.76 -11.19 -7.14
N ARG A 187 13.04 -10.83 -7.11
CA ARG A 187 14.12 -11.69 -6.66
C ARG A 187 13.99 -12.01 -5.18
N SER A 188 14.20 -13.27 -4.82
CA SER A 188 14.39 -13.58 -3.41
C SER A 188 15.87 -13.41 -3.09
N LEU A 189 16.27 -13.68 -1.85
CA LEU A 189 17.64 -13.48 -1.44
C LEU A 189 18.19 -14.81 -0.94
N SER A 190 19.06 -15.44 -1.73
CA SER A 190 19.44 -16.85 -1.51
C SER A 190 19.60 -17.27 -0.04
N ALA A 191 20.02 -16.34 0.83
CA ALA A 191 20.11 -16.60 2.27
C ALA A 191 18.74 -16.92 2.87
N ILE A 192 17.69 -16.28 2.33
CA ILE A 192 16.30 -16.55 2.73
C ILE A 192 15.76 -17.83 2.10
N ASP A 193 16.43 -18.30 1.06
CA ASP A 193 16.00 -19.52 0.38
C ASP A 193 16.46 -20.79 1.07
N ARG A 194 17.70 -20.76 1.58
CA ARG A 194 18.23 -21.89 2.33
C ARG A 194 17.47 -22.09 3.64
N ALA A 195 16.92 -21.00 4.16
CA ALA A 195 16.25 -20.97 5.46
C ALA A 195 14.97 -21.83 5.50
N GLY A 196 14.40 -21.97 6.69
CA GLY A 196 13.17 -22.74 6.87
C GLY A 196 11.93 -22.04 6.32
N ALA A 197 10.80 -22.75 6.35
CA ALA A 197 9.53 -22.17 5.94
C ALA A 197 9.03 -21.15 6.96
N GLU A 198 9.50 -21.27 8.20
CA GLU A 198 9.11 -20.36 9.27
C GLU A 198 9.59 -18.95 8.97
N VAL A 199 10.87 -18.82 8.62
CA VAL A 199 11.44 -17.53 8.22
C VAL A 199 10.92 -17.08 6.85
N LYS A 200 10.86 -18.00 5.89
CA LYS A 200 10.31 -17.70 4.56
C LYS A 200 8.93 -17.06 4.68
N SER A 201 8.14 -17.57 5.63
CA SER A 201 6.78 -17.09 5.84
C SER A 201 6.78 -15.65 6.33
N ARG A 202 7.65 -15.35 7.30
CA ARG A 202 7.74 -14.02 7.88
C ARG A 202 8.44 -13.02 6.95
N THR A 203 8.42 -13.32 5.64
CA THR A 203 9.09 -12.53 4.62
C THR A 203 8.19 -12.33 3.39
N THR A 204 7.96 -11.08 3.01
CA THR A 204 7.19 -10.84 1.77
C THR A 204 8.06 -10.24 0.66
N LEU A 205 7.57 -10.39 -0.57
CA LEU A 205 8.24 -9.90 -1.76
C LEU A 205 7.28 -8.94 -2.48
N PHE A 206 7.34 -7.67 -2.11
CA PHE A 206 6.40 -6.63 -2.52
C PHE A 206 6.33 -6.35 -4.04
N ARG A 207 5.11 -6.44 -4.58
CA ARG A 207 4.78 -6.15 -6.00
C ARG A 207 3.25 -6.08 -6.26
N LYS A 208 2.50 -7.04 -5.69
CA LYS A 208 1.07 -7.13 -5.93
C LYS A 208 0.25 -6.22 -5.03
N ILE A 209 -1.06 -6.45 -5.01
CA ILE A 209 -1.95 -5.81 -4.06
C ILE A 209 -2.05 -6.74 -2.84
N GLY A 210 -2.03 -8.04 -3.09
CA GLY A 210 -1.94 -9.03 -2.03
C GLY A 210 -0.84 -8.66 -1.06
N ASP A 211 0.25 -8.17 -1.63
CA ASP A 211 1.46 -7.83 -0.90
C ASP A 211 1.37 -6.47 -0.25
N PHE A 212 0.73 -5.50 -0.91
CA PHE A 212 0.53 -4.21 -0.25
C PHE A 212 -0.30 -4.34 1.03
N ARG A 213 -1.44 -5.04 0.92
CA ARG A 213 -2.34 -5.21 2.05
C ARG A 213 -1.69 -5.99 3.18
N ALA A 214 -1.02 -7.08 2.81
CA ALA A 214 -0.33 -7.94 3.77
C ALA A 214 0.69 -7.15 4.61
N LEU A 215 1.57 -6.41 3.94
CA LEU A 215 2.52 -5.57 4.65
C LEU A 215 1.80 -4.60 5.57
N GLU A 216 1.05 -3.67 4.99
CA GLU A 216 0.31 -2.66 5.77
C GLU A 216 -0.41 -3.28 6.96
N LYS A 217 -0.90 -4.51 6.79
CA LYS A 217 -1.51 -5.22 7.91
C LYS A 217 -0.44 -5.46 8.97
N ILE A 218 0.65 -6.13 8.60
CA ILE A 218 1.71 -6.43 9.54
C ILE A 218 2.19 -5.17 10.30
N SER A 219 2.33 -4.04 9.60
CA SER A 219 2.80 -2.79 10.23
C SER A 219 1.91 -2.24 11.36
N ARG A 220 0.66 -2.70 11.41
CA ARG A 220 -0.23 -2.38 12.51
C ARG A 220 -0.21 -3.48 13.56
N GLU A 221 0.72 -4.42 13.42
CA GLU A 221 0.80 -5.60 14.31
C GLU A 221 2.11 -5.73 15.07
N VAL A 222 3.23 -5.64 14.37
CA VAL A 222 4.56 -5.89 14.96
C VAL A 222 5.30 -4.63 15.43
N LYS A 223 6.48 -4.83 16.03
CA LYS A 223 7.27 -3.74 16.60
C LYS A 223 8.43 -3.30 15.71
N SER A 224 8.82 -4.14 14.76
CA SER A 224 9.99 -3.86 13.94
C SER A 224 9.97 -4.56 12.58
N ILE A 225 9.84 -3.77 11.53
CA ILE A 225 9.94 -4.23 10.14
C ILE A 225 11.26 -3.80 9.54
N THR A 226 12.04 -4.80 9.10
CA THR A 226 13.24 -4.57 8.32
C THR A 226 12.98 -4.69 6.80
N VAL A 227 13.64 -3.81 6.05
CA VAL A 227 13.52 -3.77 4.59
C VAL A 227 14.89 -3.91 3.96
N ILE A 228 15.01 -4.93 3.10
CA ILE A 228 16.24 -5.23 2.38
C ILE A 228 16.16 -4.70 0.96
N GLY A 229 17.15 -3.90 0.58
CA GLY A 229 17.21 -3.35 -0.75
C GLY A 229 17.39 -1.87 -0.68
N GLY A 230 18.38 -1.38 -1.43
CA GLY A 230 18.67 0.04 -1.53
C GLY A 230 18.07 0.68 -2.79
N GLY A 231 17.22 -0.08 -3.49
CA GLY A 231 16.52 0.42 -4.67
C GLY A 231 15.55 1.56 -4.38
N PHE A 232 14.93 2.07 -5.44
CA PHE A 232 13.91 3.07 -5.31
C PHE A 232 12.72 2.49 -4.59
N LEU A 233 12.29 1.31 -5.01
CA LEU A 233 11.24 0.57 -4.32
C LEU A 233 11.57 0.50 -2.83
N GLY A 234 12.62 -0.28 -2.53
CA GLY A 234 13.18 -0.35 -1.18
C GLY A 234 13.03 0.96 -0.43
N SER A 235 13.41 2.06 -1.05
CA SER A 235 13.48 3.33 -0.36
C SER A 235 12.10 3.91 -0.20
N GLU A 236 11.33 3.77 -1.21
CA GLU A 236 9.96 4.27 -1.15
C GLU A 236 9.24 3.53 -0.04
N LEU A 237 9.36 2.22 -0.07
CA LEU A 237 8.84 1.40 1.00
C LEU A 237 9.26 1.92 2.35
N ALA A 238 10.56 2.04 2.53
CA ALA A 238 11.15 2.35 3.81
C ALA A 238 10.61 3.66 4.34
N CYS A 239 10.41 4.66 3.46
CA CYS A 239 9.76 5.91 3.86
C CYS A 239 8.29 5.69 4.18
N ALA A 240 7.64 4.89 3.34
CA ALA A 240 6.23 4.63 3.54
C ALA A 240 6.05 4.06 4.94
N LEU A 241 6.93 3.12 5.31
CA LEU A 241 6.92 2.58 6.67
C LEU A 241 7.35 3.61 7.70
N GLY A 242 8.36 4.40 7.34
CA GLY A 242 8.93 5.42 8.22
C GLY A 242 7.91 6.40 8.76
N ARG A 243 7.02 6.86 7.89
CA ARG A 243 5.91 7.70 8.30
C ARG A 243 5.00 6.99 9.30
N LYS A 244 4.43 5.85 8.92
CA LYS A 244 3.57 5.07 9.83
C LYS A 244 4.23 4.88 11.18
N SER A 245 5.56 4.83 11.16
CA SER A 245 6.36 4.70 12.36
C SER A 245 6.21 5.91 13.27
N GLN A 246 6.29 7.11 12.68
CA GLN A 246 6.04 8.37 13.40
C GLN A 246 4.67 8.40 14.08
N ALA A 247 3.89 7.33 13.91
CA ALA A 247 2.52 7.29 14.40
C ALA A 247 2.25 6.14 15.36
N SER A 248 2.97 5.03 15.19
CA SER A 248 2.83 3.86 16.07
C SER A 248 4.05 3.63 16.97
N GLY A 249 5.20 4.14 16.56
CA GLY A 249 6.45 3.95 17.29
C GLY A 249 7.28 2.82 16.72
N ILE A 250 6.67 2.04 15.82
CA ILE A 250 7.35 0.92 15.18
C ILE A 250 8.77 1.29 14.69
N GLU A 251 9.66 0.30 14.68
CA GLU A 251 11.02 0.46 14.20
C GLU A 251 11.11 0.14 12.70
N VAL A 252 11.71 1.03 11.92
CA VAL A 252 11.92 0.76 10.49
C VAL A 252 13.40 0.76 10.23
N ILE A 253 13.94 -0.42 9.92
CA ILE A 253 15.35 -0.56 9.54
C ILE A 253 15.40 -0.80 8.05
N GLN A 254 16.35 -0.15 7.37
CA GLN A 254 16.60 -0.44 5.97
C GLN A 254 18.07 -0.77 5.81
N LEU A 255 18.39 -1.93 5.23
CA LEU A 255 19.79 -2.32 5.04
C LEU A 255 20.08 -2.82 3.62
N PHE A 256 21.31 -2.59 3.14
CA PHE A 256 21.67 -2.88 1.74
C PHE A 256 23.16 -2.79 1.46
N PRO A 257 23.65 -3.60 0.51
CA PRO A 257 25.10 -3.68 0.27
C PRO A 257 25.76 -2.39 -0.16
N GLU A 258 25.00 -1.48 -0.78
CA GLU A 258 25.54 -0.22 -1.30
C GLU A 258 25.93 0.75 -0.19
N LYS A 259 26.91 1.62 -0.46
CA LYS A 259 27.34 2.64 0.52
C LYS A 259 26.22 3.65 0.80
N GLY A 260 25.18 3.61 -0.03
CA GLY A 260 24.03 4.49 0.16
C GLY A 260 22.83 4.15 -0.69
N ASN A 261 21.69 4.72 -0.32
CA ASN A 261 20.44 4.56 -1.08
C ASN A 261 20.67 4.84 -2.57
N MET A 262 20.08 4.01 -3.42
CA MET A 262 20.23 4.15 -4.86
C MET A 262 21.69 4.47 -5.26
N GLY A 263 22.62 3.75 -4.65
CA GLY A 263 24.05 3.98 -4.89
C GLY A 263 24.46 3.49 -6.27
N LYS A 264 23.73 2.50 -6.77
CA LYS A 264 24.06 1.98 -8.08
C LYS A 264 23.63 2.94 -9.19
N ILE A 265 22.91 3.99 -8.82
CA ILE A 265 22.40 4.88 -9.84
C ILE A 265 22.93 6.28 -9.62
N LEU A 266 22.64 6.85 -8.46
CA LEU A 266 22.97 8.24 -8.21
C LEU A 266 24.42 8.35 -7.85
N PRO A 267 24.99 9.54 -8.06
CA PRO A 267 26.34 9.79 -7.60
C PRO A 267 26.36 9.81 -6.08
N GLN A 268 27.52 9.51 -5.50
CA GLN A 268 27.68 9.47 -4.03
C GLN A 268 26.97 10.62 -3.31
N TYR A 269 27.33 11.86 -3.64
CA TYR A 269 26.78 13.03 -2.95
C TYR A 269 25.24 13.18 -2.92
N LEU A 270 24.55 12.66 -3.91
CA LEU A 270 23.09 12.74 -3.92
C LEU A 270 22.48 11.48 -3.31
N SER A 271 23.19 10.36 -3.44
CA SER A 271 22.79 9.13 -2.79
C SER A 271 22.88 9.33 -1.28
N ASN A 272 23.97 9.97 -0.86
CA ASN A 272 24.22 10.21 0.54
C ASN A 272 23.17 11.16 1.10
N TRP A 273 22.86 12.23 0.39
CA TRP A 273 21.80 13.15 0.78
C TRP A 273 20.48 12.38 0.94
N THR A 274 20.29 11.37 0.10
CA THR A 274 19.06 10.63 0.11
C THR A 274 18.97 9.77 1.36
N MET A 275 20.12 9.27 1.81
CA MET A 275 20.15 8.47 3.03
C MET A 275 19.64 9.29 4.21
N GLU A 276 20.06 10.54 4.28
CA GLU A 276 19.61 11.45 5.32
C GLU A 276 18.09 11.64 5.37
N LYS A 277 17.47 11.82 4.21
CA LYS A 277 16.03 11.97 4.14
C LYS A 277 15.34 10.71 4.61
N VAL A 278 15.88 9.54 4.23
CA VAL A 278 15.32 8.28 4.67
C VAL A 278 15.41 8.24 6.19
N LYS A 279 16.60 8.57 6.69
CA LYS A 279 16.84 8.61 8.14
C LYS A 279 15.88 9.55 8.84
N ARG A 280 15.77 10.79 8.35
CA ARG A 280 14.87 11.78 8.95
C ARG A 280 13.40 11.35 9.03
N GLU A 281 12.93 10.62 8.02
CA GLU A 281 11.55 10.09 8.03
C GLU A 281 11.36 9.01 9.10
N GLY A 282 12.37 8.85 9.96
CA GLY A 282 12.32 7.92 11.08
C GLY A 282 12.92 6.54 10.81
N VAL A 283 13.98 6.49 10.00
CA VAL A 283 14.48 5.19 9.56
C VAL A 283 15.95 4.96 9.91
N LYS A 284 16.16 3.93 10.73
CA LYS A 284 17.48 3.43 11.09
C LYS A 284 18.02 2.66 9.87
N VAL A 285 18.92 3.31 9.15
CA VAL A 285 19.39 2.86 7.85
C VAL A 285 20.82 2.34 7.90
N MET A 286 21.06 1.14 7.35
CA MET A 286 22.34 0.45 7.51
C MET A 286 22.99 0.11 6.18
N PRO A 287 23.88 0.98 5.70
CA PRO A 287 24.60 0.70 4.46
C PRO A 287 25.69 -0.36 4.62
N ASN A 288 26.35 -0.69 3.52
CA ASN A 288 27.39 -1.74 3.48
C ASN A 288 26.98 -3.01 4.20
N ALA A 289 25.70 -3.33 4.08
CA ALA A 289 25.14 -4.49 4.74
C ALA A 289 24.99 -5.62 3.73
N ILE A 290 25.57 -6.76 4.04
CA ILE A 290 25.44 -7.93 3.21
C ILE A 290 25.05 -9.11 4.08
N VAL A 291 23.82 -9.60 3.88
CA VAL A 291 23.25 -10.71 4.65
C VAL A 291 24.07 -12.00 4.49
N GLN A 292 24.22 -12.72 5.61
CA GLN A 292 24.90 -14.01 5.63
C GLN A 292 23.92 -15.16 5.87
N SER A 293 23.07 -15.00 6.89
CA SER A 293 22.04 -15.98 7.23
C SER A 293 20.84 -15.28 7.88
N VAL A 294 19.68 -15.93 7.82
CA VAL A 294 18.48 -15.49 8.55
C VAL A 294 17.89 -16.66 9.34
N GLY A 295 17.97 -16.56 10.66
CA GLY A 295 17.43 -17.58 11.54
C GLY A 295 16.34 -17.03 12.44
N VAL A 296 15.83 -17.89 13.33
CA VAL A 296 14.78 -17.52 14.27
C VAL A 296 15.28 -17.81 15.69
N SER A 297 15.41 -16.77 16.51
CA SER A 297 15.71 -16.94 17.93
C SER A 297 14.93 -15.90 18.73
N GLY A 298 14.63 -16.24 19.98
CA GLY A 298 13.78 -15.40 20.84
C GLY A 298 12.43 -15.09 20.18
N GLY A 299 11.92 -16.05 19.40
CA GLY A 299 10.67 -15.88 18.67
C GLY A 299 10.73 -14.89 17.53
N ARG A 300 11.79 -14.08 17.50
CA ARG A 300 12.00 -13.06 16.47
C ARG A 300 12.89 -13.54 15.33
N LEU A 301 13.05 -12.68 14.31
CA LEU A 301 13.91 -12.94 13.15
C LEU A 301 15.29 -12.31 13.34
N LEU A 302 16.33 -13.12 13.21
CA LEU A 302 17.69 -12.66 13.39
C LEU A 302 18.36 -12.54 12.04
N ILE A 303 18.88 -11.35 11.74
CA ILE A 303 19.65 -11.17 10.51
C ILE A 303 21.14 -11.03 10.82
N LYS A 304 21.92 -12.01 10.39
CA LYS A 304 23.36 -11.96 10.51
C LYS A 304 24.01 -11.38 9.24
N LEU A 305 24.98 -10.47 9.42
CA LEU A 305 25.66 -9.78 8.32
C LEU A 305 27.07 -10.31 8.11
N LYS A 306 27.53 -10.26 6.86
CA LYS A 306 28.87 -10.72 6.50
C LYS A 306 29.99 -10.02 7.27
N ASP A 307 29.74 -8.80 7.74
CA ASP A 307 30.74 -8.01 8.46
C ASP A 307 30.60 -8.11 9.97
N GLY A 308 29.75 -9.02 10.44
CA GLY A 308 29.62 -9.30 11.87
C GLY A 308 28.39 -8.76 12.58
N ARG A 309 27.91 -7.60 12.16
CA ARG A 309 26.72 -6.95 12.74
C ARG A 309 25.49 -7.87 12.80
N LYS A 310 24.59 -7.62 13.74
CA LYS A 310 23.35 -8.39 13.80
C LYS A 310 22.11 -7.59 14.14
N VAL A 311 21.18 -7.63 13.20
CA VAL A 311 19.93 -6.93 13.27
C VAL A 311 18.88 -7.93 13.71
N GLU A 312 18.10 -7.54 14.72
CA GLU A 312 17.03 -8.35 15.24
C GLU A 312 15.68 -7.69 14.94
N THR A 313 14.75 -8.43 14.31
CA THR A 313 13.50 -7.84 13.79
C THR A 313 12.29 -8.79 13.76
N ASP A 314 11.12 -8.24 13.40
CA ASP A 314 9.87 -8.99 13.37
C ASP A 314 9.48 -9.45 11.97
N HIS A 315 9.77 -8.63 10.97
CA HIS A 315 9.37 -8.91 9.61
C HIS A 315 10.35 -8.36 8.59
N ILE A 316 10.56 -9.14 7.52
CA ILE A 316 11.41 -8.73 6.41
C ILE A 316 10.62 -8.56 5.12
N VAL A 317 10.76 -7.39 4.51
CA VAL A 317 10.21 -7.15 3.18
C VAL A 317 11.39 -6.86 2.29
N THR A 318 11.54 -7.66 1.23
CA THR A 318 12.77 -7.61 0.43
C THR A 318 12.49 -7.04 -0.94
N ALA A 319 13.23 -6.00 -1.31
CA ALA A 319 13.03 -5.31 -2.55
C ALA A 319 14.36 -5.16 -3.27
N VAL A 320 14.85 -6.26 -3.83
CA VAL A 320 16.21 -6.32 -4.38
C VAL A 320 16.31 -6.83 -5.82
N GLY A 321 15.35 -6.43 -6.64
CA GLY A 321 15.41 -6.76 -8.05
C GLY A 321 14.18 -7.48 -8.57
N LEU A 322 14.08 -7.50 -9.89
CA LEU A 322 13.04 -8.23 -10.59
C LEU A 322 13.71 -9.24 -11.51
N GLU A 323 13.15 -10.44 -11.58
CA GLU A 323 13.54 -11.45 -12.55
C GLU A 323 12.34 -11.65 -13.48
N PRO A 324 12.57 -11.53 -14.81
CA PRO A 324 11.53 -11.50 -15.83
C PRO A 324 10.90 -12.88 -16.11
N ASN A 325 9.57 -12.92 -16.12
CA ASN A 325 8.84 -14.18 -16.25
C ASN A 325 8.92 -14.80 -17.63
N VAL A 326 9.79 -15.78 -17.78
CA VAL A 326 10.02 -16.37 -19.08
C VAL A 326 9.73 -17.86 -19.09
N GLU A 327 8.91 -18.31 -18.13
CA GLU A 327 8.53 -19.72 -18.03
C GLU A 327 7.86 -20.25 -19.30
N LEU A 328 7.24 -19.35 -20.06
CA LEU A 328 6.56 -19.68 -21.31
C LEU A 328 7.50 -19.96 -22.48
N ALA A 329 8.74 -19.50 -22.38
CA ALA A 329 9.67 -19.59 -23.48
C ALA A 329 10.15 -21.02 -23.77
N LYS A 330 10.10 -21.90 -22.76
CA LYS A 330 10.65 -23.25 -22.91
C LYS A 330 9.77 -24.14 -23.78
N THR A 331 8.47 -24.11 -23.52
CA THR A 331 7.48 -24.91 -24.26
C THR A 331 7.30 -24.44 -25.70
N GLY A 332 7.13 -23.12 -25.86
CA GLY A 332 6.92 -22.50 -27.17
C GLY A 332 8.16 -22.42 -28.03
N GLY A 333 9.29 -22.05 -27.42
CA GLY A 333 10.60 -22.03 -28.07
C GLY A 333 11.01 -20.69 -28.66
N LEU A 334 10.88 -19.62 -27.88
CA LEU A 334 11.37 -18.30 -28.27
C LEU A 334 12.69 -17.99 -27.58
N GLU A 335 13.46 -17.09 -28.17
CA GLU A 335 14.72 -16.63 -27.59
C GLU A 335 14.58 -15.70 -26.35
N ILE A 336 15.36 -16.00 -25.31
CA ILE A 336 15.55 -15.11 -24.17
C ILE A 336 16.93 -14.49 -24.26
N ASP A 337 17.14 -13.40 -23.53
CA ASP A 337 18.45 -12.72 -23.54
C ASP A 337 19.23 -12.99 -22.27
N SER A 338 20.36 -13.69 -22.40
CA SER A 338 21.18 -14.02 -21.24
C SER A 338 21.95 -12.82 -20.68
N ASP A 339 22.04 -11.75 -21.47
CA ASP A 339 22.65 -10.52 -21.00
C ASP A 339 21.64 -9.68 -20.22
N PHE A 340 20.50 -9.37 -20.85
CA PHE A 340 19.53 -8.49 -20.22
C PHE A 340 18.34 -9.22 -19.63
N GLY A 341 18.15 -10.48 -20.00
CA GLY A 341 17.01 -11.25 -19.51
C GLY A 341 15.75 -10.92 -20.31
N GLY A 342 14.83 -11.87 -20.35
CA GLY A 342 13.58 -11.68 -21.07
C GLY A 342 13.65 -12.02 -22.54
N PHE A 343 12.48 -12.09 -23.15
CA PHE A 343 12.29 -12.48 -24.54
C PHE A 343 12.93 -11.53 -25.56
N ARG A 344 13.76 -12.09 -26.45
CA ARG A 344 14.34 -11.30 -27.55
C ARG A 344 13.32 -11.00 -28.65
N VAL A 345 12.93 -9.73 -28.76
CA VAL A 345 12.04 -9.25 -29.82
C VAL A 345 12.81 -8.29 -30.77
N ASN A 346 12.26 -7.90 -31.91
CA ASN A 346 12.86 -6.82 -32.71
C ASN A 346 12.33 -5.41 -32.36
N ALA A 347 12.66 -4.42 -33.18
CA ALA A 347 12.23 -3.05 -32.90
C ALA A 347 10.72 -2.89 -32.93
N GLU A 348 10.06 -3.78 -33.65
CA GLU A 348 8.59 -3.79 -33.71
C GLU A 348 8.03 -4.62 -32.56
N LEU A 349 8.83 -4.76 -31.50
CA LEU A 349 8.52 -5.64 -30.38
C LEU A 349 7.93 -6.95 -30.84
N GLN A 350 8.64 -7.68 -31.70
CA GLN A 350 8.08 -8.90 -32.23
C GLN A 350 9.07 -10.06 -32.12
N ALA A 351 8.57 -11.18 -31.61
CA ALA A 351 9.37 -12.35 -31.31
C ALA A 351 9.34 -13.40 -32.45
N ARG A 352 8.14 -13.86 -32.79
CA ARG A 352 7.90 -14.60 -34.03
C ARG A 352 6.52 -14.23 -34.56
N SER A 353 6.24 -14.59 -35.81
CA SER A 353 4.96 -14.29 -36.45
C SER A 353 3.79 -14.59 -35.51
N ASN A 354 2.91 -13.60 -35.35
CA ASN A 354 1.77 -13.69 -34.42
C ASN A 354 2.15 -13.88 -32.93
N ILE A 355 3.29 -13.31 -32.54
CA ILE A 355 3.74 -13.29 -31.15
C ILE A 355 4.53 -12.02 -30.96
N TRP A 356 4.02 -11.13 -30.14
CA TRP A 356 4.78 -9.95 -29.76
C TRP A 356 4.96 -10.01 -28.25
N VAL A 357 6.03 -9.40 -27.75
CA VAL A 357 6.24 -9.28 -26.31
C VAL A 357 6.42 -7.81 -25.90
N ALA A 358 6.00 -7.46 -24.69
CA ALA A 358 6.05 -6.05 -24.21
C ALA A 358 6.15 -5.90 -22.68
N GLY A 359 6.68 -4.77 -22.22
CA GLY A 359 6.81 -4.47 -20.79
C GLY A 359 8.14 -4.89 -20.18
N ASP A 360 8.06 -5.41 -18.94
CA ASP A 360 9.26 -5.83 -18.19
C ASP A 360 9.89 -7.09 -18.70
N ALA A 361 9.20 -7.85 -19.54
CA ALA A 361 9.77 -9.11 -20.05
C ALA A 361 10.37 -8.92 -21.45
N ALA A 362 10.37 -7.67 -21.89
CA ALA A 362 10.66 -7.36 -23.29
C ALA A 362 12.11 -6.97 -23.58
N CYS A 363 12.93 -7.95 -23.97
CA CYS A 363 14.25 -7.61 -24.48
C CYS A 363 14.19 -7.21 -25.97
N PHE A 364 14.06 -5.89 -26.19
CA PHE A 364 13.87 -5.31 -27.53
C PHE A 364 15.11 -4.62 -28.12
N TYR A 365 15.15 -4.47 -29.44
CA TYR A 365 16.19 -3.67 -30.04
C TYR A 365 15.76 -2.24 -29.99
N ASP A 366 16.72 -1.34 -29.80
CA ASP A 366 16.45 0.09 -29.86
C ASP A 366 17.56 0.80 -30.61
N ILE A 367 17.28 1.15 -31.87
CA ILE A 367 18.25 1.85 -32.74
C ILE A 367 19.07 2.93 -32.00
N LYS A 368 18.46 4.04 -31.61
CA LYS A 368 19.20 5.11 -30.92
C LYS A 368 19.67 4.70 -29.52
N LEU A 369 20.28 3.51 -29.42
CA LEU A 369 20.76 2.95 -28.16
C LEU A 369 21.28 1.49 -28.22
N GLY A 370 20.64 0.65 -29.03
CA GLY A 370 20.99 -0.77 -29.08
C GLY A 370 20.01 -1.67 -28.34
N ARG A 371 20.34 -2.97 -28.27
CA ARG A 371 19.54 -3.97 -27.57
C ARG A 371 19.36 -3.66 -26.09
N ARG A 372 18.12 -3.76 -25.60
CA ARG A 372 17.79 -3.36 -24.22
C ARG A 372 16.72 -4.21 -23.54
N ARG A 373 16.52 -3.95 -22.25
CA ARG A 373 15.34 -4.37 -21.51
C ARG A 373 15.18 -3.40 -20.36
N VAL A 374 14.06 -2.68 -20.32
CA VAL A 374 13.80 -1.70 -19.25
C VAL A 374 12.57 -2.06 -18.40
N GLU A 375 12.47 -1.44 -17.23
CA GLU A 375 11.40 -1.72 -16.29
C GLU A 375 10.71 -0.42 -15.92
N HIS A 376 10.28 0.35 -16.89
CA HIS A 376 9.51 1.53 -16.54
C HIS A 376 8.01 1.25 -16.68
N HIS A 377 7.20 2.05 -15.98
CA HIS A 377 5.75 2.02 -16.08
C HIS A 377 5.39 2.72 -17.39
N ASP A 378 6.01 3.89 -17.59
CA ASP A 378 5.94 4.62 -18.86
C ASP A 378 6.24 3.68 -20.01
N HIS A 379 7.35 2.95 -19.93
CA HIS A 379 7.71 1.96 -20.93
C HIS A 379 6.62 0.93 -21.12
N ALA A 380 6.09 0.40 -20.02
CA ALA A 380 5.04 -0.58 -20.14
C ALA A 380 3.77 0.01 -20.83
N VAL A 381 3.39 1.24 -20.49
CA VAL A 381 2.29 1.88 -21.21
C VAL A 381 2.62 1.93 -22.69
N VAL A 382 3.72 2.59 -23.04
CA VAL A 382 4.06 2.76 -24.45
C VAL A 382 4.24 1.43 -25.19
N SER A 383 5.22 0.62 -24.82
CA SER A 383 5.46 -0.62 -25.57
C SER A 383 4.20 -1.43 -25.74
N GLY A 384 3.39 -1.51 -24.69
CA GLY A 384 2.10 -2.19 -24.75
C GLY A 384 1.27 -1.65 -25.89
N ARG A 385 0.97 -0.36 -25.84
CA ARG A 385 0.33 0.38 -26.92
C ARG A 385 0.92 -0.02 -28.28
N LEU A 386 2.12 0.46 -28.57
CA LEU A 386 2.90 -0.07 -29.69
C LEU A 386 2.70 -1.57 -29.97
N ALA A 387 2.70 -2.38 -28.92
CA ALA A 387 2.48 -3.81 -29.03
C ALA A 387 1.16 -4.16 -29.69
N GLY A 388 0.12 -3.34 -29.42
CA GLY A 388 -1.22 -3.57 -29.96
C GLY A 388 -1.36 -2.93 -31.33
N GLU A 389 -0.51 -1.94 -31.56
CA GLU A 389 -0.53 -1.17 -32.79
C GLU A 389 0.00 -2.07 -33.86
N ASN A 390 1.13 -2.69 -33.56
CA ASN A 390 1.76 -3.65 -34.46
C ASN A 390 0.91 -4.87 -34.72
N MET A 391 0.19 -5.33 -33.70
CA MET A 391 -0.65 -6.52 -33.86
C MET A 391 -1.66 -6.34 -34.97
N THR A 392 -2.30 -5.17 -35.03
CA THR A 392 -3.18 -4.77 -36.13
C THR A 392 -2.38 -4.10 -37.25
N GLY A 393 -1.51 -4.89 -37.87
CA GLY A 393 -0.73 -4.51 -39.04
C GLY A 393 -0.18 -3.10 -39.15
N ALA A 394 0.47 -2.60 -38.11
CA ALA A 394 1.03 -1.25 -38.18
C ALA A 394 2.55 -1.22 -38.34
N ALA A 395 3.15 -2.41 -38.31
CA ALA A 395 4.55 -2.65 -38.70
C ALA A 395 5.54 -1.53 -38.29
N LYS A 396 5.33 -0.95 -37.12
CA LYS A 396 6.03 0.27 -36.74
C LYS A 396 7.18 -0.04 -35.77
N PRO A 397 8.30 0.71 -35.88
CA PRO A 397 9.41 0.75 -34.90
C PRO A 397 9.02 1.19 -33.50
N TYR A 398 9.96 1.06 -32.56
CA TYR A 398 9.87 1.66 -31.23
C TYR A 398 10.80 2.85 -31.14
N TRP A 399 10.27 4.04 -30.84
CA TRP A 399 11.07 5.27 -30.85
C TRP A 399 11.12 6.07 -29.52
N HIS A 400 10.19 5.73 -28.63
CA HIS A 400 10.07 6.37 -27.32
C HIS A 400 11.35 6.39 -26.51
N GLN A 401 11.51 7.39 -25.68
CA GLN A 401 12.54 7.34 -24.65
C GLN A 401 11.85 7.16 -23.33
N SER A 402 11.84 5.92 -22.86
CA SER A 402 11.09 5.56 -21.66
C SER A 402 11.61 6.31 -20.45
N MET A 403 10.70 6.72 -19.57
CA MET A 403 11.10 7.49 -18.41
C MET A 403 10.69 6.84 -17.09
N PHE A 404 11.58 6.97 -16.11
CA PHE A 404 11.35 6.50 -14.75
C PHE A 404 11.11 7.63 -13.77
N TRP A 405 10.39 7.33 -12.70
CA TRP A 405 10.27 8.30 -11.67
C TRP A 405 10.07 7.66 -10.30
N SER A 406 10.52 8.38 -9.28
CA SER A 406 10.31 7.98 -7.91
C SER A 406 9.92 9.15 -7.01
N ASP A 407 8.99 8.89 -6.10
CA ASP A 407 8.60 9.83 -5.08
C ASP A 407 9.07 9.19 -3.81
N LEU A 408 9.76 9.96 -2.99
CA LEU A 408 9.87 9.65 -1.59
C LEU A 408 9.01 10.72 -0.95
N GLY A 409 7.78 10.38 -0.59
CA GLY A 409 6.85 11.33 0.03
C GLY A 409 6.48 12.50 -0.89
N PRO A 410 5.64 13.42 -0.40
CA PRO A 410 5.19 14.47 -1.29
C PRO A 410 6.25 15.52 -1.49
N ASP A 411 7.37 15.35 -0.78
CA ASP A 411 8.34 16.43 -0.62
C ASP A 411 9.60 16.33 -1.46
N VAL A 412 9.78 15.20 -2.16
CA VAL A 412 11.04 14.90 -2.85
C VAL A 412 10.72 13.96 -3.98
N GLY A 413 11.19 14.26 -5.19
CA GLY A 413 10.98 13.40 -6.33
C GLY A 413 12.14 13.34 -7.30
N TYR A 414 12.39 12.16 -7.85
CA TYR A 414 13.44 11.98 -8.84
C TYR A 414 12.85 11.50 -10.15
N GLU A 415 13.21 12.17 -11.23
CA GLU A 415 12.95 11.66 -12.58
C GLU A 415 14.27 11.18 -13.15
N ALA A 416 14.20 10.20 -14.04
CA ALA A 416 15.38 9.71 -14.72
C ALA A 416 15.01 9.18 -16.08
N ILE A 417 15.99 9.11 -16.97
CA ILE A 417 15.74 8.72 -18.35
C ILE A 417 17.07 8.47 -19.01
N GLY A 418 17.10 7.53 -19.94
CA GLY A 418 18.33 7.24 -20.68
C GLY A 418 19.15 6.16 -20.02
N LEU A 419 20.44 6.40 -19.86
CA LEU A 419 21.26 5.44 -19.16
C LEU A 419 21.99 5.99 -17.96
N VAL A 420 21.57 5.51 -16.79
CA VAL A 420 22.02 6.05 -15.54
C VAL A 420 22.70 4.95 -14.72
N ASP A 421 23.96 5.20 -14.40
CA ASP A 421 24.76 4.32 -13.60
C ASP A 421 25.72 5.21 -12.87
N SER A 422 25.99 4.88 -11.62
CA SER A 422 26.88 5.70 -10.79
C SER A 422 28.29 5.74 -11.36
N SER A 423 28.76 4.60 -11.88
CA SER A 423 30.15 4.45 -12.34
C SER A 423 30.56 5.26 -13.59
N LEU A 424 29.59 5.81 -14.30
CA LEU A 424 29.88 6.64 -15.46
C LEU A 424 30.20 8.08 -15.05
N PRO A 425 30.98 8.80 -15.88
CA PRO A 425 31.33 10.21 -15.63
C PRO A 425 30.08 11.08 -15.48
N THR A 426 30.13 11.99 -14.51
CA THR A 426 28.94 12.64 -14.00
C THR A 426 29.13 14.15 -13.94
N VAL A 427 28.11 14.88 -14.36
CA VAL A 427 28.05 16.31 -14.06
C VAL A 427 26.70 16.60 -13.46
N GLY A 428 26.71 17.40 -12.40
CA GLY A 428 25.49 17.76 -11.68
C GLY A 428 25.49 19.22 -11.31
N VAL A 429 24.44 19.93 -11.75
CA VAL A 429 24.26 21.34 -11.39
C VAL A 429 23.09 21.45 -10.43
N PHE A 430 23.24 22.31 -9.42
CA PHE A 430 22.33 22.33 -8.27
C PHE A 430 21.95 23.74 -7.82
N ALA A 431 20.72 23.89 -7.35
CA ALA A 431 20.26 25.15 -6.75
C ALA A 431 19.25 24.92 -5.63
N LYS A 432 18.95 25.99 -4.91
CA LYS A 432 17.93 25.99 -3.87
C LYS A 432 16.59 25.89 -4.56
N ALA A 433 15.78 24.95 -4.08
CA ALA A 433 14.46 24.69 -4.64
C ALA A 433 13.40 25.73 -4.23
N THR A 434 12.46 25.98 -5.14
CA THR A 434 11.33 26.87 -4.87
C THR A 434 10.10 26.05 -4.43
N ALA A 435 9.09 26.75 -3.92
CA ALA A 435 7.85 26.12 -3.49
C ALA A 435 7.29 25.08 -4.49
N GLN A 436 7.56 25.25 -5.79
CA GLN A 436 7.09 24.32 -6.84
C GLN A 436 7.89 23.04 -6.99
N ASP A 437 9.09 23.00 -6.44
CA ASP A 437 10.06 21.97 -6.80
C ASP A 437 9.98 20.72 -5.92
N ASN A 438 8.96 19.92 -6.22
CA ASN A 438 8.50 18.79 -5.41
C ASN A 438 7.25 18.26 -6.09
N PRO A 439 6.95 16.96 -5.90
CA PRO A 439 5.75 16.34 -6.52
C PRO A 439 4.38 16.89 -6.09
N LYS A 440 4.26 17.40 -4.87
CA LYS A 440 2.99 18.02 -4.44
C LYS A 440 2.54 19.09 -5.43
N SER A 441 3.45 20.01 -5.77
CA SER A 441 3.12 21.06 -6.73
C SER A 441 2.88 20.43 -8.09
N ALA A 442 3.78 19.52 -8.48
CA ALA A 442 3.76 18.91 -9.81
C ALA A 442 2.45 18.18 -10.03
N THR A 443 1.87 17.71 -8.93
CA THR A 443 0.58 17.05 -8.97
C THR A 443 -0.55 18.08 -9.03
N GLU A 444 -0.53 19.08 -8.13
CA GLU A 444 -1.53 20.18 -8.12
C GLU A 444 -1.66 20.85 -9.48
N GLN A 445 -0.53 20.97 -10.20
CA GLN A 445 -0.49 21.52 -11.55
C GLN A 445 -1.09 20.54 -12.55
N SER A 446 -0.28 19.59 -13.00
CA SER A 446 -0.66 18.62 -14.03
C SER A 446 -2.01 17.95 -13.78
N GLY A 447 -2.32 17.77 -12.49
CA GLY A 447 -3.58 17.17 -12.07
C GLY A 447 -3.46 15.68 -11.78
N THR A 448 -2.26 15.13 -11.96
CA THR A 448 -2.08 13.70 -11.85
C THR A 448 -0.91 13.31 -10.95
N GLY A 449 -0.90 12.06 -10.51
CA GLY A 449 0.17 11.56 -9.67
C GLY A 449 1.11 10.66 -10.43
N ILE A 450 0.67 10.20 -11.61
CA ILE A 450 1.52 9.32 -12.44
C ILE A 450 2.37 10.20 -13.37
N ARG A 451 3.63 10.38 -13.00
CA ARG A 451 4.44 11.47 -13.55
C ARG A 451 4.69 11.39 -15.05
N SER A 452 4.73 10.18 -15.59
CA SER A 452 4.85 9.99 -17.03
C SER A 452 3.64 10.57 -17.78
N GLU A 453 2.63 11.00 -17.03
CA GLU A 453 1.46 11.63 -17.63
C GLU A 453 1.66 13.14 -17.66
N SER A 454 2.15 13.70 -16.54
CA SER A 454 2.41 15.13 -16.43
C SER A 454 3.44 15.61 -17.46
N GLU A 455 4.45 14.79 -17.60
CA GLU A 455 5.57 15.10 -18.52
C GLU A 455 5.30 14.71 -20.01
N THR A 456 4.15 14.08 -20.34
CA THR A 456 3.90 13.56 -21.71
C THR A 456 5.07 12.72 -22.17
N GLU A 457 4.84 12.08 -23.32
CA GLU A 457 5.84 11.25 -23.90
C GLU A 457 6.46 11.93 -25.13
N SER A 458 6.25 13.24 -25.28
CA SER A 458 6.86 14.11 -26.29
C SER A 458 8.32 14.51 -25.97
N GLU A 459 8.91 15.31 -26.86
CA GLU A 459 10.35 15.48 -26.98
C GLU A 459 10.61 16.88 -27.55
N ALA A 460 10.65 17.88 -26.68
CA ALA A 460 10.71 19.29 -27.12
C ALA A 460 12.09 19.68 -27.70
N ASP A 481 21.04 24.02 2.21
CA ASP A 481 20.03 24.79 1.48
C ASP A 481 19.77 24.35 0.02
N TYR A 482 20.55 23.41 -0.50
CA TYR A 482 20.27 22.88 -1.86
C TYR A 482 19.12 21.91 -1.82
N GLY A 483 18.39 21.80 -2.94
CA GLY A 483 17.13 21.06 -2.96
C GLY A 483 16.66 20.56 -4.31
N LYS A 484 17.20 21.11 -5.39
CA LYS A 484 16.91 20.65 -6.75
C LYS A 484 18.10 20.78 -7.70
N GLY A 485 18.03 20.07 -8.82
CA GLY A 485 19.11 20.03 -9.79
C GLY A 485 18.96 18.91 -10.81
N VAL A 486 19.82 18.94 -11.81
CA VAL A 486 19.85 17.92 -12.86
C VAL A 486 21.24 17.26 -12.87
N ILE A 487 21.30 15.96 -13.14
CA ILE A 487 22.60 15.31 -13.24
C ILE A 487 22.69 14.73 -14.62
N PHE A 488 23.67 15.19 -15.38
CA PHE A 488 23.94 14.64 -16.71
C PHE A 488 24.87 13.47 -16.53
N TYR A 489 24.59 12.37 -17.20
CA TYR A 489 25.55 11.27 -17.26
C TYR A 489 26.20 11.34 -18.62
N LEU A 490 27.51 11.56 -18.64
CA LEU A 490 28.22 11.76 -19.89
C LEU A 490 28.84 10.48 -20.44
N ARG A 491 29.16 10.53 -21.73
CA ARG A 491 30.15 9.66 -22.33
C ARG A 491 30.71 10.34 -23.58
N ASP A 492 31.98 10.76 -23.47
CA ASP A 492 32.69 11.54 -24.50
C ASP A 492 32.01 12.89 -24.68
N LYS A 493 32.09 13.74 -23.65
CA LYS A 493 31.44 15.05 -23.63
C LYS A 493 30.01 15.10 -24.19
N VAL A 494 29.38 13.92 -24.35
CA VAL A 494 28.01 13.80 -24.90
C VAL A 494 27.05 13.08 -23.94
N VAL A 495 26.03 13.81 -23.49
CA VAL A 495 25.00 13.31 -22.55
C VAL A 495 24.32 12.01 -22.99
N VAL A 496 24.46 10.96 -22.18
CA VAL A 496 23.80 9.67 -22.48
C VAL A 496 22.74 9.24 -21.45
N GLY A 497 22.68 9.94 -20.33
CA GLY A 497 21.66 9.71 -19.30
C GLY A 497 21.34 10.98 -18.54
N ILE A 498 20.21 11.00 -17.85
CA ILE A 498 19.83 12.16 -17.04
C ILE A 498 18.94 11.81 -15.83
N VAL A 499 19.37 12.24 -14.65
CA VAL A 499 18.54 12.21 -13.48
C VAL A 499 18.16 13.64 -13.14
N LEU A 500 16.88 13.88 -12.93
CA LEU A 500 16.40 15.18 -12.46
C LEU A 500 15.94 15.05 -11.03
N TRP A 501 16.39 15.97 -10.19
CA TRP A 501 16.04 15.99 -8.78
C TRP A 501 15.15 17.16 -8.53
N ASN A 502 13.86 16.88 -8.33
CA ASN A 502 12.85 17.90 -8.02
C ASN A 502 12.68 18.95 -9.12
N VAL A 503 13.00 18.53 -10.36
CA VAL A 503 12.78 19.36 -11.52
C VAL A 503 11.62 18.76 -12.31
N PHE A 504 10.52 19.51 -12.41
CA PHE A 504 9.28 18.94 -12.97
C PHE A 504 8.80 19.57 -14.26
N ASN A 505 8.08 18.78 -15.05
CA ASN A 505 7.54 19.24 -16.34
C ASN A 505 8.62 19.78 -17.30
N ARG A 506 9.79 19.14 -17.24
CA ARG A 506 10.94 19.45 -18.12
C ARG A 506 11.56 18.18 -18.67
N MET A 507 10.80 17.09 -18.64
CA MET A 507 11.24 15.84 -19.20
C MET A 507 11.38 15.81 -20.74
N PRO A 508 10.46 16.44 -21.50
CA PRO A 508 10.74 16.51 -22.94
C PRO A 508 12.08 17.17 -23.29
N ILE A 509 12.50 18.19 -22.53
CA ILE A 509 13.82 18.79 -22.74
C ILE A 509 14.92 17.80 -22.37
N ALA A 510 14.70 16.99 -21.33
CA ALA A 510 15.59 15.86 -21.03
C ALA A 510 15.75 14.92 -22.25
N ARG A 511 14.63 14.59 -22.90
CA ARG A 511 14.61 13.68 -24.02
C ARG A 511 15.32 14.29 -25.22
N LYS A 512 14.96 15.54 -25.52
CA LYS A 512 15.59 16.25 -26.62
C LYS A 512 17.11 16.15 -26.52
N ILE A 513 17.65 16.64 -25.40
CA ILE A 513 19.12 16.65 -25.19
C ILE A 513 19.74 15.30 -25.48
N ILE A 514 19.19 14.25 -24.89
CA ILE A 514 19.75 12.91 -25.07
C ILE A 514 19.67 12.50 -26.52
N LYS A 515 18.50 12.71 -27.13
CA LYS A 515 18.27 12.30 -28.50
C LYS A 515 19.19 12.99 -29.52
N ASP A 516 19.42 14.29 -29.34
CA ASP A 516 20.34 15.05 -30.20
C ASP A 516 21.78 14.52 -30.11
N GLY A 517 22.48 14.84 -29.04
CA GLY A 517 23.77 14.20 -28.73
C GLY A 517 24.98 15.09 -28.96
N GLU A 518 24.85 16.37 -28.61
CA GLU A 518 25.89 17.35 -28.90
C GLU A 518 26.91 17.49 -27.76
N GLN A 519 28.17 17.75 -28.15
CA GLN A 519 29.31 17.62 -27.25
C GLN A 519 29.62 18.87 -26.42
N HIS A 520 28.61 19.39 -25.73
CA HIS A 520 28.68 20.66 -24.96
C HIS A 520 30.00 20.92 -24.23
N GLU A 521 30.72 21.95 -24.66
CA GLU A 521 31.95 22.36 -24.00
C GLU A 521 31.68 23.14 -22.72
N ASP A 522 30.41 23.14 -22.29
CA ASP A 522 29.94 23.72 -21.01
C ASP A 522 28.52 23.26 -20.69
N LEU A 523 28.37 22.47 -19.64
CA LEU A 523 27.05 21.90 -19.33
C LEU A 523 26.16 22.75 -18.43
N ASN A 524 26.69 23.84 -17.89
CA ASN A 524 25.88 24.76 -17.10
C ASN A 524 24.72 25.32 -17.89
N GLU A 525 25.01 25.81 -19.10
CA GLU A 525 23.99 26.41 -19.96
C GLU A 525 22.81 25.46 -20.14
N VAL A 526 23.11 24.20 -20.42
CA VAL A 526 22.09 23.17 -20.56
C VAL A 526 21.16 23.13 -19.33
N ALA A 527 21.72 23.39 -18.15
CA ALA A 527 20.94 23.39 -16.91
C ALA A 527 20.05 24.61 -16.79
N LYS A 528 20.46 25.72 -17.40
CA LYS A 528 19.66 26.95 -17.39
C LYS A 528 18.28 26.65 -17.96
N LEU A 529 18.18 25.47 -18.58
CA LEU A 529 16.97 25.00 -19.25
C LEU A 529 16.00 24.28 -18.32
N PHE A 530 16.40 24.08 -17.06
CA PHE A 530 15.56 23.37 -16.10
C PHE A 530 15.20 24.29 -14.94
N ASN A 531 15.28 25.59 -15.17
CA ASN A 531 15.22 26.60 -14.12
C ASN A 531 16.29 26.34 -13.03
N ILE A 532 17.55 26.59 -13.41
CA ILE A 532 18.73 26.44 -12.55
C ILE A 532 19.68 27.62 -12.79
N HIS A 533 19.76 28.54 -11.82
CA HIS A 533 20.54 29.78 -11.98
C HIS A 533 21.32 30.15 -10.71
N ALA B 50 4.87 26.95 8.98
CA ALA B 50 4.30 25.68 9.51
C ALA B 50 5.39 24.78 10.13
N PRO B 51 5.37 24.64 11.49
CA PRO B 51 6.36 23.83 12.26
C PRO B 51 6.03 22.34 12.20
N SER B 52 6.98 21.48 12.53
CA SER B 52 6.72 20.04 12.53
C SER B 52 6.33 19.56 13.92
N HIS B 53 7.02 20.07 14.96
CA HIS B 53 6.68 19.76 16.36
C HIS B 53 6.32 20.98 17.20
N VAL B 54 5.50 20.77 18.21
CA VAL B 54 5.17 21.79 19.21
C VAL B 54 4.79 21.11 20.52
N PRO B 55 5.33 21.57 21.68
CA PRO B 55 4.80 21.04 22.93
C PRO B 55 3.32 21.35 23.12
N PHE B 56 2.94 22.61 23.00
CA PHE B 56 1.55 23.01 23.17
C PHE B 56 0.83 23.24 21.86
N LEU B 57 -0.29 22.53 21.69
CA LEU B 57 -1.17 22.65 20.53
C LEU B 57 -2.59 23.06 20.96
N LEU B 58 -3.13 24.08 20.30
CA LEU B 58 -4.54 24.49 20.50
C LEU B 58 -5.25 24.46 19.17
N ILE B 59 -6.29 23.65 19.08
CA ILE B 59 -7.09 23.61 17.87
C ILE B 59 -8.26 24.58 18.01
N GLY B 60 -8.13 25.71 17.32
CA GLY B 60 -9.23 26.66 17.14
C GLY B 60 -9.06 28.00 17.82
N GLY B 61 -8.91 29.06 17.04
CA GLY B 61 -8.53 30.39 17.55
C GLY B 61 -9.56 31.13 18.40
N GLY B 62 -10.20 30.41 19.30
CA GLY B 62 -11.31 30.97 20.04
C GLY B 62 -10.95 31.67 21.34
N THR B 63 -12.00 32.09 22.06
CA THR B 63 -11.94 32.63 23.42
C THR B 63 -11.36 31.61 24.41
N ALA B 64 -11.91 30.40 24.44
CA ALA B 64 -11.28 29.32 25.23
C ALA B 64 -9.82 29.04 24.82
N ALA B 65 -9.52 29.17 23.54
CA ALA B 65 -8.12 29.05 23.04
C ALA B 65 -7.20 30.17 23.53
N PHE B 66 -7.71 31.41 23.61
CA PHE B 66 -6.88 32.51 24.03
C PHE B 66 -6.48 32.39 25.48
N ALA B 67 -7.47 32.20 26.36
CA ALA B 67 -7.18 32.03 27.77
C ALA B 67 -6.16 30.92 27.95
N ALA B 68 -6.33 29.84 27.19
CA ALA B 68 -5.45 28.68 27.33
C ALA B 68 -4.00 29.07 27.19
N ALA B 69 -3.69 29.82 26.14
CA ALA B 69 -2.32 30.20 25.85
C ALA B 69 -1.77 31.14 26.93
N ARG B 70 -2.56 32.18 27.28
CA ARG B 70 -2.16 33.13 28.32
C ARG B 70 -1.99 32.47 29.68
N SER B 71 -2.77 31.42 29.91
CA SER B 71 -2.66 30.61 31.12
C SER B 71 -1.42 29.75 31.08
N ILE B 72 -1.18 29.07 29.96
CA ILE B 72 0.02 28.24 29.84
C ILE B 72 1.24 29.14 30.04
N ARG B 73 1.36 30.17 29.22
CA ARG B 73 2.48 31.09 29.29
C ARG B 73 2.69 31.63 30.71
N ALA B 74 1.58 31.77 31.45
CA ALA B 74 1.64 32.12 32.86
C ALA B 74 2.31 30.99 33.66
N ARG B 75 1.65 29.82 33.70
CA ARG B 75 2.17 28.64 34.41
C ARG B 75 3.61 28.29 34.03
N ASP B 76 3.91 28.32 32.74
CA ASP B 76 5.19 27.89 32.20
C ASP B 76 5.82 28.99 31.32
N PRO B 77 6.70 29.82 31.91
CA PRO B 77 7.44 30.81 31.13
C PRO B 77 8.48 30.13 30.23
N GLY B 78 8.43 30.46 28.94
CA GLY B 78 9.29 29.80 27.94
C GLY B 78 8.58 28.68 27.18
N ALA B 79 7.26 28.62 27.35
CA ALA B 79 6.44 27.57 26.74
C ALA B 79 6.04 27.94 25.32
N ARG B 80 6.21 26.97 24.41
CA ARG B 80 6.00 27.18 22.98
C ARG B 80 4.60 26.77 22.57
N VAL B 81 3.78 27.79 22.31
CA VAL B 81 2.33 27.61 22.09
C VAL B 81 1.92 28.02 20.67
N LEU B 82 1.41 27.04 19.93
CA LEU B 82 0.81 27.28 18.63
C LEU B 82 -0.73 27.30 18.75
N ILE B 83 -1.37 28.17 17.99
CA ILE B 83 -2.82 28.14 17.84
C ILE B 83 -3.15 27.95 16.35
N VAL B 84 -3.79 26.83 16.04
CA VAL B 84 -4.14 26.50 14.67
C VAL B 84 -5.59 26.90 14.45
N SER B 85 -5.82 27.84 13.52
CA SER B 85 -7.13 28.53 13.40
C SER B 85 -7.68 28.64 11.99
N GLU B 86 -8.91 28.15 11.83
CA GLU B 86 -9.59 28.15 10.55
C GLU B 86 -9.96 29.57 10.17
N ASP B 87 -10.73 30.26 11.04
CA ASP B 87 -11.01 31.69 10.86
C ASP B 87 -9.74 32.41 10.45
N PRO B 88 -9.81 33.22 9.37
CA PRO B 88 -8.63 33.97 8.93
C PRO B 88 -8.23 34.99 9.99
N GLU B 89 -9.07 35.12 11.01
CA GLU B 89 -8.88 36.10 12.07
C GLU B 89 -7.97 35.63 13.20
N LEU B 90 -7.31 36.61 13.84
CA LEU B 90 -6.65 36.39 15.13
C LEU B 90 -7.73 36.14 16.18
N PRO B 91 -7.36 35.56 17.34
CA PRO B 91 -8.28 35.44 18.46
C PRO B 91 -9.04 36.73 18.73
N TYR B 92 -10.36 36.62 18.86
CA TYR B 92 -11.23 37.77 19.10
C TYR B 92 -12.55 37.40 19.81
N MET B 93 -13.03 38.31 20.65
CA MET B 93 -14.23 38.11 21.47
C MET B 93 -15.54 38.38 20.69
N ARG B 94 -16.52 37.49 20.87
CA ARG B 94 -17.76 37.50 20.04
C ARG B 94 -18.87 38.53 20.33
N PRO B 95 -19.19 38.82 21.61
CA PRO B 95 -20.30 39.71 21.98
C PRO B 95 -20.48 41.05 21.23
N PRO B 96 -19.40 41.83 21.04
CA PRO B 96 -19.56 43.08 20.30
C PRO B 96 -20.15 42.91 18.90
N LEU B 97 -20.01 41.71 18.32
CA LEU B 97 -20.56 41.40 16.99
C LEU B 97 -22.08 41.64 16.87
N SER B 98 -22.83 41.35 17.92
CA SER B 98 -24.27 41.59 17.90
C SER B 98 -24.70 42.76 18.82
N LYS B 99 -23.76 43.62 19.18
CA LYS B 99 -24.03 44.69 20.14
C LYS B 99 -23.43 46.06 19.77
N GLU B 100 -22.24 46.31 20.29
CA GLU B 100 -21.62 47.64 20.35
C GLU B 100 -21.24 48.20 18.97
N LEU B 101 -21.04 47.30 18.02
CA LEU B 101 -20.54 47.66 16.70
C LEU B 101 -21.65 48.21 15.81
N TRP B 102 -22.87 47.81 16.12
CA TRP B 102 -24.03 48.24 15.35
C TRP B 102 -24.46 49.64 15.79
N PHE B 103 -24.33 49.91 17.08
CA PHE B 103 -24.54 51.21 17.66
C PHE B 103 -23.22 51.98 17.49
N SER B 104 -22.86 52.25 16.24
CA SER B 104 -21.65 53.00 15.91
C SER B 104 -21.80 53.77 14.62
N ASP B 105 -21.41 55.04 14.66
CA ASP B 105 -21.53 55.95 13.53
C ASP B 105 -20.41 55.80 12.51
N ASP B 106 -19.27 55.28 12.94
CA ASP B 106 -18.05 55.29 12.11
C ASP B 106 -18.03 54.21 11.02
N PRO B 107 -17.95 54.61 9.75
CA PRO B 107 -17.77 53.66 8.65
C PRO B 107 -16.43 52.95 8.73
N ASN B 108 -15.47 53.55 9.44
CA ASN B 108 -14.20 52.91 9.74
C ASN B 108 -14.38 51.66 10.59
N VAL B 109 -15.32 51.71 11.53
CA VAL B 109 -15.54 50.61 12.47
C VAL B 109 -15.55 49.23 11.80
N THR B 110 -16.21 49.12 10.65
CA THR B 110 -16.18 47.90 9.81
C THR B 110 -14.75 47.45 9.41
N LYS B 111 -13.86 48.42 9.17
CA LYS B 111 -12.47 48.15 8.79
C LYS B 111 -11.52 48.00 9.98
N THR B 112 -11.55 48.97 10.90
CA THR B 112 -10.69 48.93 12.09
C THR B 112 -11.16 47.88 13.08
N LEU B 113 -12.48 47.77 13.21
CA LEU B 113 -13.11 46.86 14.18
C LEU B 113 -12.99 47.34 15.62
N GLN B 114 -12.48 48.55 15.79
CA GLN B 114 -12.51 49.22 17.10
C GLN B 114 -13.91 49.73 17.40
N PHE B 115 -14.54 49.19 18.44
CA PHE B 115 -15.90 49.55 18.77
C PHE B 115 -15.98 50.48 19.97
N ARG B 116 -17.20 50.86 20.34
CA ARG B 116 -17.45 51.73 21.47
C ARG B 116 -18.31 51.03 22.51
N GLN B 117 -17.80 50.94 23.73
CA GLN B 117 -18.60 50.53 24.88
C GLN B 117 -19.65 51.61 25.15
N TRP B 118 -20.68 51.26 25.91
CA TRP B 118 -21.81 52.17 26.13
C TRP B 118 -21.42 53.49 26.80
N ASN B 119 -20.26 53.51 27.45
CA ASN B 119 -19.71 54.74 28.05
C ASN B 119 -18.85 55.56 27.08
N GLY B 120 -18.79 55.14 25.82
CA GLY B 120 -18.07 55.86 24.76
C GLY B 120 -16.56 55.71 24.76
N LYS B 121 -16.06 54.60 25.29
CA LYS B 121 -14.61 54.36 25.30
C LYS B 121 -14.24 53.30 24.27
N GLU B 122 -13.41 53.71 23.30
CA GLU B 122 -12.98 52.83 22.20
C GLU B 122 -12.28 51.57 22.68
N ARG B 123 -12.62 50.44 22.08
CA ARG B 123 -12.05 49.15 22.44
C ARG B 123 -11.82 48.23 21.22
N SER B 124 -11.08 47.14 21.42
CA SER B 124 -10.70 46.23 20.33
C SER B 124 -11.38 44.87 20.39
N ILE B 125 -11.89 44.41 19.24
CA ILE B 125 -12.48 43.07 19.14
C ILE B 125 -11.47 41.97 19.45
N TYR B 126 -10.20 42.22 19.09
CA TYR B 126 -9.13 41.27 19.29
C TYR B 126 -8.64 41.30 20.72
N PHE B 127 -8.27 40.14 21.24
CA PHE B 127 -7.75 40.06 22.59
C PHE B 127 -6.44 40.85 22.64
N GLN B 128 -5.56 40.54 21.70
CA GLN B 128 -4.27 41.18 21.61
C GLN B 128 -3.89 41.39 20.13
N PRO B 129 -3.18 42.50 19.82
CA PRO B 129 -2.66 42.85 18.50
C PRO B 129 -1.66 41.84 17.93
N PRO B 130 -1.36 41.92 16.62
CA PRO B 130 -0.47 40.95 16.01
C PRO B 130 0.92 40.94 16.66
N SER B 131 1.35 42.10 17.14
CA SER B 131 2.65 42.25 17.79
C SER B 131 2.73 41.59 19.17
N PHE B 132 1.62 40.99 19.61
CA PHE B 132 1.61 40.13 20.80
C PHE B 132 2.28 38.82 20.45
N TYR B 133 2.15 38.42 19.20
CA TYR B 133 2.51 37.08 18.78
C TYR B 133 3.83 36.98 18.04
N VAL B 134 4.56 35.91 18.31
CA VAL B 134 5.63 35.45 17.44
C VAL B 134 4.96 34.65 16.35
N SER B 135 5.70 34.29 15.30
CA SER B 135 5.12 33.49 14.21
C SER B 135 5.63 32.04 14.20
N ALA B 136 5.13 31.26 13.25
CA ALA B 136 5.29 29.81 13.23
C ALA B 136 6.66 29.37 12.76
N GLN B 137 7.29 30.23 11.96
CA GLN B 137 8.66 30.00 11.54
C GLN B 137 9.63 30.16 12.74
N ASP B 138 9.34 31.14 13.58
CA ASP B 138 10.15 31.46 14.76
C ASP B 138 9.96 30.43 15.87
N LEU B 139 8.70 30.15 16.19
CA LEU B 139 8.31 29.47 17.44
C LEU B 139 9.28 28.39 17.91
N PRO B 140 9.56 27.35 17.08
CA PRO B 140 10.47 26.28 17.51
C PRO B 140 11.84 26.71 18.03
N ASN B 141 12.21 27.98 17.79
CA ASN B 141 13.57 28.48 18.08
C ASN B 141 13.71 29.76 18.90
N ILE B 142 12.76 30.68 18.77
CA ILE B 142 12.92 32.01 19.38
C ILE B 142 13.09 31.94 20.91
N GLU B 143 13.96 32.81 21.43
CA GLU B 143 14.22 32.94 22.87
C GLU B 143 12.93 32.98 23.70
N ASN B 144 12.86 32.08 24.69
CA ASN B 144 11.72 31.99 25.62
C ASN B 144 10.36 31.71 25.00
N GLY B 145 10.35 31.03 23.84
CA GLY B 145 9.12 30.64 23.15
C GLY B 145 8.14 31.76 22.81
N GLY B 146 6.88 31.55 23.19
CA GLY B 146 5.83 32.54 22.97
C GLY B 146 4.56 31.93 22.41
N VAL B 147 3.57 32.76 22.11
CA VAL B 147 2.37 32.27 21.43
C VAL B 147 2.39 32.60 19.94
N ALA B 148 2.48 31.54 19.13
CA ALA B 148 2.40 31.67 17.68
C ALA B 148 1.03 31.26 17.19
N VAL B 149 0.65 31.78 16.03
CA VAL B 149 -0.73 31.74 15.59
C VAL B 149 -0.81 31.44 14.11
N LEU B 150 -1.56 30.39 13.77
CA LEU B 150 -1.64 29.87 12.41
C LEU B 150 -3.06 30.06 11.84
N THR B 151 -3.25 31.11 11.04
CA THR B 151 -4.59 31.48 10.59
C THR B 151 -4.96 30.83 9.27
N GLY B 152 -6.25 30.81 8.96
CA GLY B 152 -6.74 30.20 7.73
C GLY B 152 -6.22 28.78 7.50
N LYS B 153 -6.11 28.00 8.58
CA LYS B 153 -5.72 26.58 8.53
C LYS B 153 -6.61 25.73 9.43
N LYS B 154 -6.96 24.54 8.98
CA LYS B 154 -7.93 23.69 9.68
C LYS B 154 -7.36 22.29 10.01
N VAL B 155 -7.55 21.85 11.26
CA VAL B 155 -7.16 20.51 11.67
C VAL B 155 -8.28 19.60 11.20
N VAL B 156 -7.93 18.69 10.30
CA VAL B 156 -8.94 17.92 9.60
C VAL B 156 -8.86 16.46 10.02
N HIS B 157 -7.90 16.15 10.89
CA HIS B 157 -7.67 14.79 11.34
C HIS B 157 -6.83 14.81 12.59
N LEU B 158 -7.16 13.91 13.53
CA LEU B 158 -6.48 13.83 14.82
C LEU B 158 -6.04 12.42 15.20
N ASP B 159 -4.73 12.20 15.29
CA ASP B 159 -4.25 10.92 15.77
C ASP B 159 -3.80 11.05 17.22
N VAL B 160 -4.60 10.44 18.10
CA VAL B 160 -4.44 10.59 19.55
C VAL B 160 -3.14 9.97 20.05
N ARG B 161 -2.98 8.67 19.78
CA ARG B 161 -1.76 7.97 20.15
C ARG B 161 -0.52 8.56 19.48
N GLY B 162 -0.63 8.87 18.19
CA GLY B 162 0.45 9.57 17.52
C GLY B 162 0.87 10.87 18.21
N ASN B 163 -0.09 11.51 18.89
CA ASN B 163 0.10 12.85 19.46
C ASN B 163 0.39 13.84 18.36
N MET B 164 -0.33 13.66 17.26
CA MET B 164 -0.11 14.48 16.09
C MET B 164 -1.40 14.72 15.36
N VAL B 165 -1.42 15.79 14.58
CA VAL B 165 -2.60 16.19 13.82
C VAL B 165 -2.25 16.33 12.34
N LYS B 166 -3.28 16.52 11.53
CA LYS B 166 -3.12 16.89 10.13
C LYS B 166 -4.05 18.06 9.78
N LEU B 167 -3.51 18.97 8.99
CA LEU B 167 -4.26 20.14 8.59
C LEU B 167 -4.75 19.96 7.15
N ASN B 168 -5.73 20.78 6.79
CA ASN B 168 -6.27 20.78 5.45
C ASN B 168 -5.22 20.75 4.35
N ASP B 169 -4.06 21.35 4.60
CA ASP B 169 -2.98 21.40 3.58
C ASP B 169 -2.02 20.17 3.56
N GLY B 170 -2.43 19.10 4.22
CA GLY B 170 -1.65 17.87 4.28
C GLY B 170 -0.45 17.94 5.21
N SER B 171 -0.26 19.07 5.87
CA SER B 171 0.90 19.24 6.72
C SER B 171 0.64 18.66 8.10
N GLN B 172 1.61 17.92 8.60
CA GLN B 172 1.52 17.22 9.87
C GLN B 172 2.25 17.97 10.99
N ILE B 173 1.58 18.10 12.13
CA ILE B 173 2.18 18.64 13.37
C ILE B 173 2.14 17.57 14.45
N THR B 174 3.29 17.27 15.06
CA THR B 174 3.32 16.42 16.27
C THR B 174 3.28 17.29 17.53
N PHE B 175 2.50 16.86 18.52
CA PHE B 175 2.37 17.67 19.73
C PHE B 175 2.87 16.98 20.99
N GLU B 176 2.60 17.60 22.14
CA GLU B 176 2.88 16.98 23.44
C GLU B 176 1.66 17.09 24.29
N LYS B 177 1.06 18.28 24.29
CA LYS B 177 -0.20 18.50 24.95
C LYS B 177 -1.10 19.22 23.96
N CYS B 178 -2.31 18.68 23.81
CA CYS B 178 -3.29 19.27 22.94
C CYS B 178 -4.56 19.74 23.70
N LEU B 179 -5.18 20.82 23.23
CA LEU B 179 -6.50 21.24 23.72
C LEU B 179 -7.42 21.38 22.54
N ILE B 180 -8.66 20.94 22.71
CA ILE B 180 -9.70 21.11 21.72
C ILE B 180 -10.64 22.23 22.18
N ALA B 181 -10.60 23.36 21.47
CA ALA B 181 -11.56 24.44 21.72
C ALA B 181 -12.08 24.94 20.38
N THR B 182 -12.94 24.12 19.77
CA THR B 182 -13.39 24.29 18.39
C THR B 182 -14.65 25.12 18.26
N GLY B 183 -15.23 25.50 19.39
CA GLY B 183 -16.58 26.06 19.39
C GLY B 183 -17.60 25.18 18.66
N GLY B 184 -18.58 25.86 18.04
CA GLY B 184 -19.65 25.18 17.33
C GLY B 184 -19.98 25.87 16.02
N THR B 185 -20.97 25.32 15.31
CA THR B 185 -21.45 25.85 14.04
C THR B 185 -22.88 26.24 14.29
N PRO B 186 -23.26 27.46 13.91
CA PRO B 186 -24.65 27.85 14.07
C PRO B 186 -25.56 26.91 13.28
N ARG B 187 -26.59 26.39 13.96
CA ARG B 187 -27.55 25.48 13.33
C ARG B 187 -28.26 26.14 12.15
N SER B 188 -28.19 25.46 11.02
CA SER B 188 -28.89 25.89 9.82
C SER B 188 -30.35 25.49 9.93
N LEU B 189 -31.23 26.40 9.52
CA LEU B 189 -32.67 26.14 9.54
C LEU B 189 -33.02 25.17 8.40
N SER B 190 -33.61 24.04 8.76
CA SER B 190 -33.82 22.92 7.83
C SER B 190 -34.56 23.32 6.55
N ALA B 191 -35.52 24.23 6.70
CA ALA B 191 -36.29 24.77 5.57
C ALA B 191 -35.39 25.33 4.48
N ILE B 192 -34.24 25.86 4.88
CA ILE B 192 -33.34 26.53 3.96
C ILE B 192 -32.33 25.57 3.33
N ASP B 193 -31.93 24.55 4.08
CA ASP B 193 -30.95 23.59 3.60
C ASP B 193 -31.53 22.74 2.50
N ARG B 194 -32.76 22.28 2.68
CA ARG B 194 -33.41 21.44 1.67
C ARG B 194 -33.93 22.30 0.51
N ALA B 195 -33.82 23.62 0.66
CA ALA B 195 -34.22 24.56 -0.39
C ALA B 195 -33.10 24.78 -1.41
N GLY B 196 -33.41 25.54 -2.46
CA GLY B 196 -32.48 25.79 -3.57
C GLY B 196 -31.19 26.49 -3.18
N ALA B 197 -30.17 26.33 -4.02
CA ALA B 197 -28.86 26.97 -3.80
C ALA B 197 -29.04 28.47 -3.79
N GLU B 198 -30.07 28.94 -4.48
CA GLU B 198 -30.41 30.34 -4.59
C GLU B 198 -30.77 31.02 -3.25
N VAL B 199 -31.70 30.42 -2.52
CA VAL B 199 -32.18 30.97 -1.25
C VAL B 199 -31.13 30.92 -0.16
N LYS B 200 -30.31 29.87 -0.20
CA LYS B 200 -29.33 29.65 0.85
C LYS B 200 -28.25 30.74 0.84
N SER B 201 -28.07 31.38 -0.31
CA SER B 201 -27.08 32.45 -0.45
C SER B 201 -27.51 33.70 0.32
N ARG B 202 -28.72 34.18 0.05
CA ARG B 202 -29.29 35.34 0.72
C ARG B 202 -29.60 35.04 2.18
N THR B 203 -29.02 33.97 2.69
CA THR B 203 -29.18 33.57 4.08
C THR B 203 -27.81 33.30 4.70
N THR B 204 -27.44 34.13 5.67
CA THR B 204 -26.19 33.95 6.41
C THR B 204 -26.44 33.52 7.85
N LEU B 205 -25.40 33.01 8.50
CA LEU B 205 -25.46 32.47 9.85
C LEU B 205 -24.50 33.26 10.73
N PHE B 206 -25.02 33.96 11.73
CA PHE B 206 -24.25 34.93 12.49
C PHE B 206 -23.31 34.32 13.55
N ARG B 207 -22.01 34.59 13.42
CA ARG B 207 -20.95 34.17 14.35
C ARG B 207 -19.60 34.85 14.05
N LYS B 208 -18.96 34.47 12.96
CA LYS B 208 -17.65 35.01 12.60
C LYS B 208 -17.69 36.50 12.17
N ILE B 209 -16.57 37.21 12.33
CA ILE B 209 -16.43 38.56 11.79
C ILE B 209 -16.97 38.67 10.37
N GLY B 210 -16.57 37.73 9.51
CA GLY B 210 -17.03 37.71 8.14
C GLY B 210 -18.50 38.08 8.06
N ASP B 211 -19.31 37.39 8.88
CA ASP B 211 -20.76 37.54 8.92
C ASP B 211 -21.24 38.89 9.42
N PHE B 212 -20.44 39.53 10.28
CA PHE B 212 -20.72 40.89 10.69
C PHE B 212 -20.59 41.86 9.51
N ARG B 213 -19.42 41.90 8.88
CA ARG B 213 -19.21 42.80 7.76
C ARG B 213 -20.29 42.61 6.68
N ALA B 214 -20.56 41.35 6.35
CA ALA B 214 -21.54 41.00 5.31
C ALA B 214 -22.94 41.51 5.62
N LEU B 215 -23.38 41.32 6.86
CA LEU B 215 -24.69 41.80 7.30
C LEU B 215 -24.75 43.32 7.36
N GLU B 216 -23.64 43.96 7.76
CA GLU B 216 -23.57 45.42 7.76
C GLU B 216 -23.56 45.95 6.33
N LYS B 217 -22.96 45.20 5.41
CA LYS B 217 -23.00 45.58 4.00
C LYS B 217 -24.43 45.57 3.48
N ILE B 218 -25.20 44.56 3.91
CA ILE B 218 -26.56 44.34 3.43
C ILE B 218 -27.58 45.29 4.07
N SER B 219 -27.34 45.66 5.32
CA SER B 219 -28.25 46.56 6.05
C SER B 219 -28.32 47.97 5.45
N ARG B 220 -27.61 48.17 4.33
CA ARG B 220 -27.60 49.43 3.62
C ARG B 220 -27.99 49.30 2.15
N GLU B 221 -28.21 48.07 1.69
CA GLU B 221 -28.52 47.79 0.28
C GLU B 221 -29.98 47.38 0.01
N VAL B 222 -30.58 46.65 0.95
CA VAL B 222 -31.93 46.13 0.75
C VAL B 222 -33.00 46.83 1.58
N LYS B 223 -34.26 46.50 1.29
CA LYS B 223 -35.41 47.06 2.01
C LYS B 223 -35.81 46.26 3.25
N SER B 224 -35.68 44.93 3.18
CA SER B 224 -36.20 44.05 4.23
C SER B 224 -35.30 42.85 4.54
N ILE B 225 -34.86 42.77 5.80
CA ILE B 225 -34.19 41.57 6.30
C ILE B 225 -35.07 40.87 7.36
N THR B 226 -34.95 39.55 7.42
CA THR B 226 -35.69 38.74 8.36
C THR B 226 -34.74 37.99 9.30
N VAL B 227 -35.01 38.08 10.59
CA VAL B 227 -34.24 37.38 11.61
C VAL B 227 -35.08 36.22 12.16
N ILE B 228 -34.51 35.02 12.13
CA ILE B 228 -35.20 33.79 12.55
C ILE B 228 -34.53 33.22 13.79
N GLY B 229 -35.28 33.16 14.88
CA GLY B 229 -34.73 32.74 16.17
C GLY B 229 -35.19 33.65 17.30
N GLY B 230 -35.68 33.05 18.37
CA GLY B 230 -36.11 33.78 19.55
C GLY B 230 -35.00 34.01 20.56
N GLY B 231 -33.83 33.43 20.30
CA GLY B 231 -32.67 33.49 21.19
C GLY B 231 -32.20 34.87 21.59
N PHE B 232 -31.42 34.92 22.67
CA PHE B 232 -30.75 36.15 23.12
C PHE B 232 -29.92 36.77 22.01
N LEU B 233 -29.43 35.92 21.11
CA LEU B 233 -28.72 36.35 19.93
C LEU B 233 -29.66 37.08 18.96
N GLY B 234 -30.72 36.40 18.52
CA GLY B 234 -31.64 36.93 17.51
C GLY B 234 -32.30 38.23 17.95
N SER B 235 -32.53 38.34 19.25
CA SER B 235 -33.11 39.53 19.87
C SER B 235 -32.17 40.72 19.81
N GLU B 236 -30.88 40.46 20.03
CA GLU B 236 -29.85 41.50 19.93
C GLU B 236 -29.68 41.96 18.50
N LEU B 237 -29.67 41.01 17.57
CA LEU B 237 -29.52 41.32 16.16
C LEU B 237 -30.68 42.17 15.66
N ALA B 238 -31.90 41.75 16.02
CA ALA B 238 -33.09 42.49 15.68
C ALA B 238 -32.96 43.94 16.16
N CYS B 239 -32.62 44.11 17.43
CA CYS B 239 -32.52 45.44 18.05
C CYS B 239 -31.47 46.32 17.38
N ALA B 240 -30.38 45.67 16.96
CA ALA B 240 -29.30 46.34 16.24
C ALA B 240 -29.82 46.94 14.94
N LEU B 241 -30.48 46.10 14.13
CA LEU B 241 -31.00 46.51 12.83
C LEU B 241 -32.06 47.58 12.98
N GLY B 242 -32.75 47.59 14.11
CA GLY B 242 -33.71 48.64 14.44
C GLY B 242 -33.05 50.01 14.58
N ARG B 243 -31.85 50.01 15.15
CA ARG B 243 -31.06 51.25 15.27
C ARG B 243 -30.52 51.73 13.93
N LYS B 244 -30.39 50.82 12.97
CA LYS B 244 -30.05 51.18 11.59
C LYS B 244 -31.32 51.64 10.87
N SER B 245 -32.42 50.94 11.17
CA SER B 245 -33.73 51.26 10.63
C SER B 245 -34.09 52.72 10.85
N GLN B 246 -33.93 53.19 12.09
CA GLN B 246 -34.30 54.54 12.47
C GLN B 246 -33.60 55.58 11.59
N ALA B 247 -32.55 55.15 10.90
CA ALA B 247 -31.82 55.99 9.97
C ALA B 247 -32.24 55.77 8.51
N SER B 248 -32.23 54.50 8.08
CA SER B 248 -32.41 54.16 6.65
C SER B 248 -33.85 53.90 6.25
N GLY B 249 -34.70 53.54 7.23
CA GLY B 249 -36.08 53.18 6.95
C GLY B 249 -36.24 51.70 6.64
N ILE B 250 -35.13 50.96 6.67
CA ILE B 250 -35.10 49.52 6.42
C ILE B 250 -36.14 48.75 7.27
N GLU B 251 -36.88 47.86 6.61
CA GLU B 251 -37.87 47.02 7.28
C GLU B 251 -37.15 45.92 8.05
N VAL B 252 -37.64 45.60 9.26
CA VAL B 252 -37.00 44.58 10.11
C VAL B 252 -37.97 43.52 10.64
N ILE B 253 -37.91 42.32 10.05
CA ILE B 253 -38.81 41.24 10.41
C ILE B 253 -38.12 40.27 11.36
N GLN B 254 -38.81 39.93 12.45
CA GLN B 254 -38.34 38.92 13.39
C GLN B 254 -39.41 37.85 13.64
N LEU B 255 -38.99 36.57 13.63
CA LEU B 255 -39.92 35.45 13.82
C LEU B 255 -39.31 34.22 14.52
N PHE B 256 -40.18 33.46 15.19
CA PHE B 256 -39.78 32.27 15.96
C PHE B 256 -41.02 31.42 16.29
N PRO B 257 -40.83 30.11 16.56
CA PRO B 257 -41.99 29.26 16.90
C PRO B 257 -42.60 29.55 18.27
N GLU B 258 -41.78 29.99 19.22
CA GLU B 258 -42.22 30.26 20.61
C GLU B 258 -43.30 31.34 20.68
N LYS B 259 -44.01 31.42 21.80
CA LYS B 259 -45.03 32.46 21.94
C LYS B 259 -44.35 33.82 22.12
N GLY B 260 -43.45 33.92 23.09
CA GLY B 260 -42.76 35.17 23.36
C GLY B 260 -41.26 35.13 23.07
N ASN B 261 -40.65 36.31 23.13
CA ASN B 261 -39.23 36.47 22.92
C ASN B 261 -38.45 35.84 24.05
N MET B 262 -37.64 34.82 23.71
CA MET B 262 -36.92 33.99 24.67
C MET B 262 -37.87 33.16 25.52
N GLY B 263 -38.96 32.72 24.89
CA GLY B 263 -39.98 31.91 25.57
C GLY B 263 -39.41 30.70 26.27
N LYS B 264 -38.56 29.95 25.56
CA LYS B 264 -37.83 28.80 26.10
C LYS B 264 -37.04 29.09 27.38
N ILE B 265 -36.95 30.36 27.77
CA ILE B 265 -36.19 30.76 28.98
C ILE B 265 -37.00 31.68 29.92
N LEU B 266 -37.48 32.80 29.40
CA LEU B 266 -38.20 33.77 30.23
C LEU B 266 -39.65 33.36 30.46
N PRO B 267 -40.12 33.49 31.72
CA PRO B 267 -41.52 33.28 32.09
C PRO B 267 -42.50 34.04 31.20
N GLN B 268 -43.70 33.50 31.09
CA GLN B 268 -44.76 34.04 30.24
C GLN B 268 -44.57 35.53 29.90
N TYR B 269 -44.57 36.38 30.94
CA TYR B 269 -44.71 37.83 30.82
C TYR B 269 -43.44 38.68 30.70
N LEU B 270 -42.30 38.20 31.18
CA LEU B 270 -41.05 38.92 30.94
C LEU B 270 -40.57 38.65 29.52
N SER B 271 -40.82 37.44 29.06
CA SER B 271 -40.70 37.10 27.65
C SER B 271 -41.59 38.01 26.83
N ASN B 272 -42.76 38.33 27.39
CA ASN B 272 -43.77 39.19 26.77
C ASN B 272 -43.38 40.67 26.79
N TRP B 273 -42.83 41.11 27.92
CA TRP B 273 -42.31 42.48 28.09
C TRP B 273 -41.33 42.77 26.98
N THR B 274 -40.43 41.82 26.77
CA THR B 274 -39.33 41.92 25.83
C THR B 274 -39.79 42.08 24.39
N MET B 275 -40.67 41.19 23.94
CA MET B 275 -41.20 41.21 22.58
C MET B 275 -41.69 42.59 22.14
N GLU B 276 -42.47 43.25 22.99
CA GLU B 276 -43.00 44.59 22.69
C GLU B 276 -41.90 45.65 22.75
N LYS B 277 -40.88 45.45 23.59
CA LYS B 277 -39.76 46.38 23.68
C LYS B 277 -38.88 46.31 22.45
N VAL B 278 -38.81 45.12 21.85
CA VAL B 278 -38.08 44.95 20.61
C VAL B 278 -38.89 45.61 19.49
N LYS B 279 -40.19 45.33 19.47
CA LYS B 279 -41.10 46.00 18.55
C LYS B 279 -40.96 47.51 18.65
N ARG B 280 -40.57 47.98 19.83
CA ARG B 280 -40.43 49.40 20.11
C ARG B 280 -39.11 49.96 19.56
N GLU B 281 -38.15 49.07 19.30
CA GLU B 281 -36.90 49.45 18.64
C GLU B 281 -37.11 49.52 17.12
N GLY B 282 -38.37 49.41 16.71
CA GLY B 282 -38.77 49.53 15.31
C GLY B 282 -38.89 48.20 14.58
N VAL B 283 -39.36 47.18 15.27
CA VAL B 283 -39.44 45.83 14.70
C VAL B 283 -40.86 45.30 14.60
N LYS B 284 -41.13 44.56 13.53
CA LYS B 284 -42.36 43.76 13.44
C LYS B 284 -42.02 42.32 13.83
N VAL B 285 -42.33 41.97 15.08
CA VAL B 285 -42.07 40.64 15.61
C VAL B 285 -43.20 39.67 15.27
N MET B 286 -42.85 38.48 14.78
CA MET B 286 -43.85 37.47 14.39
C MET B 286 -43.77 36.20 15.27
N PRO B 287 -44.47 36.22 16.42
CA PRO B 287 -44.44 35.10 17.36
C PRO B 287 -45.36 33.95 16.96
N ASN B 288 -45.01 32.73 17.39
CA ASN B 288 -45.77 31.53 17.07
C ASN B 288 -45.69 31.21 15.57
N ALA B 289 -44.47 30.96 15.09
CA ALA B 289 -44.25 30.74 13.66
C ALA B 289 -43.35 29.55 13.36
N ILE B 290 -43.90 28.54 12.70
CA ILE B 290 -43.09 27.45 12.13
C ILE B 290 -42.96 27.67 10.62
N VAL B 291 -41.76 27.42 10.11
CA VAL B 291 -41.48 27.60 8.69
C VAL B 291 -41.64 26.29 7.92
N GLN B 292 -42.52 26.31 6.92
CA GLN B 292 -42.77 25.15 6.07
C GLN B 292 -41.83 25.13 4.88
N SER B 293 -41.56 26.32 4.33
CA SER B 293 -40.82 26.44 3.08
C SER B 293 -40.25 27.84 2.89
N VAL B 294 -39.13 27.89 2.19
CA VAL B 294 -38.59 29.15 1.68
C VAL B 294 -38.60 29.08 0.15
N GLY B 295 -38.85 30.22 -0.50
CA GLY B 295 -38.89 30.28 -1.95
C GLY B 295 -38.43 31.62 -2.51
N VAL B 296 -38.35 31.67 -3.84
CA VAL B 296 -37.99 32.90 -4.56
C VAL B 296 -39.16 33.39 -5.41
N SER B 297 -39.58 34.63 -5.18
CA SER B 297 -40.70 35.23 -5.90
C SER B 297 -40.54 36.74 -6.01
N GLY B 298 -41.00 37.30 -7.14
CA GLY B 298 -40.99 38.74 -7.36
C GLY B 298 -39.62 39.38 -7.53
N GLY B 299 -38.57 38.56 -7.37
CA GLY B 299 -37.20 39.04 -7.36
C GLY B 299 -36.57 38.99 -5.98
N ARG B 300 -37.32 38.47 -5.01
CA ARG B 300 -36.92 38.49 -3.60
C ARG B 300 -37.11 37.12 -2.91
N LEU B 301 -37.44 37.14 -1.61
CA LEU B 301 -37.58 35.90 -0.83
C LEU B 301 -38.97 35.70 -0.28
N LEU B 302 -39.47 34.45 -0.38
CA LEU B 302 -40.75 34.05 0.21
C LEU B 302 -40.57 33.02 1.33
N ILE B 303 -41.26 33.26 2.44
CA ILE B 303 -41.26 32.34 3.58
C ILE B 303 -42.70 31.95 3.89
N LYS B 304 -42.98 30.65 3.92
CA LYS B 304 -44.34 30.20 4.18
C LYS B 304 -44.49 29.49 5.52
N LEU B 305 -45.44 29.97 6.31
CA LEU B 305 -45.62 29.56 7.71
C LEU B 305 -46.69 28.49 7.90
N LYS B 306 -46.53 27.68 8.95
CA LYS B 306 -47.45 26.58 9.26
C LYS B 306 -48.91 27.04 9.37
N ASP B 307 -49.12 28.15 10.08
CA ASP B 307 -50.44 28.74 10.22
C ASP B 307 -50.98 29.30 8.90
N GLY B 308 -50.10 29.55 7.95
CA GLY B 308 -50.47 29.96 6.61
C GLY B 308 -50.03 31.34 6.19
N ARG B 309 -49.58 32.14 7.17
CA ARG B 309 -49.13 33.51 6.91
C ARG B 309 -47.89 33.54 6.01
N LYS B 310 -47.83 34.54 5.15
CA LYS B 310 -46.81 34.61 4.09
C LYS B 310 -45.92 35.83 4.23
N VAL B 311 -44.64 35.58 4.54
CA VAL B 311 -43.63 36.63 4.72
C VAL B 311 -42.79 36.74 3.45
N GLU B 312 -42.43 37.98 3.12
CA GLU B 312 -41.63 38.29 1.94
C GLU B 312 -40.50 39.24 2.34
N THR B 313 -39.26 38.80 2.13
CA THR B 313 -38.10 39.62 2.54
C THR B 313 -36.99 39.61 1.48
N ASP B 314 -35.91 40.35 1.71
CA ASP B 314 -34.77 40.34 0.80
C ASP B 314 -33.66 39.40 1.30
N HIS B 315 -33.49 39.35 2.62
CA HIS B 315 -32.40 38.58 3.23
C HIS B 315 -32.85 37.86 4.50
N ILE B 316 -32.28 36.68 4.75
CA ILE B 316 -32.56 35.94 5.99
C ILE B 316 -31.30 35.73 6.82
N VAL B 317 -31.42 35.97 8.12
CA VAL B 317 -30.37 35.68 9.09
C VAL B 317 -30.88 34.66 10.10
N THR B 318 -30.12 33.59 10.28
CA THR B 318 -30.49 32.45 11.12
C THR B 318 -29.83 32.48 12.50
N ALA B 319 -30.63 32.31 13.55
CA ALA B 319 -30.14 32.31 14.93
C ALA B 319 -30.82 31.26 15.81
N VAL B 320 -30.66 29.99 15.44
CA VAL B 320 -31.36 28.89 16.12
C VAL B 320 -30.40 27.95 16.81
N GLY B 321 -29.59 28.50 17.71
CA GLY B 321 -28.62 27.71 18.48
C GLY B 321 -27.30 27.40 17.79
N LEU B 322 -26.72 26.27 18.15
CA LEU B 322 -25.34 25.93 17.80
C LEU B 322 -25.12 24.41 17.88
N GLU B 323 -24.61 23.82 16.81
CA GLU B 323 -24.14 22.44 16.83
C GLU B 323 -22.67 22.50 17.20
N PRO B 324 -22.29 21.84 18.29
CA PRO B 324 -20.88 21.82 18.70
C PRO B 324 -19.98 21.13 17.67
N ASN B 325 -18.83 21.76 17.38
CA ASN B 325 -17.88 21.27 16.36
C ASN B 325 -17.08 20.02 16.75
N VAL B 326 -17.57 18.85 16.35
CA VAL B 326 -16.98 17.60 16.82
C VAL B 326 -16.54 16.65 15.69
N GLU B 327 -15.89 17.20 14.67
CA GLU B 327 -15.51 16.40 13.49
C GLU B 327 -14.34 15.48 13.80
N LEU B 328 -13.33 16.02 14.48
CA LEU B 328 -12.13 15.28 14.84
C LEU B 328 -12.45 14.01 15.61
N ALA B 329 -13.48 14.12 16.45
CA ALA B 329 -13.93 13.03 17.30
C ALA B 329 -13.89 11.70 16.60
N LYS B 330 -14.29 11.70 15.33
CA LYS B 330 -14.38 10.48 14.52
C LYS B 330 -13.01 9.83 14.26
N THR B 331 -12.11 10.56 13.62
CA THR B 331 -10.73 10.11 13.38
C THR B 331 -9.92 10.01 14.67
N GLY B 332 -10.40 10.67 15.72
CA GLY B 332 -9.73 10.68 17.02
C GLY B 332 -10.13 9.54 17.94
N GLY B 333 -11.26 8.91 17.66
CA GLY B 333 -11.84 7.92 18.57
C GLY B 333 -12.22 8.54 19.91
N LEU B 334 -12.75 9.77 19.86
CA LEU B 334 -13.14 10.52 21.05
C LEU B 334 -14.62 10.45 21.34
N GLU B 335 -14.96 10.18 22.59
CA GLU B 335 -16.35 10.03 23.02
C GLU B 335 -17.14 11.35 22.88
N ILE B 336 -18.41 11.22 22.47
CA ILE B 336 -19.31 12.36 22.28
C ILE B 336 -20.64 12.19 23.02
N ASP B 337 -21.03 13.20 23.81
CA ASP B 337 -22.30 13.13 24.54
C ASP B 337 -23.52 13.30 23.63
N SER B 338 -24.34 12.27 23.54
CA SER B 338 -25.53 12.33 22.67
C SER B 338 -26.68 13.16 23.25
N ASP B 339 -26.67 13.40 24.57
CA ASP B 339 -27.76 14.12 25.24
C ASP B 339 -27.48 15.62 25.37
N PHE B 340 -26.22 16.00 25.26
CA PHE B 340 -25.82 17.39 25.52
C PHE B 340 -24.98 17.99 24.40
N GLY B 341 -24.46 17.14 23.51
CA GLY B 341 -23.61 17.63 22.43
C GLY B 341 -22.21 17.97 22.94
N GLY B 342 -21.21 17.73 22.09
CA GLY B 342 -19.83 18.05 22.46
C GLY B 342 -19.04 16.82 22.82
N PHE B 343 -17.74 17.04 23.02
CA PHE B 343 -16.80 16.03 23.49
C PHE B 343 -17.08 15.69 24.97
N ARG B 344 -17.21 14.42 25.29
CA ARG B 344 -17.32 14.00 26.69
C ARG B 344 -15.96 14.14 27.37
N VAL B 345 -15.87 15.03 28.34
CA VAL B 345 -14.67 15.18 29.16
C VAL B 345 -15.00 15.15 30.65
N ASN B 346 -14.03 14.78 31.48
CA ASN B 346 -14.22 14.69 32.92
C ASN B 346 -14.18 16.05 33.61
N ALA B 347 -14.05 16.06 34.93
CA ALA B 347 -14.12 17.28 35.74
C ALA B 347 -12.89 18.18 35.59
N GLU B 348 -11.91 17.67 34.86
CA GLU B 348 -10.67 18.40 34.62
C GLU B 348 -10.60 18.87 33.17
N LEU B 349 -11.65 18.58 32.41
CA LEU B 349 -11.75 18.89 30.99
C LEU B 349 -10.84 18.02 30.16
N GLN B 350 -10.40 16.91 30.74
CA GLN B 350 -9.47 16.02 30.06
C GLN B 350 -10.20 14.89 29.37
N ALA B 351 -9.90 14.69 28.10
CA ALA B 351 -10.53 13.65 27.31
C ALA B 351 -9.66 12.42 27.27
N ARG B 352 -8.35 12.63 27.08
CA ARG B 352 -7.37 11.56 27.20
C ARG B 352 -5.99 12.07 27.61
N SER B 353 -5.06 11.15 27.82
CA SER B 353 -3.65 11.53 28.00
C SER B 353 -3.30 12.60 26.99
N ASN B 354 -3.08 13.82 27.47
CA ASN B 354 -2.71 14.94 26.58
C ASN B 354 -3.85 15.56 25.75
N ILE B 355 -5.10 15.30 26.11
CA ILE B 355 -6.20 15.94 25.40
C ILE B 355 -7.22 16.58 26.32
N TRP B 356 -7.41 17.88 26.18
CA TRP B 356 -8.41 18.61 26.94
C TRP B 356 -9.38 19.27 25.98
N VAL B 357 -10.56 19.60 26.48
CA VAL B 357 -11.51 20.33 25.65
C VAL B 357 -12.01 21.51 26.43
N ALA B 358 -12.08 22.68 25.82
CA ALA B 358 -12.73 23.77 26.53
C ALA B 358 -13.76 24.56 25.73
N GLY B 359 -14.45 25.45 26.44
CA GLY B 359 -15.43 26.33 25.86
C GLY B 359 -16.64 25.56 25.39
N ASP B 360 -17.14 25.96 24.23
CA ASP B 360 -18.43 25.53 23.71
C ASP B 360 -18.56 24.06 23.40
N ALA B 361 -17.44 23.40 23.06
CA ALA B 361 -17.45 22.04 22.55
C ALA B 361 -17.27 21.00 23.64
N ALA B 362 -17.28 21.45 24.89
CA ALA B 362 -16.95 20.62 26.02
C ALA B 362 -18.17 20.17 26.84
N CYS B 363 -18.49 18.88 26.75
CA CYS B 363 -19.48 18.30 27.65
C CYS B 363 -18.73 17.73 28.82
N PHE B 364 -18.88 18.41 29.96
CA PHE B 364 -18.03 18.16 31.11
C PHE B 364 -18.81 17.76 32.33
N TYR B 365 -18.15 17.04 33.22
CA TYR B 365 -18.71 16.73 34.52
C TYR B 365 -18.52 17.94 35.42
N ASP B 366 -19.61 18.42 35.99
CA ASP B 366 -19.56 19.28 37.15
C ASP B 366 -19.72 18.34 38.34
N ILE B 367 -18.94 18.57 39.40
CA ILE B 367 -19.05 17.73 40.61
C ILE B 367 -20.36 18.01 41.36
N LYS B 368 -20.66 19.29 41.58
CA LYS B 368 -21.89 19.73 42.24
C LYS B 368 -23.14 19.44 41.41
N LEU B 369 -23.07 19.77 40.12
CA LEU B 369 -24.18 19.53 39.19
C LEU B 369 -24.01 18.20 38.46
N GLY B 370 -24.63 18.06 37.29
CA GLY B 370 -24.51 16.83 36.52
C GLY B 370 -23.51 16.97 35.40
N ARG B 371 -23.78 16.28 34.30
CA ARG B 371 -23.02 16.47 33.08
C ARG B 371 -23.75 17.48 32.22
N ARG B 372 -23.01 18.47 31.73
CA ARG B 372 -23.59 19.59 31.00
C ARG B 372 -22.67 20.05 29.88
N ARG B 373 -23.14 21.02 29.10
CA ARG B 373 -22.33 21.74 28.14
C ARG B 373 -22.82 23.18 28.12
N VAL B 374 -21.91 24.16 28.21
CA VAL B 374 -22.34 25.58 28.19
C VAL B 374 -21.67 26.46 27.13
N GLU B 375 -22.39 27.50 26.70
CA GLU B 375 -21.90 28.42 25.67
C GLU B 375 -21.96 29.85 26.18
N HIS B 376 -21.22 30.14 27.25
CA HIS B 376 -21.09 31.47 27.81
C HIS B 376 -19.65 31.90 27.61
N HIS B 377 -19.46 33.10 27.06
CA HIS B 377 -18.15 33.77 27.13
C HIS B 377 -17.44 33.48 28.45
N ASP B 378 -18.04 33.86 29.59
CA ASP B 378 -17.40 33.67 30.91
C ASP B 378 -16.82 32.27 31.10
N HIS B 379 -17.64 31.25 30.82
CA HIS B 379 -17.22 29.85 30.90
C HIS B 379 -16.16 29.57 29.87
N ALA B 380 -16.37 30.06 28.65
CA ALA B 380 -15.41 29.94 27.59
C ALA B 380 -14.05 30.54 27.97
N VAL B 381 -14.05 31.47 28.92
CA VAL B 381 -12.80 31.99 29.43
C VAL B 381 -12.27 31.02 30.48
N VAL B 382 -13.04 30.83 31.56
CA VAL B 382 -12.60 30.09 32.74
C VAL B 382 -12.11 28.69 32.38
N SER B 383 -12.84 28.01 31.51
CA SER B 383 -12.47 26.67 31.09
C SER B 383 -11.19 26.73 30.28
N GLY B 384 -11.13 27.69 29.36
CA GLY B 384 -9.96 27.85 28.51
C GLY B 384 -8.74 28.22 29.34
N ARG B 385 -8.98 28.67 30.56
CA ARG B 385 -7.88 28.98 31.47
C ARG B 385 -7.51 27.67 32.12
N LEU B 386 -8.41 27.15 32.95
CA LEU B 386 -8.16 25.93 33.72
C LEU B 386 -7.55 24.82 32.86
N ALA B 387 -7.98 24.72 31.61
CA ALA B 387 -7.47 23.72 30.73
C ALA B 387 -5.96 23.92 30.56
N GLY B 388 -5.55 25.05 29.98
CA GLY B 388 -4.12 25.36 29.92
C GLY B 388 -3.41 25.11 31.25
N GLU B 389 -3.88 25.79 32.29
CA GLU B 389 -3.46 25.55 33.67
C GLU B 389 -3.24 24.05 33.90
N ASN B 390 -4.27 23.25 33.63
CA ASN B 390 -4.23 21.81 33.86
C ASN B 390 -3.31 21.06 32.93
N MET B 391 -3.13 21.62 31.73
CA MET B 391 -2.25 21.03 30.74
C MET B 391 -0.86 21.06 31.33
N THR B 392 -0.56 22.12 32.06
CA THR B 392 0.74 22.26 32.73
C THR B 392 0.76 21.58 34.09
N GLY B 393 0.07 20.45 34.18
CA GLY B 393 0.20 19.53 35.32
C GLY B 393 -0.71 19.79 36.48
N ALA B 394 -1.37 20.94 36.49
CA ALA B 394 -2.17 21.40 37.61
C ALA B 394 -3.21 20.41 38.17
N ALA B 395 -3.88 19.63 37.30
CA ALA B 395 -4.87 18.64 37.74
C ALA B 395 -5.94 19.16 38.71
N LYS B 396 -6.31 20.43 38.57
CA LYS B 396 -7.44 21.02 39.31
C LYS B 396 -8.75 20.63 38.64
N PRO B 397 -9.81 20.42 39.43
CA PRO B 397 -11.13 20.23 38.86
C PRO B 397 -11.73 21.53 38.32
N TYR B 398 -12.87 21.43 37.65
CA TYR B 398 -13.63 22.60 37.21
C TYR B 398 -14.65 23.01 38.29
N TRP B 399 -14.28 24.01 39.08
CA TRP B 399 -15.17 24.53 40.11
C TRP B 399 -15.62 25.95 39.77
N HIS B 400 -16.70 26.06 39.02
CA HIS B 400 -17.24 27.36 38.63
C HIS B 400 -18.71 27.34 38.23
N GLN B 401 -19.44 28.35 38.69
CA GLN B 401 -20.80 28.60 38.24
C GLN B 401 -20.73 29.66 37.17
N SER B 402 -20.92 29.25 35.91
CA SER B 402 -20.78 30.14 34.76
C SER B 402 -21.91 31.15 34.62
N MET B 403 -21.57 32.37 34.23
CA MET B 403 -22.58 33.40 34.00
C MET B 403 -22.72 33.84 32.54
N PHE B 404 -23.88 34.38 32.21
CA PHE B 404 -24.19 34.78 30.85
C PHE B 404 -25.00 36.08 30.84
N TRP B 405 -24.74 36.95 29.86
CA TRP B 405 -25.45 38.22 29.76
C TRP B 405 -25.92 38.56 28.33
N SER B 406 -26.76 39.58 28.24
CA SER B 406 -27.23 40.10 26.97
C SER B 406 -27.63 41.56 27.13
N ASP B 407 -27.17 42.40 26.20
CA ASP B 407 -27.51 43.82 26.23
C ASP B 407 -28.36 44.19 25.02
N LEU B 408 -29.64 44.42 25.24
CA LEU B 408 -30.45 45.04 24.19
C LEU B 408 -30.12 46.53 24.17
N GLY B 409 -29.01 46.85 23.51
CA GLY B 409 -28.48 48.21 23.48
C GLY B 409 -28.07 48.76 24.83
N PRO B 410 -28.10 50.11 24.99
CA PRO B 410 -27.77 50.78 26.23
C PRO B 410 -28.82 50.71 27.35
N ASP B 411 -30.08 50.44 26.99
CA ASP B 411 -31.17 50.49 27.97
C ASP B 411 -31.41 49.22 28.77
N VAL B 412 -31.49 48.07 28.12
CA VAL B 412 -31.90 46.85 28.79
C VAL B 412 -30.76 45.85 28.96
N GLY B 413 -30.60 45.36 30.20
CA GLY B 413 -29.54 44.38 30.51
C GLY B 413 -30.08 43.12 31.15
N TYR B 414 -29.59 41.99 30.66
CA TYR B 414 -30.00 40.69 31.18
C TYR B 414 -28.84 39.97 31.80
N GLU B 415 -29.15 39.07 32.73
CA GLU B 415 -28.15 38.16 33.28
C GLU B 415 -28.81 36.84 33.66
N ALA B 416 -28.07 35.76 33.42
CA ALA B 416 -28.52 34.42 33.73
C ALA B 416 -27.41 33.64 34.44
N ILE B 417 -27.80 32.56 35.10
CA ILE B 417 -26.86 31.66 35.80
C ILE B 417 -27.65 30.54 36.50
N GLY B 418 -27.27 29.30 36.21
CA GLY B 418 -27.94 28.14 36.78
C GLY B 418 -28.82 27.46 35.75
N LEU B 419 -29.81 26.71 36.21
CA LEU B 419 -30.70 26.04 35.27
C LEU B 419 -31.92 26.90 34.94
N VAL B 420 -31.76 27.68 33.88
CA VAL B 420 -32.82 28.48 33.30
C VAL B 420 -33.64 27.64 32.33
N ASP B 421 -34.95 27.61 32.57
CA ASP B 421 -35.89 26.79 31.83
C ASP B 421 -37.27 27.27 32.20
N SER B 422 -38.04 27.66 31.18
CA SER B 422 -39.36 28.23 31.40
C SER B 422 -40.42 27.18 31.77
N SER B 423 -40.17 25.92 31.39
CA SER B 423 -41.10 24.84 31.69
C SER B 423 -41.05 24.41 33.17
N LEU B 424 -40.02 24.88 33.88
CA LEU B 424 -39.90 24.65 35.32
C LEU B 424 -40.63 25.74 36.13
N PRO B 425 -40.99 25.44 37.40
CA PRO B 425 -41.57 26.43 38.32
C PRO B 425 -40.69 27.68 38.50
N THR B 426 -41.29 28.79 38.92
CA THR B 426 -40.61 30.09 38.91
C THR B 426 -41.25 31.14 39.82
N VAL B 427 -40.42 31.91 40.51
CA VAL B 427 -40.87 33.10 41.25
C VAL B 427 -40.14 34.36 40.78
N GLY B 428 -40.91 35.36 40.37
CA GLY B 428 -40.37 36.63 39.85
C GLY B 428 -40.65 37.80 40.78
N VAL B 429 -39.67 38.71 40.90
CA VAL B 429 -39.76 39.86 41.80
C VAL B 429 -39.24 41.14 41.11
N PHE B 430 -40.01 42.23 41.17
CA PHE B 430 -39.67 43.48 40.44
C PHE B 430 -39.78 44.81 41.22
N ALA B 431 -38.97 45.79 40.81
CA ALA B 431 -38.96 47.14 41.41
C ALA B 431 -38.84 48.26 40.37
N LYS B 432 -38.83 49.51 40.83
CA LYS B 432 -38.47 50.67 40.00
C LYS B 432 -36.97 50.63 39.69
N ALA B 433 -36.59 50.95 38.46
CA ALA B 433 -35.18 51.00 38.10
C ALA B 433 -34.64 52.42 38.11
N THR B 434 -33.79 52.70 39.10
CA THR B 434 -33.10 53.98 39.18
C THR B 434 -32.11 54.17 38.01
N ALA B 435 -31.73 55.43 37.79
CA ALA B 435 -30.82 55.83 36.72
C ALA B 435 -29.56 54.94 36.53
N GLN B 436 -29.16 54.26 37.60
CA GLN B 436 -27.94 53.45 37.64
C GLN B 436 -28.16 52.02 37.15
N ASP B 437 -29.42 51.60 37.07
CA ASP B 437 -29.77 50.18 36.84
C ASP B 437 -29.89 49.79 35.36
N ASN B 438 -28.81 50.04 34.61
CA ASN B 438 -28.80 49.82 33.16
C ASN B 438 -27.37 49.62 32.66
N PRO B 439 -27.22 48.88 31.53
CA PRO B 439 -25.90 48.48 31.00
C PRO B 439 -24.96 49.65 30.75
N LYS B 440 -25.49 50.79 30.31
CA LYS B 440 -24.67 51.98 30.09
C LYS B 440 -23.91 52.31 31.38
N SER B 441 -24.67 52.52 32.46
CA SER B 441 -24.13 52.94 33.76
C SER B 441 -23.28 51.85 34.40
N ALA B 442 -23.67 50.60 34.18
CA ALA B 442 -22.87 49.45 34.59
C ALA B 442 -21.50 49.47 33.91
N THR B 443 -21.51 49.87 32.64
CA THR B 443 -20.31 49.99 31.81
C THR B 443 -19.47 51.21 32.17
N GLU B 444 -20.14 52.36 32.36
CA GLU B 444 -19.51 53.56 32.90
C GLU B 444 -18.84 53.22 34.23
N GLN B 445 -19.61 52.56 35.11
CA GLN B 445 -19.19 52.23 36.48
C GLN B 445 -17.98 51.32 36.57
N SER B 446 -17.96 50.27 35.76
CA SER B 446 -16.85 49.33 35.76
C SER B 446 -15.78 49.66 34.71
N GLY B 447 -16.03 50.70 33.91
CA GLY B 447 -15.13 51.07 32.82
C GLY B 447 -15.21 50.17 31.59
N THR B 448 -15.82 48.99 31.77
CA THR B 448 -15.86 47.94 30.75
C THR B 448 -17.28 47.51 30.36
N GLY B 449 -17.45 47.21 29.08
CA GLY B 449 -18.67 46.58 28.55
C GLY B 449 -18.46 45.14 28.07
N ILE B 450 -17.82 44.33 28.91
CA ILE B 450 -17.81 42.86 28.81
C ILE B 450 -18.20 42.32 30.18
N ARG B 451 -19.51 42.15 30.40
CA ARG B 451 -20.10 41.97 31.73
C ARG B 451 -19.35 41.01 32.68
N SER B 452 -18.98 39.84 32.17
CA SER B 452 -18.21 38.82 32.91
C SER B 452 -16.97 39.36 33.64
N GLU B 453 -16.30 40.33 33.02
CA GLU B 453 -15.20 41.06 33.64
C GLU B 453 -15.68 41.92 34.82
N SER B 454 -16.69 42.75 34.57
CA SER B 454 -17.16 43.75 35.53
C SER B 454 -17.76 43.11 36.78
N GLU B 455 -18.49 41.95 36.58
CA GLU B 455 -19.13 41.18 37.66
C GLU B 455 -18.14 40.24 38.44
N THR B 456 -16.98 39.94 37.80
CA THR B 456 -15.84 39.04 38.16
C THR B 456 -16.25 37.59 38.02
N GLU B 457 -15.37 36.78 38.58
CA GLU B 457 -15.61 35.37 38.60
C GLU B 457 -15.68 34.89 40.05
N SER B 458 -16.16 35.78 40.96
CA SER B 458 -16.15 35.44 42.40
C SER B 458 -17.47 34.93 43.02
N GLU B 459 -17.32 34.18 44.09
CA GLU B 459 -18.40 33.52 44.81
C GLU B 459 -18.53 34.22 46.16
N ALA B 460 -19.56 35.05 46.30
CA ALA B 460 -19.74 35.94 47.45
C ALA B 460 -19.29 35.34 48.79
N SER B 461 -18.41 36.09 49.46
CA SER B 461 -17.80 35.69 50.73
C SER B 461 -18.78 35.03 51.70
N GLU B 462 -19.58 35.86 52.37
CA GLU B 462 -20.58 35.38 53.31
C GLU B 462 -21.86 36.21 53.20
N ILE B 463 -23.00 35.52 53.18
CA ILE B 463 -24.27 36.21 53.01
C ILE B 463 -25.24 35.93 54.16
N THR B 464 -25.81 37.01 54.69
CA THR B 464 -26.95 36.91 55.61
C THR B 464 -28.08 37.81 55.12
N ILE B 465 -29.22 37.77 55.80
CA ILE B 465 -30.39 38.56 55.44
C ILE B 465 -30.26 40.00 55.97
N PRO B 466 -30.09 40.98 55.05
CA PRO B 466 -29.80 42.36 55.43
C PRO B 466 -31.05 43.23 55.64
N PRO B 467 -31.22 43.77 56.87
CA PRO B 467 -32.30 44.74 57.11
C PRO B 467 -32.32 45.86 56.06
N SER B 468 -33.50 46.13 55.50
CA SER B 468 -33.67 47.15 54.46
C SER B 468 -33.14 48.50 54.87
N VAL B 477 -44.07 53.82 43.54
CA VAL B 477 -44.07 52.59 42.76
C VAL B 477 -45.43 52.32 42.09
N GLU B 478 -45.39 51.90 40.83
CA GLU B 478 -46.58 51.55 40.04
C GLU B 478 -46.34 50.37 39.09
N GLY B 479 -47.40 49.98 38.37
CA GLY B 479 -47.33 48.86 37.42
C GLY B 479 -46.60 49.21 36.14
N GLU B 480 -46.84 50.40 35.63
CA GLU B 480 -46.20 50.87 34.39
C GLU B 480 -44.72 51.22 34.56
N ASP B 481 -44.31 51.44 35.81
CA ASP B 481 -42.97 51.96 36.12
C ASP B 481 -41.87 50.89 36.23
N TYR B 482 -42.19 49.65 35.86
CA TYR B 482 -41.24 48.51 35.98
C TYR B 482 -39.88 48.76 35.37
N GLY B 483 -38.86 48.12 35.93
CA GLY B 483 -37.48 48.35 35.47
C GLY B 483 -36.48 47.26 35.79
N LYS B 484 -36.32 46.93 37.07
CA LYS B 484 -35.32 45.94 37.51
C LYS B 484 -35.97 44.80 38.27
N GLY B 485 -35.35 43.61 38.22
CA GLY B 485 -35.91 42.46 38.91
C GLY B 485 -35.12 41.16 38.89
N VAL B 486 -35.62 40.18 39.65
CA VAL B 486 -34.99 38.88 39.82
C VAL B 486 -35.99 37.73 39.62
N ILE B 487 -35.52 36.64 39.03
CA ILE B 487 -36.34 35.46 38.77
C ILE B 487 -35.67 34.19 39.29
N PHE B 488 -36.34 33.49 40.20
CA PHE B 488 -35.79 32.28 40.80
C PHE B 488 -36.31 31.01 40.13
N TYR B 489 -35.37 30.16 39.73
CA TYR B 489 -35.68 28.89 39.09
C TYR B 489 -35.53 27.77 40.09
N LEU B 490 -36.64 27.07 40.31
CA LEU B 490 -36.80 26.21 41.47
C LEU B 490 -37.03 24.74 41.15
N ARG B 491 -36.46 23.89 41.98
CA ARG B 491 -36.74 22.46 41.99
C ARG B 491 -36.77 22.03 43.44
N ASP B 492 -37.89 21.43 43.87
CA ASP B 492 -38.11 20.97 45.25
C ASP B 492 -38.18 22.15 46.22
N LYS B 493 -38.44 23.33 45.64
CA LYS B 493 -38.34 24.66 46.28
C LYS B 493 -36.90 25.10 46.68
N VAL B 494 -35.90 24.58 45.95
CA VAL B 494 -34.49 24.96 46.08
C VAL B 494 -34.12 25.88 44.92
N VAL B 495 -33.35 26.93 45.19
CA VAL B 495 -32.93 27.86 44.14
C VAL B 495 -31.84 27.22 43.28
N VAL B 496 -32.24 26.77 42.10
CA VAL B 496 -31.31 26.18 41.13
C VAL B 496 -31.43 26.91 39.80
N GLY B 497 -31.16 28.21 39.85
CA GLY B 497 -31.19 29.05 38.65
C GLY B 497 -31.70 30.45 38.93
N ILE B 498 -31.02 31.44 38.34
CA ILE B 498 -31.38 32.84 38.53
C ILE B 498 -31.29 33.67 37.23
N VAL B 499 -32.22 34.60 37.07
CA VAL B 499 -32.16 35.59 35.98
C VAL B 499 -32.21 36.99 36.56
N LEU B 500 -31.24 37.81 36.17
CA LEU B 500 -31.16 39.19 36.62
C LEU B 500 -31.49 40.16 35.48
N TRP B 501 -32.68 40.73 35.55
CA TRP B 501 -33.13 41.72 34.59
C TRP B 501 -32.80 43.11 35.11
N ASN B 502 -31.85 43.77 34.44
CA ASN B 502 -31.41 45.13 34.78
C ASN B 502 -30.90 45.30 36.21
N VAL B 503 -30.29 44.23 36.72
CA VAL B 503 -29.68 44.25 38.04
C VAL B 503 -28.21 43.88 37.88
N PHE B 504 -27.33 44.75 38.38
CA PHE B 504 -25.91 44.63 38.08
C PHE B 504 -25.01 44.63 39.32
N ASN B 505 -23.85 44.00 39.18
CA ASN B 505 -22.86 43.85 40.26
C ASN B 505 -23.34 42.99 41.44
N ARG B 506 -24.41 42.23 41.22
CA ARG B 506 -24.99 41.38 42.25
C ARG B 506 -24.79 39.90 41.94
N MET B 507 -24.09 39.64 40.84
CA MET B 507 -23.80 38.28 40.40
C MET B 507 -22.97 37.45 41.41
N PRO B 508 -21.98 38.08 42.10
CA PRO B 508 -21.25 37.32 43.12
C PRO B 508 -22.19 36.64 44.11
N ILE B 509 -23.19 37.39 44.58
CA ILE B 509 -24.14 36.87 45.55
C ILE B 509 -24.92 35.69 44.99
N ALA B 510 -25.52 35.88 43.82
CA ALA B 510 -26.33 34.85 43.16
C ALA B 510 -25.67 33.46 43.15
N ARG B 511 -24.36 33.44 42.92
CA ARG B 511 -23.59 32.20 42.88
C ARG B 511 -23.52 31.53 44.26
N LYS B 512 -23.17 32.32 45.28
CA LYS B 512 -23.20 31.84 46.66
C LYS B 512 -24.55 31.14 46.94
N ILE B 513 -25.64 31.84 46.64
CA ILE B 513 -27.01 31.39 46.89
C ILE B 513 -27.32 30.01 46.29
N ILE B 514 -26.88 29.79 45.06
CA ILE B 514 -27.11 28.52 44.37
C ILE B 514 -26.20 27.40 44.92
N LYS B 515 -24.96 27.75 45.22
CA LYS B 515 -23.99 26.79 45.77
C LYS B 515 -24.38 26.36 47.18
N ASP B 516 -25.01 27.27 47.94
CA ASP B 516 -25.64 26.93 49.22
C ASP B 516 -26.72 25.87 49.05
N GLY B 517 -27.35 25.85 47.88
CA GLY B 517 -28.39 24.86 47.54
C GLY B 517 -29.47 24.75 48.60
N GLU B 518 -29.72 25.84 49.32
CA GLU B 518 -30.70 25.89 50.42
C GLU B 518 -32.13 26.16 49.94
N GLN B 519 -33.05 26.16 50.91
CA GLN B 519 -34.47 26.49 50.68
C GLN B 519 -34.89 27.67 51.54
N HIS B 520 -35.62 28.60 50.94
CA HIS B 520 -36.04 29.82 51.61
C HIS B 520 -37.55 29.92 51.59
N GLU B 521 -38.15 29.77 52.77
CA GLU B 521 -39.60 29.81 52.91
C GLU B 521 -40.19 31.16 52.46
N ASP B 522 -39.39 32.23 52.54
CA ASP B 522 -39.80 33.55 52.08
C ASP B 522 -38.75 34.07 51.10
N LEU B 523 -39.10 34.09 49.82
CA LEU B 523 -38.17 34.48 48.75
C LEU B 523 -38.03 35.99 48.54
N ASN B 524 -38.94 36.76 49.13
CA ASN B 524 -38.94 38.22 49.00
C ASN B 524 -37.82 38.90 49.78
N GLU B 525 -37.53 38.37 50.98
CA GLU B 525 -36.41 38.83 51.81
C GLU B 525 -35.07 38.47 51.15
N VAL B 526 -35.11 37.52 50.22
CA VAL B 526 -33.95 37.11 49.44
C VAL B 526 -33.73 38.07 48.27
N ALA B 527 -34.82 38.66 47.77
CA ALA B 527 -34.75 39.62 46.67
C ALA B 527 -33.99 40.90 47.04
N LYS B 528 -34.24 41.43 48.24
CA LYS B 528 -33.57 42.64 48.76
C LYS B 528 -32.04 42.62 48.67
N LEU B 529 -31.48 41.44 48.41
CA LEU B 529 -30.04 41.26 48.19
C LEU B 529 -29.63 41.82 46.85
N PHE B 530 -30.62 42.07 46.00
CA PHE B 530 -30.39 42.56 44.64
C PHE B 530 -30.87 44.00 44.51
N ASN B 531 -30.99 44.66 45.66
CA ASN B 531 -31.54 46.02 45.78
C ASN B 531 -32.93 46.13 45.14
N ILE B 532 -33.80 45.20 45.53
CA ILE B 532 -35.15 45.10 44.96
C ILE B 532 -36.25 45.47 45.97
N HIS B 533 -36.90 46.60 45.72
CA HIS B 533 -38.01 47.14 46.51
C HIS B 533 -37.74 47.35 48.01
N PRO C 51 -0.45 7.38 60.13
CA PRO C 51 -0.75 7.19 58.71
C PRO C 51 0.38 6.45 57.98
N SER C 52 0.23 6.31 56.65
CA SER C 52 1.30 5.76 55.81
C SER C 52 1.15 6.26 54.38
N HIS C 53 2.21 6.05 53.58
CA HIS C 53 2.23 6.42 52.19
C HIS C 53 2.53 5.18 51.35
N VAL C 54 2.01 5.17 50.13
CA VAL C 54 2.29 4.10 49.16
C VAL C 54 2.05 4.66 47.75
N PRO C 55 3.02 4.49 46.83
CA PRO C 55 2.82 5.14 45.54
C PRO C 55 1.65 4.54 44.75
N PHE C 56 1.57 3.21 44.70
CA PHE C 56 0.48 2.51 44.01
C PHE C 56 -0.48 1.88 44.99
N LEU C 57 -1.72 2.37 44.97
CA LEU C 57 -2.77 1.86 45.84
C LEU C 57 -3.90 1.24 45.02
N LEU C 58 -4.12 -0.05 45.20
CA LEU C 58 -5.26 -0.72 44.55
C LEU C 58 -6.39 -0.97 45.53
N ILE C 59 -7.61 -0.60 45.16
CA ILE C 59 -8.72 -0.73 46.09
C ILE C 59 -9.60 -1.92 45.73
N GLY C 60 -9.70 -2.87 46.66
CA GLY C 60 -10.41 -4.14 46.44
C GLY C 60 -9.45 -5.19 45.93
N GLY C 61 -9.59 -6.42 46.41
CA GLY C 61 -8.57 -7.43 46.16
C GLY C 61 -8.97 -8.57 45.25
N GLY C 62 -9.51 -8.23 44.09
CA GLY C 62 -10.00 -9.24 43.16
C GLY C 62 -9.14 -9.48 41.93
N THR C 63 -9.82 -9.85 40.84
CA THR C 63 -9.17 -10.18 39.57
C THR C 63 -8.46 -9.00 38.93
N ALA C 64 -9.22 -7.91 38.74
CA ALA C 64 -8.71 -6.65 38.18
C ALA C 64 -7.58 -6.03 39.00
N ALA C 65 -7.67 -6.19 40.32
CA ALA C 65 -6.64 -5.70 41.23
C ALA C 65 -5.35 -6.48 41.03
N PHE C 66 -5.43 -7.81 41.14
CA PHE C 66 -4.22 -8.61 40.98
C PHE C 66 -3.60 -8.46 39.58
N ALA C 67 -4.44 -8.38 38.55
CA ALA C 67 -3.95 -8.25 37.18
C ALA C 67 -3.03 -7.03 36.97
N ALA C 68 -3.50 -5.86 37.43
CA ALA C 68 -2.75 -4.61 37.36
C ALA C 68 -1.52 -4.67 38.26
N ALA C 69 -1.69 -5.26 39.44
CA ALA C 69 -0.56 -5.46 40.35
C ALA C 69 0.61 -6.12 39.63
N ARG C 70 0.34 -7.21 38.89
CA ARG C 70 1.33 -7.89 38.04
C ARG C 70 2.04 -7.00 37.02
N SER C 71 1.28 -6.20 36.29
CA SER C 71 1.83 -5.39 35.24
C SER C 71 2.47 -4.11 35.78
N ILE C 72 2.06 -3.66 36.97
CA ILE C 72 2.77 -2.52 37.57
C ILE C 72 4.22 -2.97 37.81
N ARG C 73 4.38 -4.01 38.63
CA ARG C 73 5.64 -4.73 38.79
C ARG C 73 6.42 -4.96 37.49
N ALA C 74 5.76 -5.26 36.39
CA ALA C 74 6.49 -5.61 35.18
C ALA C 74 6.99 -4.40 34.39
N ARG C 75 6.12 -3.39 34.19
CA ARG C 75 6.52 -2.14 33.53
C ARG C 75 7.55 -1.45 34.39
N ASP C 76 7.39 -1.64 35.75
CA ASP C 76 8.36 -1.10 36.71
C ASP C 76 8.90 -2.07 37.78
N PRO C 77 10.18 -2.45 37.67
CA PRO C 77 10.83 -3.11 38.81
C PRO C 77 10.81 -2.15 40.01
N GLY C 78 11.09 -2.65 41.22
CA GLY C 78 11.12 -1.79 42.40
C GLY C 78 9.85 -1.01 42.77
N ALA C 79 8.72 -1.32 42.14
CA ALA C 79 7.45 -0.66 42.46
C ALA C 79 6.89 -1.12 43.79
N ARG C 80 6.34 -0.18 44.56
CA ARG C 80 5.66 -0.50 45.79
C ARG C 80 4.18 -0.47 45.52
N VAL C 81 3.53 -1.60 45.74
CA VAL C 81 2.08 -1.71 45.49
C VAL C 81 1.35 -2.29 46.69
N LEU C 82 0.30 -1.60 47.11
CA LEU C 82 -0.55 -2.11 48.18
C LEU C 82 -2.01 -2.32 47.70
N ILE C 83 -2.55 -3.50 48.02
CA ILE C 83 -3.96 -3.85 47.83
C ILE C 83 -4.74 -3.80 49.16
N VAL C 84 -5.84 -3.08 49.18
CA VAL C 84 -6.74 -3.11 50.32
C VAL C 84 -7.93 -4.01 49.94
N SER C 85 -8.15 -5.09 50.70
CA SER C 85 -9.29 -5.99 50.46
C SER C 85 -10.30 -6.02 51.61
N GLU C 86 -11.56 -5.73 51.27
CA GLU C 86 -12.68 -5.89 52.20
C GLU C 86 -12.76 -7.35 52.60
N ASP C 87 -12.58 -8.26 51.63
CA ASP C 87 -12.41 -9.70 51.88
C ASP C 87 -11.26 -9.99 52.85
N PRO C 88 -11.44 -11.01 53.72
CA PRO C 88 -10.32 -11.47 54.55
C PRO C 88 -9.37 -12.40 53.79
N GLU C 89 -9.67 -12.64 52.51
CA GLU C 89 -8.92 -13.61 51.71
C GLU C 89 -7.92 -12.96 50.78
N LEU C 90 -6.89 -13.72 50.44
CA LEU C 90 -5.93 -13.34 49.39
C LEU C 90 -6.60 -13.52 48.04
N PRO C 91 -6.30 -12.64 47.06
CA PRO C 91 -6.93 -12.65 45.74
C PRO C 91 -7.07 -14.03 45.10
N TYR C 92 -8.33 -14.46 45.04
CA TYR C 92 -8.76 -15.66 44.35
C TYR C 92 -9.58 -15.29 43.12
N MET C 93 -9.59 -16.18 42.14
CA MET C 93 -10.45 -16.07 40.97
C MET C 93 -11.78 -16.76 41.27
N ARG C 94 -12.88 -16.28 40.67
CA ARG C 94 -14.21 -16.77 41.06
C ARG C 94 -14.77 -17.97 40.28
N PRO C 95 -14.59 -17.99 38.95
CA PRO C 95 -15.15 -19.09 38.12
C PRO C 95 -15.21 -20.49 38.77
N PRO C 96 -14.09 -21.04 39.26
CA PRO C 96 -14.13 -22.30 40.01
C PRO C 96 -15.21 -22.44 41.10
N LEU C 97 -15.62 -21.34 41.73
CA LEU C 97 -16.59 -21.37 42.82
C LEU C 97 -17.97 -21.94 42.44
N SER C 98 -18.37 -21.69 41.20
CA SER C 98 -19.67 -22.12 40.72
C SER C 98 -19.52 -23.37 39.89
N LYS C 99 -18.28 -23.68 39.54
CA LYS C 99 -18.00 -24.84 38.71
C LYS C 99 -17.10 -25.81 39.46
N GLU C 100 -16.14 -26.41 38.74
CA GLU C 100 -15.18 -27.39 39.24
C GLU C 100 -15.28 -27.77 40.72
N LEU C 101 -15.34 -26.77 41.60
CA LEU C 101 -15.29 -26.99 43.05
C LEU C 101 -16.41 -27.82 43.65
N TRP C 102 -17.48 -28.01 42.89
CA TRP C 102 -18.56 -28.88 43.30
C TRP C 102 -18.36 -30.30 42.77
N PHE C 103 -17.43 -30.46 41.84
CA PHE C 103 -17.14 -31.76 41.22
C PHE C 103 -15.79 -32.28 41.69
N SER C 104 -15.76 -32.67 42.96
CA SER C 104 -14.56 -33.09 43.69
C SER C 104 -15.07 -33.78 44.95
N ASP C 105 -14.73 -35.06 45.11
CA ASP C 105 -15.21 -35.85 46.23
C ASP C 105 -14.38 -35.66 47.50
N ASP C 106 -13.17 -35.13 47.33
CA ASP C 106 -12.21 -34.99 48.42
C ASP C 106 -12.58 -33.83 49.37
N PRO C 107 -13.03 -34.16 50.61
CA PRO C 107 -13.49 -33.15 51.57
C PRO C 107 -12.43 -32.16 52.07
N ASN C 108 -11.16 -32.45 51.86
CA ASN C 108 -10.08 -31.50 52.20
C ASN C 108 -10.04 -30.36 51.18
N VAL C 109 -10.64 -30.62 50.02
CA VAL C 109 -10.76 -29.64 48.94
C VAL C 109 -11.55 -28.40 49.37
N THR C 110 -12.65 -28.59 50.11
CA THR C 110 -13.41 -27.46 50.65
C THR C 110 -12.56 -26.59 51.58
N LYS C 111 -11.63 -27.23 52.28
CA LYS C 111 -10.76 -26.55 53.25
C LYS C 111 -9.61 -25.84 52.56
N THR C 112 -9.00 -26.50 51.57
CA THR C 112 -7.80 -25.97 50.91
C THR C 112 -8.07 -25.13 49.67
N LEU C 113 -9.16 -25.45 48.97
CA LEU C 113 -9.48 -24.83 47.67
C LEU C 113 -8.44 -25.19 46.62
N GLN C 114 -8.09 -26.48 46.58
CA GLN C 114 -7.25 -27.02 45.55
C GLN C 114 -8.16 -27.85 44.67
N PHE C 115 -8.79 -27.18 43.71
CA PHE C 115 -9.84 -27.81 42.89
C PHE C 115 -9.26 -28.67 41.79
N ARG C 116 -10.01 -29.69 41.42
CA ARG C 116 -9.68 -30.52 40.28
C ARG C 116 -10.24 -29.85 39.04
N GLN C 117 -9.38 -29.65 38.05
CA GLN C 117 -9.84 -29.26 36.73
C GLN C 117 -10.56 -30.46 36.14
N TRP C 118 -11.22 -30.28 35.00
CA TRP C 118 -12.02 -31.36 34.43
C TRP C 118 -11.18 -32.59 34.06
N ASN C 119 -9.92 -32.35 33.72
CA ASN C 119 -8.97 -33.43 33.43
C ASN C 119 -8.38 -34.06 34.69
N GLY C 120 -8.47 -33.35 35.80
CA GLY C 120 -7.98 -33.84 37.08
C GLY C 120 -6.99 -32.87 37.68
N LYS C 121 -5.83 -32.75 37.03
CA LYS C 121 -4.77 -31.80 37.42
C LYS C 121 -5.28 -30.71 38.37
N GLU C 122 -4.78 -30.72 39.61
CA GLU C 122 -5.16 -29.73 40.63
C GLU C 122 -4.78 -28.31 40.23
N ARG C 123 -5.50 -27.33 40.77
CA ARG C 123 -5.06 -25.94 40.73
C ARG C 123 -5.58 -25.15 41.92
N SER C 124 -4.96 -24.01 42.18
CA SER C 124 -5.28 -23.17 43.32
C SER C 124 -6.21 -22.05 42.94
N ILE C 125 -7.30 -21.91 43.67
CA ILE C 125 -8.23 -20.81 43.50
C ILE C 125 -7.49 -19.48 43.57
N TYR C 126 -6.33 -19.51 44.23
CA TYR C 126 -5.51 -18.31 44.40
C TYR C 126 -4.56 -18.12 43.23
N PHE C 127 -4.49 -16.87 42.77
CA PHE C 127 -3.66 -16.52 41.65
C PHE C 127 -2.18 -16.87 41.85
N GLN C 128 -1.70 -16.74 43.09
CA GLN C 128 -0.34 -17.14 43.43
C GLN C 128 -0.33 -17.65 44.88
N PRO C 129 0.59 -18.55 45.22
CA PRO C 129 0.89 -18.87 46.62
C PRO C 129 1.17 -17.61 47.45
N PRO C 130 0.87 -17.63 48.77
CA PRO C 130 1.06 -16.46 49.61
C PRO C 130 2.47 -15.84 49.60
N SER C 131 3.51 -16.62 49.90
CA SER C 131 4.87 -16.10 50.09
C SER C 131 5.34 -15.16 48.99
N PHE C 132 4.68 -15.26 47.81
CA PHE C 132 4.90 -14.34 46.67
C PHE C 132 4.78 -12.90 47.11
N TYR C 133 3.87 -12.64 48.03
CA TYR C 133 3.67 -11.29 48.51
C TYR C 133 4.69 -10.87 49.55
N VAL C 134 4.59 -9.60 49.92
CA VAL C 134 5.30 -9.08 51.06
C VAL C 134 4.26 -8.58 52.05
N SER C 135 4.66 -8.41 53.30
CA SER C 135 3.74 -7.97 54.33
C SER C 135 3.53 -6.46 54.24
N ALA C 136 2.28 -6.02 54.44
CA ALA C 136 1.95 -4.59 54.53
C ALA C 136 2.97 -3.84 55.40
N GLN C 137 3.10 -4.32 56.64
CA GLN C 137 4.05 -3.79 57.60
C GLN C 137 5.42 -3.61 56.94
N ASP C 138 5.96 -4.70 56.39
CA ASP C 138 7.31 -4.70 55.81
C ASP C 138 7.45 -3.88 54.53
N LEU C 139 6.36 -3.73 53.78
CA LEU C 139 6.44 -3.06 52.46
C LEU C 139 7.35 -1.81 52.41
N PRO C 140 7.10 -0.76 53.21
CA PRO C 140 7.97 0.42 53.14
C PRO C 140 9.48 0.10 53.17
N ASN C 141 9.86 -0.92 53.94
CA ASN C 141 11.26 -1.32 54.10
C ASN C 141 11.72 -2.43 53.13
N ILE C 142 11.53 -2.20 51.83
CA ILE C 142 12.01 -3.13 50.80
C ILE C 142 12.57 -2.37 49.58
N GLU C 143 13.89 -2.43 49.39
CA GLU C 143 14.55 -1.83 48.22
C GLU C 143 13.86 -2.16 46.89
N ASN C 144 13.63 -3.46 46.68
CA ASN C 144 12.88 -4.00 45.53
C ASN C 144 11.43 -3.55 45.54
N GLY C 145 10.84 -3.46 46.73
CA GLY C 145 9.38 -3.34 46.84
C GLY C 145 8.70 -4.65 46.44
N GLY C 146 7.37 -4.61 46.29
CA GLY C 146 6.61 -5.79 45.91
C GLY C 146 5.11 -5.54 45.94
N VAL C 147 4.37 -6.57 46.30
CA VAL C 147 2.92 -6.44 46.40
C VAL C 147 2.47 -6.83 47.81
N ALA C 148 1.63 -6.00 48.39
CA ALA C 148 1.11 -6.28 49.73
C ALA C 148 -0.37 -6.17 49.71
N VAL C 149 -1.02 -6.96 50.55
CA VAL C 149 -2.47 -6.91 50.68
C VAL C 149 -2.85 -6.83 52.14
N LEU C 150 -3.68 -5.84 52.45
CA LEU C 150 -4.22 -5.75 53.78
C LEU C 150 -5.61 -6.38 53.80
N THR C 151 -5.69 -7.65 54.15
CA THR C 151 -6.94 -8.41 54.16
C THR C 151 -7.90 -7.92 55.26
N GLY C 152 -9.20 -8.00 54.98
CA GLY C 152 -10.22 -7.61 55.95
C GLY C 152 -10.30 -6.12 56.29
N LYS C 153 -10.03 -5.28 55.30
CA LYS C 153 -10.20 -3.82 55.46
C LYS C 153 -10.91 -3.16 54.27
N LYS C 154 -11.83 -2.26 54.56
CA LYS C 154 -12.66 -1.57 53.56
C LYS C 154 -12.33 -0.07 53.50
N VAL C 155 -12.28 0.49 52.30
CA VAL C 155 -12.01 1.93 52.14
C VAL C 155 -13.31 2.72 52.22
N VAL C 156 -13.33 3.79 53.02
CA VAL C 156 -14.61 4.42 53.38
C VAL C 156 -14.73 5.92 53.06
N HIS C 157 -13.60 6.55 52.78
CA HIS C 157 -13.56 7.92 52.26
C HIS C 157 -12.41 8.03 51.29
N LEU C 158 -12.68 8.67 50.16
CA LEU C 158 -11.65 8.86 49.14
C LEU C 158 -11.44 10.35 48.88
N ASP C 159 -10.31 10.87 49.31
CA ASP C 159 -10.01 12.27 49.05
C ASP C 159 -9.12 12.41 47.81
N VAL C 160 -9.78 12.65 46.68
CA VAL C 160 -9.13 12.82 45.39
C VAL C 160 -8.15 13.98 45.39
N ARG C 161 -8.60 15.14 45.87
CA ARG C 161 -7.81 16.37 45.86
C ARG C 161 -6.56 16.22 46.74
N GLY C 162 -6.71 15.46 47.82
CA GLY C 162 -5.61 15.25 48.75
C GLY C 162 -4.81 14.02 48.46
N ASN C 163 -5.16 13.33 47.38
CA ASN C 163 -4.56 12.03 47.02
C ASN C 163 -4.29 11.09 48.20
N MET C 164 -5.35 10.84 48.97
CA MET C 164 -5.29 9.93 50.12
C MET C 164 -6.65 9.31 50.40
N VAL C 165 -6.67 8.32 51.30
CA VAL C 165 -7.93 7.64 51.68
C VAL C 165 -8.05 7.52 53.19
N LYS C 166 -9.20 7.02 53.65
CA LYS C 166 -9.39 6.61 55.04
C LYS C 166 -9.94 5.18 55.03
N LEU C 167 -9.71 4.43 56.10
CA LEU C 167 -10.23 3.06 56.22
C LEU C 167 -11.30 2.91 57.30
N ASN C 168 -11.86 1.70 57.42
CA ASN C 168 -12.87 1.42 58.45
C ASN C 168 -12.34 1.47 59.88
N ASP C 169 -11.05 1.16 60.06
CA ASP C 169 -10.42 1.27 61.38
C ASP C 169 -10.00 2.70 61.73
N GLY C 170 -9.74 3.52 60.71
CA GLY C 170 -9.42 4.94 60.91
C GLY C 170 -8.04 5.39 60.45
N SER C 171 -7.26 4.46 59.91
CA SER C 171 -5.93 4.80 59.38
C SER C 171 -6.04 5.53 58.03
N GLN C 172 -5.01 6.31 57.72
CA GLN C 172 -4.94 7.07 56.47
C GLN C 172 -3.77 6.61 55.63
N ILE C 173 -4.02 6.39 54.34
CA ILE C 173 -2.95 6.11 53.41
C ILE C 173 -2.96 7.17 52.35
N THR C 174 -1.82 7.80 52.11
CA THR C 174 -1.66 8.71 50.97
C THR C 174 -1.05 7.93 49.84
N PHE C 175 -1.44 8.27 48.63
CA PHE C 175 -0.94 7.56 47.47
C PHE C 175 -0.45 8.50 46.37
N GLU C 176 0.24 7.95 45.38
CA GLU C 176 0.57 8.72 44.18
C GLU C 176 -0.35 8.35 43.01
N LYS C 177 -0.61 7.06 42.87
CA LYS C 177 -1.48 6.54 41.83
C LYS C 177 -2.51 5.61 42.51
N CYS C 178 -3.74 5.60 42.01
CA CYS C 178 -4.80 4.81 42.63
C CYS C 178 -5.56 3.99 41.59
N LEU C 179 -6.02 2.80 42.00
CA LEU C 179 -6.93 1.99 41.19
C LEU C 179 -8.14 1.54 41.96
N ILE C 180 -9.31 1.74 41.37
CA ILE C 180 -10.53 1.27 41.99
C ILE C 180 -11.04 0.01 41.30
N ALA C 181 -10.96 -1.11 42.01
CA ALA C 181 -11.28 -2.43 41.47
C ALA C 181 -12.26 -3.16 42.42
N THR C 182 -13.24 -2.41 42.89
CA THR C 182 -14.09 -2.83 43.99
C THR C 182 -15.20 -3.81 43.61
N GLY C 183 -15.20 -4.30 42.38
CA GLY C 183 -16.20 -5.27 41.93
C GLY C 183 -17.60 -4.84 42.32
N GLY C 184 -18.45 -5.81 42.66
CA GLY C 184 -19.83 -5.52 42.99
C GLY C 184 -20.44 -6.39 44.06
N THR C 185 -21.66 -6.05 44.45
CA THR C 185 -22.44 -6.78 45.42
C THR C 185 -23.61 -7.46 44.69
N PRO C 186 -23.83 -8.78 44.95
CA PRO C 186 -24.91 -9.47 44.27
C PRO C 186 -26.23 -8.81 44.65
N ARG C 187 -27.11 -8.61 43.67
CA ARG C 187 -28.38 -7.98 43.96
C ARG C 187 -29.22 -8.92 44.78
N SER C 188 -29.99 -8.32 45.68
CA SER C 188 -30.88 -9.08 46.55
C SER C 188 -32.27 -9.13 45.93
N LEU C 189 -33.29 -9.19 46.77
CA LEU C 189 -34.64 -9.27 46.29
C LEU C 189 -35.51 -8.28 47.05
N SER C 190 -36.22 -7.45 46.31
CA SER C 190 -37.13 -6.48 46.89
C SER C 190 -37.81 -7.10 48.11
N ALA C 191 -38.40 -8.27 47.92
CA ALA C 191 -39.12 -9.00 48.97
C ALA C 191 -38.23 -9.44 50.13
N ILE C 192 -37.01 -9.89 49.84
CA ILE C 192 -36.10 -10.37 50.90
C ILE C 192 -35.49 -9.23 51.73
N ASP C 193 -35.80 -8.00 51.36
CA ASP C 193 -35.44 -6.85 52.19
C ASP C 193 -36.56 -6.51 53.17
N ARG C 194 -37.81 -6.56 52.70
CA ARG C 194 -39.00 -6.40 53.57
C ARG C 194 -39.26 -7.63 54.44
N ALA C 195 -38.60 -8.74 54.11
CA ALA C 195 -38.78 -10.00 54.83
C ALA C 195 -38.08 -9.95 56.19
N GLY C 196 -38.65 -10.64 57.18
CA GLY C 196 -38.07 -10.74 58.52
C GLY C 196 -36.59 -11.09 58.52
N ALA C 197 -35.90 -10.72 59.60
CA ALA C 197 -34.48 -11.04 59.76
C ALA C 197 -34.31 -12.53 59.99
N GLU C 198 -35.37 -13.17 60.51
CA GLU C 198 -35.43 -14.62 60.65
C GLU C 198 -35.21 -15.29 59.30
N VAL C 199 -36.00 -14.88 58.31
CA VAL C 199 -35.89 -15.38 56.93
C VAL C 199 -34.67 -14.80 56.21
N LYS C 200 -34.42 -13.52 56.44
CA LYS C 200 -33.32 -12.79 55.81
C LYS C 200 -31.98 -13.47 56.05
N SER C 201 -31.79 -14.00 57.27
CA SER C 201 -30.54 -14.66 57.65
C SER C 201 -30.44 -16.10 57.14
N ARG C 202 -31.41 -16.51 56.33
CA ARG C 202 -31.38 -17.82 55.68
C ARG C 202 -31.44 -17.70 54.15
N THR C 203 -31.14 -16.51 53.65
CA THR C 203 -30.85 -16.27 52.23
C THR C 203 -29.36 -16.01 52.14
N THR C 204 -28.73 -16.51 51.09
CA THR C 204 -27.30 -16.25 50.86
C THR C 204 -27.03 -15.77 49.44
N LEU C 205 -26.45 -14.58 49.33
CA LEU C 205 -25.98 -14.04 48.05
C LEU C 205 -24.68 -14.73 47.70
N PHE C 206 -24.64 -15.42 46.57
CA PHE C 206 -23.48 -16.23 46.20
C PHE C 206 -22.47 -15.44 45.37
N ARG C 207 -21.29 -15.16 45.96
CA ARG C 207 -20.20 -14.46 45.27
C ARG C 207 -18.80 -14.74 45.83
N LYS C 208 -18.68 -14.83 47.15
CA LYS C 208 -17.36 -14.92 47.79
C LYS C 208 -16.88 -16.36 48.02
N ILE C 209 -15.74 -16.54 48.68
CA ILE C 209 -15.29 -17.87 49.13
C ILE C 209 -16.15 -18.34 50.31
N GLY C 210 -16.29 -17.45 51.30
CA GLY C 210 -17.20 -17.67 52.42
C GLY C 210 -18.53 -18.19 51.91
N ASP C 211 -19.05 -17.55 50.86
CA ASP C 211 -20.33 -17.93 50.25
C ASP C 211 -20.36 -19.39 49.75
N PHE C 212 -19.29 -19.83 49.09
CA PHE C 212 -19.17 -21.23 48.64
C PHE C 212 -19.21 -22.20 49.82
N ARG C 213 -18.39 -21.96 50.84
CA ARG C 213 -18.38 -22.82 52.04
C ARG C 213 -19.72 -22.87 52.74
N ALA C 214 -20.29 -21.69 52.97
CA ALA C 214 -21.58 -21.53 53.61
C ALA C 214 -22.64 -22.40 52.96
N LEU C 215 -22.63 -22.44 51.63
CA LEU C 215 -23.62 -23.20 50.90
C LEU C 215 -23.32 -24.70 50.94
N GLU C 216 -22.05 -25.07 50.77
CA GLU C 216 -21.67 -26.47 50.76
C GLU C 216 -22.12 -27.16 52.03
N LYS C 217 -21.90 -26.50 53.17
CA LYS C 217 -22.27 -27.05 54.48
C LYS C 217 -23.79 -27.22 54.66
N ILE C 218 -24.57 -26.61 53.77
CA ILE C 218 -26.02 -26.80 53.75
C ILE C 218 -26.37 -27.97 52.80
N SER C 219 -25.54 -28.16 51.78
CA SER C 219 -25.80 -29.14 50.71
C SER C 219 -25.77 -30.59 51.19
N ARG C 220 -25.04 -30.84 52.28
CA ARG C 220 -25.05 -32.17 52.92
C ARG C 220 -25.86 -32.13 54.23
N GLU C 221 -26.87 -31.27 54.29
CA GLU C 221 -27.60 -31.05 55.55
C GLU C 221 -29.13 -31.16 55.46
N VAL C 222 -29.77 -30.15 54.85
CA VAL C 222 -31.23 -30.07 54.77
C VAL C 222 -31.78 -30.84 53.57
N LYS C 223 -33.10 -30.92 53.50
CA LYS C 223 -33.78 -31.74 52.49
C LYS C 223 -34.04 -31.01 51.17
N SER C 224 -33.98 -29.68 51.18
CA SER C 224 -34.29 -28.88 49.99
C SER C 224 -33.48 -27.60 49.85
N ILE C 225 -33.09 -27.28 48.63
CA ILE C 225 -32.52 -25.96 48.32
C ILE C 225 -33.22 -25.35 47.11
N THR C 226 -33.18 -24.02 47.04
CA THR C 226 -33.90 -23.20 46.06
C THR C 226 -32.99 -22.12 45.52
N VAL C 227 -33.10 -21.86 44.22
CA VAL C 227 -32.26 -20.88 43.54
C VAL C 227 -33.09 -19.85 42.77
N ILE C 228 -33.15 -18.61 43.27
CA ILE C 228 -33.75 -17.53 42.50
C ILE C 228 -32.68 -16.94 41.57
N GLY C 229 -32.71 -17.37 40.31
CA GLY C 229 -31.71 -16.93 39.34
C GLY C 229 -31.82 -17.63 37.99
N GLY C 230 -32.00 -16.83 36.95
CA GLY C 230 -32.18 -17.35 35.60
C GLY C 230 -30.87 -17.61 34.89
N GLY C 231 -30.03 -16.59 34.79
CA GLY C 231 -28.82 -16.62 33.99
C GLY C 231 -27.84 -17.76 34.23
N PHE C 232 -26.56 -17.47 34.06
CA PHE C 232 -25.53 -18.51 34.15
C PHE C 232 -25.22 -18.92 35.58
N LEU C 233 -25.00 -17.96 36.48
CA LEU C 233 -24.72 -18.30 37.87
C LEU C 233 -25.72 -19.35 38.33
N GLY C 234 -27.00 -18.99 38.32
CA GLY C 234 -28.08 -19.86 38.80
C GLY C 234 -27.99 -21.25 38.23
N SER C 235 -27.87 -21.31 36.91
CA SER C 235 -27.90 -22.59 36.19
C SER C 235 -26.62 -23.38 36.34
N GLU C 236 -25.53 -22.71 36.68
CA GLU C 236 -24.28 -23.40 37.06
C GLU C 236 -24.50 -24.10 38.40
N LEU C 237 -25.05 -23.35 39.35
CA LEU C 237 -25.33 -23.87 40.67
C LEU C 237 -26.28 -25.04 40.61
N ALA C 238 -27.37 -24.88 39.86
CA ALA C 238 -28.33 -25.95 39.63
C ALA C 238 -27.64 -27.29 39.40
N CYS C 239 -26.85 -27.39 38.33
CA CYS C 239 -26.09 -28.61 38.03
C CYS C 239 -25.23 -29.07 39.19
N ALA C 240 -24.46 -28.14 39.75
CA ALA C 240 -23.59 -28.44 40.89
C ALA C 240 -24.38 -29.10 42.00
N LEU C 241 -25.44 -28.43 42.43
CA LEU C 241 -26.33 -28.98 43.44
C LEU C 241 -26.92 -30.31 42.99
N GLY C 242 -27.41 -30.34 41.75
CA GLY C 242 -28.00 -31.54 41.14
C GLY C 242 -27.12 -32.77 41.07
N ARG C 243 -25.80 -32.58 41.01
CA ARG C 243 -24.86 -33.70 41.09
C ARG C 243 -24.70 -34.09 42.54
N LYS C 244 -24.42 -33.08 43.36
CA LYS C 244 -24.41 -33.24 44.83
C LYS C 244 -25.71 -33.86 45.35
N SER C 245 -26.76 -33.78 44.54
CA SER C 245 -28.08 -34.33 44.87
C SER C 245 -28.20 -35.82 44.56
N GLN C 246 -27.46 -36.27 43.55
CA GLN C 246 -27.52 -37.67 43.12
C GLN C 246 -26.90 -38.59 44.15
N ALA C 247 -26.22 -37.99 45.12
CA ALA C 247 -25.72 -38.70 46.28
C ALA C 247 -26.69 -38.54 47.45
N SER C 248 -27.12 -37.30 47.70
CA SER C 248 -27.86 -36.98 48.93
C SER C 248 -29.38 -37.13 48.83
N GLY C 249 -29.91 -37.17 47.60
CA GLY C 249 -31.36 -37.25 47.38
C GLY C 249 -32.05 -35.98 47.80
N ILE C 250 -31.44 -34.84 47.49
CA ILE C 250 -31.89 -33.55 47.96
C ILE C 250 -32.74 -32.80 46.92
N GLU C 251 -33.73 -32.07 47.38
CA GLU C 251 -34.62 -31.32 46.49
C GLU C 251 -33.96 -30.02 46.07
N VAL C 252 -33.81 -29.83 44.77
CA VAL C 252 -33.15 -28.64 44.23
C VAL C 252 -34.07 -27.94 43.25
N ILE C 253 -34.53 -26.75 43.63
CA ILE C 253 -35.48 -25.96 42.83
C ILE C 253 -34.81 -24.72 42.25
N GLN C 254 -35.16 -24.37 41.02
CA GLN C 254 -34.61 -23.17 40.36
C GLN C 254 -35.70 -22.32 39.72
N LEU C 255 -36.09 -21.23 40.40
CA LEU C 255 -37.22 -20.41 39.92
C LEU C 255 -36.82 -19.02 39.40
N PHE C 256 -37.44 -18.61 38.29
CA PHE C 256 -37.12 -17.32 37.66
C PHE C 256 -38.31 -16.74 36.86
N PRO C 257 -38.26 -15.43 36.55
CA PRO C 257 -39.37 -14.82 35.80
C PRO C 257 -39.38 -15.09 34.29
N GLU C 258 -38.26 -15.52 33.72
CA GLU C 258 -38.15 -15.73 32.28
C GLU C 258 -38.73 -17.06 31.90
N LYS C 259 -39.08 -17.22 30.62
CA LYS C 259 -39.61 -18.47 30.11
C LYS C 259 -38.56 -19.60 30.13
N GLY C 260 -37.28 -19.25 30.30
CA GLY C 260 -36.22 -20.25 30.31
C GLY C 260 -34.87 -19.86 30.90
N ASN C 261 -33.98 -20.84 30.98
CA ASN C 261 -32.62 -20.65 31.48
C ASN C 261 -31.76 -19.77 30.59
N MET C 262 -31.41 -18.60 31.09
CA MET C 262 -30.66 -17.61 30.32
C MET C 262 -31.54 -17.04 29.22
N GLY C 263 -32.85 -17.07 29.46
CA GLY C 263 -33.83 -16.65 28.46
C GLY C 263 -33.75 -15.19 28.05
N LYS C 264 -33.02 -14.40 28.84
CA LYS C 264 -32.74 -13.02 28.51
C LYS C 264 -31.57 -12.92 27.53
N ILE C 265 -30.74 -13.96 27.52
CA ILE C 265 -29.60 -14.06 26.62
C ILE C 265 -29.91 -15.04 25.50
N LEU C 266 -30.12 -16.30 25.84
CA LEU C 266 -30.25 -17.35 24.81
C LEU C 266 -31.53 -17.28 23.97
N PRO C 267 -31.41 -17.63 22.69
CA PRO C 267 -32.58 -17.89 21.85
C PRO C 267 -33.53 -18.89 22.50
N GLN C 268 -34.81 -18.74 22.15
CA GLN C 268 -35.93 -19.57 22.61
C GLN C 268 -35.53 -21.04 22.85
N TYR C 269 -35.08 -21.69 21.79
CA TYR C 269 -34.80 -23.13 21.80
C TYR C 269 -33.67 -23.54 22.71
N LEU C 270 -32.58 -22.77 22.69
CA LEU C 270 -31.43 -23.07 23.53
C LEU C 270 -31.81 -22.83 24.98
N SER C 271 -32.31 -21.63 25.27
CA SER C 271 -32.91 -21.32 26.57
C SER C 271 -33.68 -22.53 27.09
N ASN C 272 -34.44 -23.16 26.19
CA ASN C 272 -35.22 -24.34 26.55
C ASN C 272 -34.44 -25.67 26.63
N TRP C 273 -33.42 -25.83 25.78
CA TRP C 273 -32.59 -27.03 25.77
C TRP C 273 -31.74 -27.10 27.02
N THR C 274 -31.36 -25.92 27.52
CA THR C 274 -30.65 -25.80 28.80
C THR C 274 -31.60 -26.17 29.93
N MET C 275 -32.75 -25.51 29.97
CA MET C 275 -33.77 -25.83 30.96
C MET C 275 -33.97 -27.33 30.97
N GLU C 276 -33.71 -27.95 29.82
CA GLU C 276 -33.85 -29.40 29.70
C GLU C 276 -32.68 -30.18 30.30
N LYS C 277 -31.45 -29.79 29.97
CA LYS C 277 -30.28 -30.47 30.51
C LYS C 277 -30.13 -30.27 32.03
N VAL C 278 -30.69 -29.16 32.52
CA VAL C 278 -30.72 -28.85 33.96
C VAL C 278 -31.78 -29.70 34.68
N LYS C 279 -32.97 -29.81 34.08
CA LYS C 279 -33.95 -30.75 34.60
C LYS C 279 -33.40 -32.19 34.53
N ARG C 280 -32.75 -32.50 33.41
CA ARG C 280 -32.07 -33.78 33.17
C ARG C 280 -31.01 -34.03 34.24
N GLU C 281 -30.69 -32.97 35.00
CA GLU C 281 -29.72 -33.04 36.08
C GLU C 281 -30.31 -33.12 37.48
N GLY C 282 -31.57 -33.52 37.57
CA GLY C 282 -32.25 -33.64 38.86
C GLY C 282 -32.46 -32.28 39.52
N VAL C 283 -33.15 -31.41 38.79
CA VAL C 283 -33.53 -30.08 39.29
C VAL C 283 -35.00 -29.90 38.95
N LYS C 284 -35.78 -29.38 39.88
CA LYS C 284 -37.13 -28.97 39.54
C LYS C 284 -37.06 -27.52 39.07
N VAL C 285 -37.33 -27.31 37.78
CA VAL C 285 -37.18 -26.00 37.16
C VAL C 285 -38.50 -25.26 37.02
N MET C 286 -38.52 -24.00 37.44
CA MET C 286 -39.76 -23.25 37.57
C MET C 286 -39.80 -21.92 36.82
N PRO C 287 -39.95 -21.98 35.49
CA PRO C 287 -39.96 -20.75 34.72
C PRO C 287 -41.25 -19.96 34.93
N ASN C 288 -41.26 -18.69 34.51
CA ASN C 288 -42.42 -17.81 34.59
C ASN C 288 -42.91 -17.66 36.02
N ALA C 289 -41.95 -17.46 36.92
CA ALA C 289 -42.23 -17.39 38.33
C ALA C 289 -41.69 -16.10 38.93
N ILE C 290 -42.59 -15.29 39.45
CA ILE C 290 -42.20 -14.03 40.08
C ILE C 290 -42.55 -14.15 41.56
N VAL C 291 -41.57 -13.87 42.41
CA VAL C 291 -41.71 -13.97 43.86
C VAL C 291 -42.46 -12.76 44.41
N GLN C 292 -43.54 -12.99 45.16
CA GLN C 292 -44.25 -11.88 45.80
C GLN C 292 -43.75 -11.63 47.22
N SER C 293 -43.84 -12.62 48.09
CA SER C 293 -43.52 -12.45 49.50
C SER C 293 -42.61 -13.55 50.02
N VAL C 294 -41.87 -13.23 51.09
CA VAL C 294 -41.12 -14.22 51.84
C VAL C 294 -41.33 -14.03 53.34
N GLY C 295 -41.68 -15.13 54.02
CA GLY C 295 -41.89 -15.11 55.46
C GLY C 295 -41.41 -16.39 56.12
N VAL C 296 -42.19 -16.87 57.08
CA VAL C 296 -41.88 -18.09 57.84
C VAL C 296 -43.17 -18.86 58.14
N SER C 297 -43.16 -20.17 57.87
CA SER C 297 -44.25 -21.07 58.29
C SER C 297 -43.80 -22.52 58.42
N GLY C 298 -44.41 -23.23 59.38
CA GLY C 298 -44.13 -24.64 59.65
C GLY C 298 -42.68 -24.96 59.89
N GLY C 299 -41.91 -23.97 60.34
CA GLY C 299 -40.47 -24.11 60.55
C GLY C 299 -39.63 -23.81 59.30
N ARG C 300 -40.22 -24.05 58.12
CA ARG C 300 -39.50 -23.90 56.84
C ARG C 300 -39.62 -22.49 56.26
N LEU C 301 -39.09 -22.27 55.06
CA LEU C 301 -39.22 -20.99 54.38
C LEU C 301 -40.41 -20.97 53.44
N LEU C 302 -41.20 -19.91 53.51
CA LEU C 302 -42.27 -19.69 52.53
C LEU C 302 -41.88 -18.69 51.45
N ILE C 303 -42.04 -19.11 50.19
CA ILE C 303 -41.87 -18.21 49.06
C ILE C 303 -43.11 -18.26 48.17
N LYS C 304 -44.04 -17.35 48.46
CA LYS C 304 -45.29 -17.22 47.72
C LYS C 304 -45.00 -16.45 46.44
N LEU C 305 -45.25 -17.10 45.29
CA LEU C 305 -45.08 -16.44 44.00
C LEU C 305 -46.18 -15.41 43.77
N LYS C 306 -46.08 -14.68 42.67
CA LYS C 306 -47.04 -13.64 42.40
C LYS C 306 -48.16 -14.18 41.51
N ASP C 307 -47.83 -15.16 40.67
CA ASP C 307 -48.79 -15.74 39.72
C ASP C 307 -49.84 -16.64 40.38
N GLY C 308 -49.48 -17.23 41.53
CA GLY C 308 -50.38 -18.11 42.26
C GLY C 308 -49.65 -19.21 43.00
N ARG C 309 -48.72 -19.88 42.31
CA ARG C 309 -48.00 -21.04 42.86
C ARG C 309 -47.32 -20.67 44.17
N LYS C 310 -47.11 -21.66 45.03
CA LYS C 310 -46.33 -21.42 46.27
C LYS C 310 -45.31 -22.52 46.58
N VAL C 311 -44.15 -22.10 47.09
CA VAL C 311 -42.99 -22.99 47.29
C VAL C 311 -42.52 -23.05 48.74
N GLU C 312 -42.18 -24.26 49.19
CA GLU C 312 -41.68 -24.50 50.54
C GLU C 312 -40.26 -25.07 50.44
N THR C 313 -39.30 -24.42 51.10
CA THR C 313 -37.88 -24.83 51.04
C THR C 313 -37.08 -24.50 52.31
N ASP C 314 -35.90 -25.10 52.38
CA ASP C 314 -35.01 -24.88 53.52
C ASP C 314 -33.98 -23.76 53.28
N HIS C 315 -33.56 -23.55 52.04
CA HIS C 315 -32.59 -22.49 51.76
C HIS C 315 -32.66 -21.84 50.41
N ILE C 316 -32.59 -20.51 50.44
CA ILE C 316 -32.63 -19.68 49.25
C ILE C 316 -31.22 -19.22 48.85
N VAL C 317 -30.93 -19.32 47.55
CA VAL C 317 -29.70 -18.78 46.94
C VAL C 317 -30.08 -17.82 45.81
N THR C 318 -29.52 -16.63 45.78
CA THR C 318 -29.88 -15.64 44.77
C THR C 318 -28.74 -15.31 43.79
N ALA C 319 -29.06 -15.43 42.51
CA ALA C 319 -28.16 -15.10 41.41
C ALA C 319 -28.91 -14.21 40.43
N VAL C 320 -29.38 -13.06 40.93
CA VAL C 320 -30.25 -12.17 40.15
C VAL C 320 -29.46 -10.99 39.55
N GLY C 321 -28.17 -11.22 39.32
CA GLY C 321 -27.31 -10.21 38.76
C GLY C 321 -26.48 -9.51 39.82
N LEU C 322 -25.65 -8.60 39.35
CA LEU C 322 -24.63 -7.94 40.15
C LEU C 322 -24.87 -6.44 40.22
N GLU C 323 -24.52 -5.85 41.36
CA GLU C 323 -24.65 -4.42 41.55
C GLU C 323 -23.27 -3.80 41.76
N PRO C 324 -22.85 -2.92 40.83
CA PRO C 324 -21.54 -2.29 40.93
C PRO C 324 -21.35 -1.55 42.25
N ASN C 325 -20.28 -1.88 42.97
CA ASN C 325 -19.98 -1.24 44.26
C ASN C 325 -19.33 0.12 44.12
N VAL C 326 -20.12 1.17 44.31
CA VAL C 326 -19.66 2.52 44.04
C VAL C 326 -19.86 3.49 45.20
N GLU C 327 -19.79 2.99 46.44
CA GLU C 327 -19.95 3.86 47.61
C GLU C 327 -18.89 4.96 47.64
N LEU C 328 -17.74 4.69 47.02
CA LEU C 328 -16.61 5.60 47.00
C LEU C 328 -16.83 6.87 46.18
N ALA C 329 -17.76 6.82 45.23
CA ALA C 329 -18.10 7.99 44.41
C ALA C 329 -18.36 9.23 45.26
N LYS C 330 -19.55 9.29 45.88
CA LYS C 330 -20.03 10.47 46.64
C LYS C 330 -18.95 11.28 47.35
N THR C 331 -18.27 10.65 48.29
CA THR C 331 -17.27 11.30 49.13
C THR C 331 -16.10 11.83 48.28
N GLY C 332 -15.69 11.02 47.30
CA GLY C 332 -14.60 11.40 46.39
C GLY C 332 -15.00 12.45 45.40
N GLY C 333 -16.19 12.27 44.79
CA GLY C 333 -16.73 13.22 43.83
C GLY C 333 -16.78 12.66 42.43
N LEU C 334 -16.69 11.34 42.30
CA LEU C 334 -16.65 10.68 40.99
C LEU C 334 -18.01 10.52 40.29
N GLU C 335 -17.98 10.59 38.95
CA GLU C 335 -19.18 10.35 38.15
C GLU C 335 -19.54 8.88 38.01
N ILE C 336 -20.76 8.59 38.42
CA ILE C 336 -21.39 7.30 38.24
C ILE C 336 -22.09 7.36 36.89
N ASP C 337 -22.22 6.20 36.22
CA ASP C 337 -22.97 6.12 34.97
C ASP C 337 -24.36 5.52 35.18
N SER C 338 -25.35 6.40 35.26
CA SER C 338 -26.73 6.02 35.57
C SER C 338 -27.44 5.30 34.42
N ASP C 339 -26.64 4.69 33.54
CA ASP C 339 -27.12 3.68 32.61
C ASP C 339 -26.60 2.36 33.16
N PHE C 340 -25.62 1.80 32.45
CA PHE C 340 -25.04 0.46 32.71
C PHE C 340 -24.50 0.27 34.12
N GLY C 341 -24.49 1.33 34.92
CA GLY C 341 -23.96 1.28 36.27
C GLY C 341 -22.46 1.54 36.31
N GLY C 342 -21.91 1.63 37.52
CA GLY C 342 -20.46 1.76 37.70
C GLY C 342 -19.89 3.17 37.56
N PHE C 343 -18.57 3.28 37.71
CA PHE C 343 -17.85 4.54 37.55
C PHE C 343 -17.68 4.87 36.08
N ARG C 344 -17.97 6.10 35.69
CA ARG C 344 -17.61 6.55 34.35
C ARG C 344 -16.09 6.63 34.26
N VAL C 345 -15.51 5.97 33.27
CA VAL C 345 -14.11 6.21 32.89
C VAL C 345 -13.89 6.38 31.38
N ASN C 346 -12.79 7.05 31.02
CA ASN C 346 -12.38 7.19 29.63
C ASN C 346 -11.83 5.89 29.05
N ALA C 347 -11.40 5.95 27.79
CA ALA C 347 -10.91 4.78 27.07
C ALA C 347 -9.55 4.26 27.56
N GLU C 348 -8.93 5.03 28.46
CA GLU C 348 -7.70 4.63 29.11
C GLU C 348 -7.99 4.12 30.52
N LEU C 349 -9.26 3.84 30.78
CA LEU C 349 -9.73 3.41 32.10
C LEU C 349 -9.59 4.45 33.22
N GLN C 350 -9.26 5.68 32.83
CA GLN C 350 -9.02 6.77 33.78
C GLN C 350 -10.25 7.59 34.17
N ALA C 351 -10.47 7.80 35.46
CA ALA C 351 -11.54 8.69 35.88
C ALA C 351 -10.98 10.11 36.04
N ARG C 352 -10.39 10.44 37.19
CA ARG C 352 -9.66 11.70 37.28
C ARG C 352 -8.15 11.52 37.18
N SER C 353 -7.38 12.59 37.37
CA SER C 353 -5.95 12.44 37.44
C SER C 353 -5.56 11.55 38.62
N ASN C 354 -4.83 10.47 38.34
CA ASN C 354 -4.38 9.52 39.37
C ASN C 354 -5.35 8.43 39.77
N ILE C 355 -6.60 8.56 39.36
CA ILE C 355 -7.62 7.57 39.69
C ILE C 355 -8.01 6.78 38.44
N TRP C 356 -7.72 5.48 38.43
CA TRP C 356 -8.14 4.60 37.34
C TRP C 356 -9.12 3.57 37.90
N VAL C 357 -9.86 2.88 37.02
CA VAL C 357 -10.93 1.94 37.40
C VAL C 357 -11.01 0.76 36.43
N ALA C 358 -11.04 -0.47 36.94
CA ALA C 358 -11.09 -1.68 36.09
C ALA C 358 -11.91 -2.82 36.71
N GLY C 359 -12.50 -3.65 35.86
CA GLY C 359 -13.32 -4.78 36.31
C GLY C 359 -14.78 -4.40 36.28
N ASP C 360 -15.61 -5.18 36.99
CA ASP C 360 -17.07 -4.99 37.01
C ASP C 360 -17.54 -3.58 37.34
N ALA C 361 -16.75 -2.85 38.12
CA ALA C 361 -17.09 -1.49 38.52
C ALA C 361 -16.83 -0.41 37.46
N ALA C 362 -16.22 -0.80 36.34
CA ALA C 362 -15.75 0.16 35.33
C ALA C 362 -16.68 0.29 34.14
N CYS C 363 -17.42 1.41 34.09
CA CYS C 363 -18.19 1.78 32.91
C CYS C 363 -17.30 2.51 31.92
N PHE C 364 -16.74 1.78 30.97
CA PHE C 364 -15.71 2.37 30.17
C PHE C 364 -16.26 2.74 28.81
N TYR C 365 -15.54 3.61 28.13
CA TYR C 365 -15.84 3.90 26.74
C TYR C 365 -14.93 3.08 25.81
N ASP C 366 -15.46 1.97 25.30
CA ASP C 366 -14.81 1.32 24.17
C ASP C 366 -14.90 2.31 23.01
N ILE C 367 -13.96 2.23 22.07
CA ILE C 367 -13.94 3.21 20.96
C ILE C 367 -14.70 2.71 19.71
N LYS C 368 -14.81 1.38 19.56
CA LYS C 368 -15.50 0.72 18.44
C LYS C 368 -17.00 0.52 18.73
N LEU C 369 -17.31 -0.32 19.73
CA LEU C 369 -18.68 -0.41 20.28
C LEU C 369 -18.98 0.84 21.13
N GLY C 370 -20.17 0.92 21.71
CA GLY C 370 -20.51 2.04 22.58
C GLY C 370 -19.81 2.06 23.95
N ARG C 371 -20.33 2.92 24.83
CA ARG C 371 -19.94 2.92 26.23
C ARG C 371 -20.57 1.69 26.88
N ARG C 372 -19.78 0.96 27.68
CA ARG C 372 -20.32 -0.23 28.35
C ARG C 372 -19.65 -0.64 29.65
N ARG C 373 -20.14 -1.74 30.21
CA ARG C 373 -19.68 -2.29 31.48
C ARG C 373 -19.98 -3.78 31.50
N VAL C 374 -18.99 -4.58 31.91
CA VAL C 374 -19.16 -6.03 31.93
C VAL C 374 -18.50 -6.76 33.10
N GLU C 375 -19.26 -7.70 33.65
CA GLU C 375 -18.73 -8.67 34.59
C GLU C 375 -18.18 -9.86 33.82
N HIS C 376 -16.88 -9.85 33.60
CA HIS C 376 -16.20 -10.91 32.88
C HIS C 376 -14.89 -11.14 33.57
N HIS C 377 -14.59 -12.39 33.88
CA HIS C 377 -13.24 -12.77 34.27
C HIS C 377 -12.23 -12.17 33.29
N ASP C 378 -12.43 -12.45 32.01
CA ASP C 378 -11.58 -11.95 30.92
C ASP C 378 -11.30 -10.45 31.03
N HIS C 379 -12.37 -9.67 31.01
CA HIS C 379 -12.29 -8.20 31.04
C HIS C 379 -11.63 -7.71 32.30
N ALA C 380 -11.82 -8.43 33.40
CA ALA C 380 -11.22 -8.08 34.68
C ALA C 380 -9.69 -8.34 34.66
N VAL C 381 -9.27 -9.48 34.14
CA VAL C 381 -7.85 -9.73 33.93
C VAL C 381 -7.24 -8.65 33.06
N VAL C 382 -7.84 -8.40 31.90
CA VAL C 382 -7.25 -7.53 30.89
C VAL C 382 -7.35 -6.07 31.25
N SER C 383 -8.54 -5.60 31.62
CA SER C 383 -8.68 -4.18 31.92
C SER C 383 -7.83 -3.88 33.15
N GLY C 384 -7.64 -4.93 33.96
CA GLY C 384 -6.70 -4.89 35.08
C GLY C 384 -5.32 -4.57 34.58
N ARG C 385 -4.69 -5.53 33.91
CA ARG C 385 -3.37 -5.28 33.34
C ARG C 385 -3.29 -3.89 32.67
N LEU C 386 -4.31 -3.52 31.92
CA LEU C 386 -4.31 -2.22 31.24
C LEU C 386 -4.32 -1.03 32.19
N ALA C 387 -5.00 -1.16 33.32
CA ALA C 387 -5.01 -0.11 34.34
C ALA C 387 -3.61 0.11 34.94
N GLY C 388 -2.80 -0.96 34.99
CA GLY C 388 -1.47 -0.90 35.55
C GLY C 388 -0.51 -0.26 34.57
N GLU C 389 -0.65 -0.66 33.31
CA GLU C 389 0.19 -0.15 32.23
C GLU C 389 0.05 1.37 32.19
N ASN C 390 -1.13 1.86 32.51
CA ASN C 390 -1.40 3.28 32.44
C ASN C 390 -0.99 4.05 33.69
N MET C 391 -0.96 3.37 34.83
CA MET C 391 -0.57 4.00 36.07
C MET C 391 0.94 4.23 36.07
N THR C 392 1.65 3.40 35.30
CA THR C 392 3.07 3.56 35.11
C THR C 392 3.31 4.13 33.71
N GLY C 393 2.43 5.04 33.30
CA GLY C 393 2.70 5.92 32.16
C GLY C 393 2.35 5.55 30.73
N ALA C 394 2.22 4.26 30.42
CA ALA C 394 2.00 3.84 29.04
C ALA C 394 1.01 4.70 28.26
N ALA C 395 -0.15 4.99 28.87
CA ALA C 395 -1.22 5.80 28.24
C ALA C 395 -1.79 5.11 26.99
N LYS C 396 -2.41 3.95 27.22
CA LYS C 396 -2.98 3.12 26.16
C LYS C 396 -4.48 3.01 26.30
N PRO C 397 -5.19 2.90 25.16
CA PRO C 397 -6.63 2.65 25.07
C PRO C 397 -7.00 1.19 25.28
N TYR C 398 -8.19 0.95 25.81
CA TYR C 398 -8.80 -0.39 25.85
C TYR C 398 -9.27 -0.82 24.48
N TRP C 399 -8.59 -1.82 23.92
CA TRP C 399 -8.80 -2.25 22.56
C TRP C 399 -8.78 -3.75 22.66
N HIS C 400 -9.88 -4.29 23.17
CA HIS C 400 -9.99 -5.72 23.44
C HIS C 400 -11.45 -6.07 23.51
N GLN C 401 -11.80 -7.17 22.85
CA GLN C 401 -13.16 -7.67 22.86
C GLN C 401 -13.23 -8.79 23.88
N SER C 402 -13.81 -8.49 25.03
CA SER C 402 -13.80 -9.42 26.14
C SER C 402 -14.75 -10.60 25.95
N MET C 403 -14.31 -11.78 26.37
CA MET C 403 -15.15 -12.98 26.25
C MET C 403 -15.76 -13.42 27.58
N PHE C 404 -16.95 -14.00 27.50
CA PHE C 404 -17.56 -14.68 28.64
C PHE C 404 -17.61 -16.17 28.35
N TRP C 405 -17.77 -16.95 29.40
CA TRP C 405 -18.01 -18.35 29.25
C TRP C 405 -18.65 -18.81 30.55
N SER C 406 -19.43 -19.88 30.45
CA SER C 406 -19.95 -20.58 31.60
C SER C 406 -19.88 -22.03 31.19
N ASP C 407 -19.68 -22.92 32.16
CA ASP C 407 -19.79 -24.36 31.92
C ASP C 407 -20.85 -24.97 32.83
N LEU C 408 -21.67 -25.83 32.24
CA LEU C 408 -22.62 -26.61 33.00
C LEU C 408 -22.20 -28.07 32.89
N GLY C 409 -21.50 -28.55 33.92
CA GLY C 409 -20.91 -29.89 33.92
C GLY C 409 -19.70 -29.94 33.01
N PRO C 410 -18.96 -31.06 33.03
CA PRO C 410 -17.85 -31.21 32.08
C PRO C 410 -18.33 -31.43 30.65
N ASP C 411 -19.66 -31.55 30.48
CA ASP C 411 -20.30 -31.88 29.20
C ASP C 411 -20.70 -30.70 28.31
N VAL C 412 -20.99 -29.54 28.92
CA VAL C 412 -21.69 -28.43 28.24
C VAL C 412 -21.07 -27.08 28.54
N GLY C 413 -20.75 -26.33 27.48
CA GLY C 413 -20.13 -25.03 27.63
C GLY C 413 -20.59 -23.99 26.62
N TYR C 414 -20.67 -22.74 27.08
CA TYR C 414 -20.97 -21.63 26.21
C TYR C 414 -19.84 -20.64 26.31
N GLU C 415 -19.53 -19.98 25.20
CA GLU C 415 -18.62 -18.83 25.17
C GLU C 415 -19.34 -17.70 24.47
N ALA C 416 -19.31 -16.49 25.05
CA ALA C 416 -20.02 -15.37 24.46
C ALA C 416 -19.12 -14.17 24.27
N ILE C 417 -19.47 -13.35 23.29
CA ILE C 417 -18.60 -12.26 22.92
C ILE C 417 -19.43 -11.16 22.30
N GLY C 418 -19.15 -9.93 22.68
CA GLY C 418 -19.82 -8.76 22.13
C GLY C 418 -21.22 -8.57 22.68
N LEU C 419 -22.07 -7.94 21.87
CA LEU C 419 -23.42 -7.62 22.26
C LEU C 419 -24.33 -8.82 22.07
N VAL C 420 -24.93 -9.31 23.16
CA VAL C 420 -25.88 -10.43 23.10
C VAL C 420 -27.17 -10.22 23.91
N ASP C 421 -28.27 -9.96 23.22
CA ASP C 421 -29.61 -10.04 23.80
C ASP C 421 -30.51 -10.85 22.88
N SER C 422 -31.32 -11.72 23.48
CA SER C 422 -32.28 -12.62 22.82
C SER C 422 -33.30 -11.94 21.90
N SER C 423 -33.40 -10.62 22.00
CA SER C 423 -34.38 -9.86 21.24
C SER C 423 -33.83 -9.31 19.92
N LEU C 424 -32.54 -9.56 19.70
CA LEU C 424 -31.92 -9.18 18.45
C LEU C 424 -32.26 -10.22 17.40
N PRO C 425 -32.41 -9.80 16.13
CA PRO C 425 -32.57 -10.78 15.06
C PRO C 425 -31.31 -11.61 14.98
N THR C 426 -31.48 -12.92 15.16
CA THR C 426 -30.36 -13.82 15.38
C THR C 426 -30.38 -15.03 14.43
N VAL C 427 -29.19 -15.58 14.13
CA VAL C 427 -29.09 -16.74 13.24
C VAL C 427 -28.13 -17.77 13.79
N GLY C 428 -28.63 -18.99 13.99
CA GLY C 428 -27.84 -20.08 14.58
C GLY C 428 -27.66 -21.28 13.69
N VAL C 429 -26.44 -21.82 13.67
CA VAL C 429 -26.10 -22.96 12.82
C VAL C 429 -25.47 -24.07 13.66
N PHE C 430 -26.04 -25.27 13.56
CA PHE C 430 -25.75 -26.38 14.49
C PHE C 430 -25.30 -27.69 13.81
N ALA C 431 -24.71 -28.60 14.58
CA ALA C 431 -24.15 -29.86 14.04
C ALA C 431 -24.04 -30.99 15.07
N LYS C 432 -23.68 -32.19 14.59
CA LYS C 432 -23.39 -33.33 15.45
C LYS C 432 -22.08 -33.07 16.18
N ALA C 433 -22.13 -33.12 17.52
CA ALA C 433 -20.97 -32.86 18.36
C ALA C 433 -19.85 -33.88 18.15
N THR C 434 -18.60 -33.40 18.18
CA THR C 434 -17.44 -34.26 18.01
C THR C 434 -16.88 -34.70 19.37
N ALA C 435 -15.99 -35.68 19.36
CA ALA C 435 -15.28 -36.13 20.56
C ALA C 435 -14.94 -34.96 21.49
N GLN C 436 -14.28 -33.94 20.94
CA GLN C 436 -13.65 -32.85 21.72
C GLN C 436 -14.53 -31.60 21.91
N ASP C 437 -15.83 -31.76 21.65
CA ASP C 437 -16.78 -30.66 21.76
C ASP C 437 -17.50 -30.60 23.10
N ASN C 438 -16.69 -30.45 24.15
CA ASN C 438 -17.13 -30.25 25.52
C ASN C 438 -16.01 -29.51 26.28
N PRO C 439 -16.31 -28.99 27.48
CA PRO C 439 -15.24 -28.35 28.26
C PRO C 439 -14.15 -29.30 28.80
N LYS C 440 -14.49 -30.56 29.04
CA LYS C 440 -13.48 -31.52 29.51
C LYS C 440 -12.38 -31.70 28.45
N SER C 441 -12.79 -31.80 27.20
CA SER C 441 -11.86 -32.09 26.11
C SER C 441 -11.06 -30.88 25.65
N ALA C 442 -11.34 -29.72 26.26
CA ALA C 442 -10.66 -28.47 25.96
C ALA C 442 -9.79 -28.09 27.15
N THR C 443 -10.15 -28.63 28.30
CA THR C 443 -9.31 -28.63 29.48
C THR C 443 -8.13 -29.56 29.22
N GLU C 444 -8.43 -30.77 28.72
CA GLU C 444 -7.42 -31.75 28.32
C GLU C 444 -6.47 -31.20 27.26
N GLN C 445 -7.07 -30.58 26.24
CA GLN C 445 -6.32 -30.07 25.08
C GLN C 445 -5.47 -28.83 25.35
N SER C 446 -5.73 -28.11 26.44
CA SER C 446 -5.05 -26.84 26.69
C SER C 446 -4.32 -26.78 28.04
N GLY C 447 -4.74 -27.64 28.97
CA GLY C 447 -4.15 -27.70 30.30
C GLY C 447 -4.71 -26.70 31.29
N THR C 448 -5.79 -26.02 30.91
CA THR C 448 -6.47 -25.09 31.81
C THR C 448 -8.01 -25.24 31.83
N GLY C 449 -8.60 -24.94 32.99
CA GLY C 449 -10.04 -24.86 33.13
C GLY C 449 -10.51 -23.40 33.14
N ILE C 450 -9.68 -22.50 32.61
CA ILE C 450 -10.03 -21.09 32.52
C ILE C 450 -10.13 -20.71 31.05
N ARG C 451 -11.36 -20.57 30.60
CA ARG C 451 -11.62 -20.51 29.16
C ARG C 451 -10.88 -19.36 28.47
N SER C 452 -10.90 -18.19 29.10
CA SER C 452 -10.17 -17.04 28.58
C SER C 452 -8.67 -17.32 28.45
N GLU C 453 -8.14 -18.22 29.27
CA GLU C 453 -6.73 -18.59 29.21
C GLU C 453 -6.44 -19.52 28.03
N SER C 454 -7.33 -20.46 27.78
CA SER C 454 -7.18 -21.44 26.70
C SER C 454 -7.39 -20.82 25.33
N GLU C 455 -8.42 -19.99 25.22
CA GLU C 455 -8.80 -19.36 23.95
C GLU C 455 -7.74 -18.40 23.44
N THR C 456 -7.00 -17.77 24.53
CA THR C 456 -6.05 -16.67 24.33
C THR C 456 -6.87 -15.40 24.24
N GLU C 457 -6.17 -14.28 23.99
CA GLU C 457 -6.80 -12.98 23.91
C GLU C 457 -6.60 -12.37 22.52
N SER C 458 -5.97 -13.14 21.63
CA SER C 458 -5.63 -12.67 20.29
C SER C 458 -6.85 -12.52 19.37
N GLU C 459 -6.56 -12.06 18.10
CA GLU C 459 -7.63 -11.60 17.22
C GLU C 459 -7.41 -12.03 15.77
N ALA C 460 -7.41 -13.34 15.55
CA ALA C 460 -7.20 -13.99 14.25
C ALA C 460 -6.85 -13.04 13.10
N SER C 461 -5.58 -13.09 12.69
CA SER C 461 -5.03 -12.21 11.65
C SER C 461 -5.87 -12.15 10.37
N GLU C 462 -6.19 -13.30 9.81
CA GLU C 462 -7.02 -13.39 8.61
C GLU C 462 -8.06 -14.51 8.72
N ILE C 463 -9.12 -14.38 7.92
CA ILE C 463 -10.30 -15.24 8.02
C ILE C 463 -10.61 -15.92 6.69
N THR C 464 -10.15 -17.17 6.56
CA THR C 464 -10.34 -17.96 5.34
C THR C 464 -11.23 -19.19 5.56
N ASP C 481 -29.17 -36.43 17.40
CA ASP C 481 -28.13 -35.64 18.06
C ASP C 481 -27.93 -34.29 17.40
N TYR C 482 -27.68 -33.30 18.25
CA TYR C 482 -27.25 -31.95 17.88
C TYR C 482 -26.57 -31.40 19.12
N GLY C 483 -25.26 -31.13 19.02
CA GLY C 483 -24.45 -30.82 20.19
C GLY C 483 -23.64 -29.55 20.17
N LYS C 484 -23.00 -29.25 19.04
CA LYS C 484 -22.30 -27.98 18.91
C LYS C 484 -23.00 -27.09 17.88
N GLY C 485 -22.77 -25.79 17.98
CA GLY C 485 -23.37 -24.84 17.05
C GLY C 485 -23.01 -23.41 17.36
N VAL C 486 -23.18 -22.52 16.41
CA VAL C 486 -22.85 -21.12 16.66
C VAL C 486 -24.07 -20.25 16.45
N ILE C 487 -24.17 -19.15 17.21
CA ILE C 487 -25.27 -18.23 17.09
C ILE C 487 -24.74 -16.82 16.88
N PHE C 488 -25.11 -16.22 15.75
CA PHE C 488 -24.69 -14.85 15.45
C PHE C 488 -25.81 -13.87 15.74
N TYR C 489 -25.51 -12.89 16.56
CA TYR C 489 -26.47 -11.83 16.84
C TYR C 489 -26.23 -10.66 15.88
N LEU C 490 -27.26 -10.32 15.14
CA LEU C 490 -27.14 -9.32 14.08
C LEU C 490 -27.84 -8.02 14.43
N ARG C 491 -27.46 -6.96 13.73
CA ARG C 491 -28.34 -5.82 13.44
C ARG C 491 -27.84 -5.19 12.16
N ASP C 492 -28.77 -4.89 11.27
CA ASP C 492 -28.47 -4.29 9.96
C ASP C 492 -27.72 -5.25 9.03
N LYS C 493 -27.47 -6.47 9.53
CA LYS C 493 -26.80 -7.56 8.77
C LYS C 493 -25.27 -7.54 8.93
N VAL C 494 -24.82 -6.86 9.97
CA VAL C 494 -23.43 -6.97 10.45
C VAL C 494 -23.52 -7.65 11.81
N VAL C 495 -22.65 -8.65 12.03
CA VAL C 495 -22.64 -9.43 13.25
C VAL C 495 -22.08 -8.63 14.40
N VAL C 496 -22.85 -8.48 15.48
CA VAL C 496 -22.39 -7.72 16.65
C VAL C 496 -22.11 -8.54 17.91
N GLY C 497 -22.74 -9.70 18.02
CA GLY C 497 -22.52 -10.62 19.14
C GLY C 497 -22.54 -12.07 18.72
N ILE C 498 -21.77 -12.91 19.38
CA ILE C 498 -21.71 -14.32 19.01
C ILE C 498 -21.72 -15.18 20.26
N VAL C 499 -22.58 -16.20 20.27
CA VAL C 499 -22.49 -17.26 21.25
C VAL C 499 -21.88 -18.49 20.59
N LEU C 500 -21.10 -19.23 21.36
CA LEU C 500 -20.52 -20.47 20.90
C LEU C 500 -20.96 -21.59 21.80
N TRP C 501 -21.37 -22.69 21.19
CA TRP C 501 -21.96 -23.78 21.93
C TRP C 501 -21.17 -25.03 21.66
N ASN C 502 -20.37 -25.43 22.65
CA ASN C 502 -19.45 -26.56 22.52
C ASN C 502 -18.52 -26.44 21.33
N VAL C 503 -18.12 -25.19 21.09
CA VAL C 503 -17.11 -24.83 20.11
C VAL C 503 -16.01 -24.17 20.91
N PHE C 504 -14.78 -24.65 20.73
CA PHE C 504 -13.65 -24.17 21.51
C PHE C 504 -12.45 -23.85 20.66
N ASN C 505 -11.70 -22.85 21.11
CA ASN C 505 -10.46 -22.40 20.47
C ASN C 505 -10.74 -21.93 19.05
N ARG C 506 -11.71 -21.03 18.93
CA ARG C 506 -12.02 -20.34 17.69
C ARG C 506 -12.34 -18.89 18.02
N MET C 507 -12.37 -18.56 19.32
CA MET C 507 -12.63 -17.19 19.78
C MET C 507 -11.75 -16.12 19.08
N PRO C 508 -10.44 -16.38 18.90
CA PRO C 508 -9.73 -15.57 17.92
C PRO C 508 -10.60 -15.16 16.71
N ILE C 509 -11.07 -16.13 15.93
CA ILE C 509 -11.86 -15.83 14.72
C ILE C 509 -13.17 -15.13 15.05
N ALA C 510 -13.80 -15.49 16.15
CA ALA C 510 -15.03 -14.84 16.59
C ALA C 510 -14.82 -13.36 16.81
N ARG C 511 -13.62 -13.01 17.26
CA ARG C 511 -13.29 -11.63 17.50
C ARG C 511 -13.14 -10.91 16.16
N LYS C 512 -12.45 -11.54 15.23
CA LYS C 512 -12.22 -10.95 13.91
C LYS C 512 -13.55 -10.58 13.26
N ILE C 513 -14.38 -11.59 13.03
CA ILE C 513 -15.71 -11.44 12.44
C ILE C 513 -16.48 -10.22 12.93
N ILE C 514 -16.46 -10.00 14.25
CA ILE C 514 -17.13 -8.84 14.85
C ILE C 514 -16.30 -7.58 14.66
N LYS C 515 -14.99 -7.69 14.84
CA LYS C 515 -14.11 -6.54 14.63
C LYS C 515 -14.24 -6.09 13.19
N ASP C 516 -13.92 -6.99 12.25
CA ASP C 516 -13.99 -6.68 10.81
C ASP C 516 -15.35 -6.21 10.36
N GLY C 517 -16.36 -6.42 11.20
CA GLY C 517 -17.70 -5.88 11.02
C GLY C 517 -18.24 -5.98 9.60
N GLU C 518 -17.90 -7.07 8.92
CA GLU C 518 -18.33 -7.28 7.54
C GLU C 518 -19.77 -7.76 7.44
N GLN C 519 -20.43 -7.41 6.35
CA GLN C 519 -21.70 -7.99 5.98
C GLN C 519 -21.40 -9.37 5.41
N HIS C 520 -22.39 -10.25 5.40
CA HIS C 520 -22.19 -11.60 4.88
C HIS C 520 -23.41 -12.15 4.17
N GLU C 521 -23.41 -12.04 2.84
CA GLU C 521 -24.49 -12.58 2.01
C GLU C 521 -24.93 -13.96 2.50
N ASP C 522 -23.97 -14.74 3.00
CA ASP C 522 -24.24 -16.09 3.50
C ASP C 522 -23.46 -16.36 4.77
N LEU C 523 -24.15 -16.91 5.77
CA LEU C 523 -23.53 -17.16 7.05
C LEU C 523 -23.10 -18.61 7.22
N ASN C 524 -23.82 -19.53 6.59
CA ASN C 524 -23.45 -20.95 6.60
C ASN C 524 -22.00 -21.15 6.23
N GLU C 525 -21.49 -20.25 5.40
CA GLU C 525 -20.09 -20.28 4.96
C GLU C 525 -19.16 -19.85 6.10
N VAL C 526 -19.57 -18.81 6.82
CA VAL C 526 -18.79 -18.31 7.96
C VAL C 526 -18.74 -19.34 9.07
N ALA C 527 -19.86 -20.01 9.32
CA ALA C 527 -19.95 -21.10 10.30
C ALA C 527 -18.97 -22.26 10.01
N LYS C 528 -18.38 -22.28 8.82
CA LYS C 528 -17.39 -23.27 8.47
C LYS C 528 -16.06 -22.93 9.12
N LEU C 529 -15.95 -21.68 9.58
CA LEU C 529 -14.79 -21.21 10.36
C LEU C 529 -14.78 -21.76 11.78
N PHE C 530 -15.90 -22.33 12.20
CA PHE C 530 -16.02 -22.98 13.49
C PHE C 530 -16.16 -24.50 13.30
N ASN C 531 -15.83 -24.96 12.10
CA ASN C 531 -16.01 -26.36 11.68
C ASN C 531 -17.44 -26.89 11.88
N ILE C 532 -18.40 -26.21 11.27
CA ILE C 532 -19.78 -26.66 11.21
C ILE C 532 -20.12 -26.87 9.72
N HIS C 533 -20.48 -28.09 9.35
CA HIS C 533 -20.64 -28.48 7.93
C HIS C 533 -22.09 -28.76 7.52
N PRO D 51 11.82 -1.32 -63.32
CA PRO D 51 12.45 -1.24 -62.00
C PRO D 51 12.22 0.09 -61.25
N SER D 52 10.97 0.53 -61.13
CA SER D 52 10.61 1.57 -60.15
C SER D 52 9.70 0.97 -59.08
N HIS D 53 9.27 -0.26 -59.31
CA HIS D 53 8.61 -1.10 -58.31
C HIS D 53 8.78 -2.63 -58.59
N VAL D 54 8.71 -3.43 -57.53
CA VAL D 54 8.69 -4.89 -57.61
C VAL D 54 8.18 -5.48 -56.30
N PRO D 55 7.23 -6.42 -56.36
CA PRO D 55 6.72 -7.02 -55.12
C PRO D 55 7.70 -7.91 -54.36
N PHE D 56 8.71 -8.46 -55.04
CA PHE D 56 9.70 -9.33 -54.38
C PHE D 56 11.15 -8.95 -54.72
N LEU D 57 11.78 -8.14 -53.86
CA LEU D 57 13.16 -7.71 -54.11
C LEU D 57 14.16 -8.58 -53.37
N LEU D 58 15.14 -9.09 -54.11
CA LEU D 58 16.22 -9.84 -53.52
C LEU D 58 17.53 -9.04 -53.62
N ILE D 59 18.14 -8.72 -52.49
CA ILE D 59 19.35 -7.91 -52.46
C ILE D 59 20.58 -8.80 -52.46
N GLY D 60 21.51 -8.49 -53.35
CA GLY D 60 22.67 -9.35 -53.54
C GLY D 60 22.33 -10.49 -54.46
N GLY D 61 23.28 -10.86 -55.32
CA GLY D 61 23.01 -11.85 -56.36
C GLY D 61 23.86 -13.08 -56.22
N GLY D 62 23.55 -13.88 -55.22
CA GLY D 62 24.39 -15.05 -54.91
C GLY D 62 23.66 -16.39 -54.80
N THR D 63 24.10 -17.17 -53.81
CA THR D 63 23.64 -18.55 -53.67
C THR D 63 22.35 -18.62 -52.86
N ALA D 64 22.22 -17.77 -51.84
CA ALA D 64 20.94 -17.59 -51.14
C ALA D 64 19.94 -16.93 -52.07
N ALA D 65 20.42 -15.90 -52.77
CA ALA D 65 19.65 -15.17 -53.78
C ALA D 65 18.79 -16.08 -54.69
N PHE D 66 19.42 -17.06 -55.33
CA PHE D 66 18.74 -17.93 -56.28
C PHE D 66 17.68 -18.82 -55.61
N ALA D 67 18.10 -19.51 -54.56
CA ALA D 67 17.23 -20.45 -53.86
C ALA D 67 15.93 -19.77 -53.45
N ALA D 68 16.08 -18.56 -52.92
CA ALA D 68 14.99 -17.74 -52.47
C ALA D 68 13.95 -17.50 -53.56
N ALA D 69 14.42 -16.95 -54.67
CA ALA D 69 13.61 -16.72 -55.87
C ALA D 69 12.77 -17.93 -56.27
N ARG D 70 13.43 -19.08 -56.46
CA ARG D 70 12.77 -20.31 -56.89
C ARG D 70 11.63 -20.78 -55.98
N SER D 71 11.80 -20.58 -54.68
CA SER D 71 10.76 -20.90 -53.71
C SER D 71 9.57 -19.96 -53.88
N ILE D 72 9.85 -18.66 -53.95
CA ILE D 72 8.80 -17.64 -54.15
C ILE D 72 8.00 -18.00 -55.39
N ARG D 73 8.71 -18.30 -56.47
CA ARG D 73 8.09 -18.69 -57.72
C ARG D 73 7.14 -19.87 -57.49
N ALA D 74 7.59 -20.83 -56.69
CA ALA D 74 6.83 -22.04 -56.41
C ALA D 74 5.60 -21.79 -55.53
N ARG D 75 5.75 -20.96 -54.50
CA ARG D 75 4.70 -20.80 -53.48
C ARG D 75 3.55 -19.92 -53.95
N ASP D 76 3.88 -18.83 -54.63
CA ASP D 76 2.87 -18.05 -55.33
C ASP D 76 3.28 -18.03 -56.79
N PRO D 77 2.39 -18.53 -57.68
CA PRO D 77 2.65 -18.57 -59.13
C PRO D 77 2.79 -17.14 -59.66
N GLY D 78 2.67 -16.95 -60.98
CA GLY D 78 2.72 -15.62 -61.60
C GLY D 78 3.13 -14.47 -60.67
N ALA D 79 4.33 -14.59 -60.11
CA ALA D 79 4.85 -13.60 -59.18
C ALA D 79 6.14 -13.02 -59.74
N ARG D 80 6.32 -11.72 -59.51
CA ARG D 80 7.44 -11.01 -60.11
C ARG D 80 8.56 -10.83 -59.10
N VAL D 81 9.70 -11.46 -59.41
CA VAL D 81 10.87 -11.46 -58.54
C VAL D 81 12.06 -10.77 -59.20
N LEU D 82 12.71 -9.86 -58.48
CA LEU D 82 13.85 -9.09 -58.98
C LEU D 82 15.05 -9.15 -58.03
N ILE D 83 16.05 -9.91 -58.44
CA ILE D 83 17.34 -10.03 -57.78
C ILE D 83 18.22 -8.84 -58.19
N VAL D 84 18.87 -8.19 -57.23
CA VAL D 84 19.82 -7.09 -57.54
C VAL D 84 21.24 -7.40 -57.05
N SER D 85 22.19 -7.46 -58.00
CA SER D 85 23.59 -7.83 -57.71
C SER D 85 24.62 -6.74 -58.05
N GLU D 86 25.65 -6.67 -57.22
CA GLU D 86 26.78 -5.74 -57.37
C GLU D 86 27.78 -6.19 -58.45
N ASP D 87 28.14 -7.48 -58.43
CA ASP D 87 28.99 -8.08 -59.47
C ASP D 87 28.36 -7.95 -60.85
N PRO D 88 29.19 -7.89 -61.91
CA PRO D 88 28.64 -7.99 -63.25
C PRO D 88 28.54 -9.45 -63.71
N GLU D 89 27.99 -10.32 -62.85
CA GLU D 89 27.85 -11.75 -63.14
C GLU D 89 26.54 -12.33 -62.60
N LEU D 90 25.93 -13.22 -63.38
CA LEU D 90 24.72 -13.96 -62.98
C LEU D 90 25.09 -15.03 -61.94
N PRO D 91 24.17 -15.32 -60.99
CA PRO D 91 24.36 -16.26 -59.87
C PRO D 91 25.18 -17.52 -60.19
N TYR D 92 26.14 -17.83 -59.31
CA TYR D 92 27.13 -18.88 -59.54
C TYR D 92 27.66 -19.56 -58.27
N MET D 93 27.46 -20.87 -58.18
CA MET D 93 27.92 -21.63 -57.01
C MET D 93 29.44 -21.57 -56.82
N ARG D 94 29.86 -21.44 -55.54
CA ARG D 94 31.25 -21.16 -55.18
C ARG D 94 32.22 -22.34 -55.07
N PRO D 95 31.77 -23.51 -54.56
CA PRO D 95 32.68 -24.65 -54.38
C PRO D 95 33.52 -25.10 -55.60
N PRO D 96 33.03 -24.90 -56.85
CA PRO D 96 33.86 -25.13 -58.03
C PRO D 96 35.13 -24.26 -58.10
N LEU D 97 34.99 -22.99 -57.70
CA LEU D 97 36.02 -21.97 -57.85
C LEU D 97 37.37 -22.27 -57.17
N SER D 98 37.33 -23.11 -56.14
CA SER D 98 38.53 -23.45 -55.39
C SER D 98 38.89 -24.94 -55.53
N LYS D 99 38.20 -25.63 -56.45
CA LYS D 99 38.41 -27.05 -56.67
C LYS D 99 38.57 -27.38 -58.15
N GLU D 100 37.48 -27.86 -58.75
CA GLU D 100 37.47 -28.53 -60.06
C GLU D 100 37.91 -27.69 -61.26
N LEU D 101 37.85 -26.36 -61.13
CA LEU D 101 38.30 -25.45 -62.19
C LEU D 101 39.80 -25.57 -62.47
N TRP D 102 40.60 -25.62 -61.41
CA TRP D 102 42.05 -25.67 -61.54
C TRP D 102 42.59 -26.97 -62.16
N PHE D 103 41.76 -28.02 -62.12
CA PHE D 103 42.19 -29.37 -62.50
C PHE D 103 42.02 -29.68 -64.00
N SER D 104 41.53 -28.70 -64.75
CA SER D 104 41.31 -28.84 -66.20
C SER D 104 42.55 -28.48 -67.02
N ASP D 105 42.52 -28.82 -68.30
CA ASP D 105 43.61 -28.48 -69.21
C ASP D 105 43.19 -27.39 -70.20
N ASP D 106 41.91 -27.43 -70.58
CA ASP D 106 41.31 -26.43 -71.49
C ASP D 106 41.69 -24.99 -71.16
N PRO D 107 42.43 -24.33 -72.07
CA PRO D 107 42.82 -22.93 -71.89
C PRO D 107 41.63 -21.97 -71.99
N ASN D 108 40.59 -22.40 -72.71
CA ASN D 108 39.39 -21.58 -72.91
C ASN D 108 38.41 -21.65 -71.75
N VAL D 109 38.63 -22.58 -70.82
CA VAL D 109 37.76 -22.76 -69.65
C VAL D 109 37.60 -21.47 -68.84
N THR D 110 38.68 -20.70 -68.75
CA THR D 110 38.68 -19.40 -68.09
C THR D 110 37.72 -18.41 -68.76
N LYS D 111 37.52 -18.58 -70.07
CA LYS D 111 36.58 -17.75 -70.84
C LYS D 111 35.12 -18.17 -70.57
N THR D 112 34.84 -19.46 -70.72
CA THR D 112 33.47 -19.99 -70.61
C THR D 112 33.08 -20.34 -69.17
N LEU D 113 34.02 -20.93 -68.43
CA LEU D 113 33.81 -21.38 -67.04
C LEU D 113 32.95 -22.64 -66.94
N GLN D 114 33.09 -23.50 -67.97
CA GLN D 114 32.53 -24.84 -67.97
C GLN D 114 33.59 -25.81 -67.46
N PHE D 115 33.44 -26.24 -66.22
CA PHE D 115 34.46 -27.05 -65.57
C PHE D 115 34.19 -28.55 -65.66
N ARG D 116 35.28 -29.33 -65.71
CA ARG D 116 35.19 -30.79 -65.75
C ARG D 116 35.02 -31.33 -64.33
N GLN D 117 34.16 -32.33 -64.20
CA GLN D 117 33.91 -32.97 -62.90
C GLN D 117 34.84 -34.16 -62.61
N TRP D 118 34.76 -34.60 -61.36
CA TRP D 118 35.52 -35.75 -60.85
C TRP D 118 35.28 -37.01 -61.65
N ASN D 119 34.01 -37.29 -61.95
CA ASN D 119 33.61 -38.49 -62.67
C ASN D 119 33.75 -38.38 -64.19
N GLY D 120 34.12 -37.19 -64.66
CA GLY D 120 34.30 -36.93 -66.10
C GLY D 120 33.46 -35.76 -66.57
N LYS D 121 32.26 -36.09 -67.08
CA LYS D 121 31.33 -35.14 -67.70
C LYS D 121 31.09 -33.84 -66.92
N GLU D 122 30.89 -32.74 -67.66
CA GLU D 122 30.88 -31.36 -67.13
C GLU D 122 29.53 -30.82 -66.65
N ARG D 123 29.59 -29.65 -66.01
CA ARG D 123 28.42 -28.80 -65.73
C ARG D 123 28.82 -27.32 -65.72
N SER D 124 27.83 -26.44 -65.59
CA SER D 124 28.05 -24.98 -65.64
C SER D 124 28.11 -24.34 -64.25
N ILE D 125 29.09 -23.47 -64.05
CA ILE D 125 29.28 -22.77 -62.77
C ILE D 125 28.06 -21.93 -62.38
N TYR D 126 27.21 -21.64 -63.36
CA TYR D 126 26.00 -20.88 -63.10
C TYR D 126 24.85 -21.82 -62.80
N PHE D 127 23.83 -21.30 -62.11
CA PHE D 127 22.64 -22.07 -61.80
C PHE D 127 21.70 -22.16 -63.00
N GLN D 128 21.77 -21.16 -63.89
CA GLN D 128 20.91 -21.09 -65.07
C GLN D 128 21.55 -20.33 -66.24
N PRO D 129 21.12 -20.64 -67.48
CA PRO D 129 21.50 -19.76 -68.58
C PRO D 129 20.77 -18.42 -68.47
N PRO D 130 21.31 -17.36 -69.10
CA PRO D 130 20.61 -16.08 -69.21
C PRO D 130 19.20 -16.18 -69.82
N SER D 131 18.95 -17.23 -70.59
CA SER D 131 17.63 -17.46 -71.22
C SER D 131 16.53 -17.82 -70.22
N PHE D 132 16.92 -18.14 -68.99
CA PHE D 132 16.00 -18.48 -67.92
C PHE D 132 15.54 -17.24 -67.12
N TYR D 133 16.35 -16.18 -67.17
CA TYR D 133 15.99 -14.91 -66.56
C TYR D 133 15.19 -14.07 -67.52
N VAL D 134 14.47 -13.09 -67.00
CA VAL D 134 13.83 -12.10 -67.83
C VAL D 134 14.59 -10.79 -67.67
N SER D 135 14.41 -9.88 -68.61
CA SER D 135 15.00 -8.55 -68.52
C SER D 135 14.36 -7.76 -67.40
N ALA D 136 15.10 -6.78 -66.89
CA ALA D 136 14.58 -5.88 -65.89
C ALA D 136 13.40 -5.08 -66.45
N GLN D 137 13.58 -4.52 -67.65
CA GLN D 137 12.56 -3.66 -68.25
C GLN D 137 11.28 -4.43 -68.52
N ASP D 138 11.40 -5.61 -69.13
CA ASP D 138 10.27 -6.47 -69.45
C ASP D 138 9.47 -6.96 -68.23
N LEU D 139 10.11 -6.93 -67.07
CA LEU D 139 9.58 -7.59 -65.88
C LEU D 139 8.14 -7.22 -65.51
N PRO D 140 7.84 -5.91 -65.37
CA PRO D 140 6.46 -5.60 -65.08
C PRO D 140 5.47 -6.08 -66.17
N ASN D 141 5.77 -5.79 -67.44
CA ASN D 141 4.82 -6.02 -68.53
C ASN D 141 4.52 -7.50 -68.82
N ILE D 142 5.53 -8.36 -68.68
CA ILE D 142 5.42 -9.80 -69.01
C ILE D 142 4.31 -10.54 -68.24
N GLU D 143 3.47 -11.25 -69.01
CA GLU D 143 2.39 -12.06 -68.45
C GLU D 143 2.91 -13.24 -67.63
N ASN D 144 2.46 -13.31 -66.38
CA ASN D 144 2.87 -14.35 -65.41
C ASN D 144 4.18 -14.03 -64.69
N GLY D 145 4.72 -12.84 -64.96
CA GLY D 145 5.97 -12.42 -64.36
C GLY D 145 7.09 -13.41 -64.54
N GLY D 146 7.91 -13.54 -63.50
CA GLY D 146 9.13 -14.33 -63.55
C GLY D 146 10.29 -13.62 -62.86
N VAL D 147 11.50 -14.10 -63.13
CA VAL D 147 12.71 -13.62 -62.44
C VAL D 147 13.67 -12.81 -63.31
N ALA D 148 14.11 -11.68 -62.78
CA ALA D 148 15.11 -10.82 -63.42
C ALA D 148 16.33 -10.66 -62.54
N VAL D 149 17.40 -10.11 -63.11
CA VAL D 149 18.61 -9.75 -62.36
C VAL D 149 19.09 -8.40 -62.88
N LEU D 150 19.80 -7.66 -62.03
CA LEU D 150 20.34 -6.37 -62.44
C LEU D 150 21.83 -6.23 -62.06
N THR D 151 22.70 -6.76 -62.92
CA THR D 151 24.14 -6.79 -62.70
C THR D 151 24.77 -5.40 -62.52
N GLY D 152 25.91 -5.36 -61.84
CA GLY D 152 26.73 -4.15 -61.74
C GLY D 152 26.06 -3.00 -61.02
N LYS D 153 25.18 -3.34 -60.07
CA LYS D 153 24.43 -2.33 -59.34
C LYS D 153 24.39 -2.68 -57.84
N LYS D 154 24.98 -1.80 -57.05
CA LYS D 154 25.08 -1.98 -55.62
C LYS D 154 24.03 -1.09 -54.95
N VAL D 155 23.41 -1.62 -53.90
CA VAL D 155 22.51 -0.85 -53.08
C VAL D 155 23.37 -0.05 -52.12
N VAL D 156 23.06 1.24 -51.98
CA VAL D 156 23.80 2.11 -51.07
C VAL D 156 22.90 2.69 -49.98
N HIS D 157 21.61 2.38 -50.04
CA HIS D 157 20.68 2.89 -49.05
C HIS D 157 19.50 1.94 -48.92
N LEU D 158 19.09 1.73 -47.69
CA LEU D 158 17.87 1.01 -47.42
C LEU D 158 17.01 1.91 -46.54
N ASP D 159 15.73 2.01 -46.90
CA ASP D 159 14.73 2.70 -46.09
C ASP D 159 13.64 1.68 -45.78
N VAL D 160 13.70 1.16 -44.55
CA VAL D 160 12.79 0.14 -44.07
C VAL D 160 11.33 0.59 -44.07
N ARG D 161 11.08 1.80 -43.56
CA ARG D 161 9.72 2.35 -43.46
C ARG D 161 9.13 2.77 -44.82
N GLY D 162 9.97 3.25 -45.73
CA GLY D 162 9.51 3.59 -47.07
C GLY D 162 9.34 2.37 -47.94
N ASN D 163 9.93 1.25 -47.50
CA ASN D 163 9.99 -0.01 -48.26
C ASN D 163 10.66 0.26 -49.59
N MET D 164 11.86 0.83 -49.54
CA MET D 164 12.52 1.23 -50.76
C MET D 164 14.05 1.09 -50.69
N VAL D 165 14.70 1.08 -51.85
CA VAL D 165 16.16 1.09 -51.94
C VAL D 165 16.67 2.07 -53.00
N LYS D 166 17.72 2.80 -52.66
CA LYS D 166 18.48 3.57 -53.63
C LYS D 166 19.62 2.70 -54.17
N LEU D 167 19.95 2.91 -55.43
CA LEU D 167 21.13 2.26 -56.03
C LEU D 167 22.28 3.24 -56.18
N ASN D 168 23.45 2.74 -56.57
CA ASN D 168 24.63 3.61 -56.68
C ASN D 168 24.46 4.76 -57.67
N ASP D 169 23.84 4.47 -58.82
CA ASP D 169 23.55 5.49 -59.83
C ASP D 169 22.50 6.54 -59.39
N GLY D 170 21.72 6.20 -58.36
CA GLY D 170 20.71 7.12 -57.85
C GLY D 170 19.27 6.69 -58.09
N SER D 171 19.08 5.76 -59.02
CA SER D 171 17.76 5.19 -59.29
C SER D 171 17.19 4.48 -58.07
N GLN D 172 15.87 4.59 -57.90
CA GLN D 172 15.15 4.03 -56.76
C GLN D 172 14.19 2.89 -57.14
N ILE D 173 14.13 1.88 -56.27
CA ILE D 173 13.21 0.74 -56.37
C ILE D 173 12.40 0.62 -55.08
N THR D 174 11.08 0.52 -55.20
CA THR D 174 10.23 0.27 -54.02
C THR D 174 9.75 -1.17 -54.08
N PHE D 175 9.32 -1.71 -52.96
CA PHE D 175 8.98 -3.12 -52.90
C PHE D 175 7.85 -3.48 -51.96
N GLU D 176 7.54 -4.77 -51.92
CA GLU D 176 6.57 -5.29 -50.98
C GLU D 176 7.27 -6.21 -50.01
N LYS D 177 7.99 -7.20 -50.53
CA LYS D 177 8.79 -8.06 -49.66
C LYS D 177 10.25 -8.04 -50.08
N CYS D 178 11.14 -7.88 -49.09
CA CYS D 178 12.56 -7.76 -49.34
C CYS D 178 13.40 -8.84 -48.64
N LEU D 179 14.48 -9.26 -49.29
CA LEU D 179 15.44 -10.18 -48.69
C LEU D 179 16.85 -9.63 -48.80
N ILE D 180 17.64 -9.79 -47.73
CA ILE D 180 19.04 -9.38 -47.79
C ILE D 180 19.95 -10.58 -47.79
N ALA D 181 20.68 -10.72 -48.89
CA ALA D 181 21.61 -11.81 -49.09
C ALA D 181 22.89 -11.31 -49.77
N THR D 182 23.40 -10.19 -49.25
CA THR D 182 24.70 -9.66 -49.66
C THR D 182 25.84 -10.58 -49.29
N GLY D 183 25.56 -11.56 -48.43
CA GLY D 183 26.57 -12.51 -47.96
C GLY D 183 27.75 -11.84 -47.29
N GLY D 184 28.96 -12.20 -47.73
CA GLY D 184 30.18 -11.72 -47.10
C GLY D 184 31.32 -11.27 -47.99
N THR D 185 32.30 -10.63 -47.36
CA THR D 185 33.52 -10.15 -48.01
C THR D 185 34.75 -10.73 -47.28
N PRO D 186 35.78 -11.14 -48.03
CA PRO D 186 37.02 -11.65 -47.43
C PRO D 186 37.68 -10.64 -46.48
N ARG D 187 38.31 -11.17 -45.43
CA ARG D 187 39.09 -10.35 -44.51
C ARG D 187 40.53 -10.20 -44.99
N SER D 188 41.15 -9.08 -44.63
CA SER D 188 42.59 -8.84 -44.84
C SER D 188 43.29 -8.53 -43.51
N LEU D 189 44.57 -8.87 -43.41
CA LEU D 189 45.30 -8.75 -42.14
C LEU D 189 45.84 -7.36 -41.87
N SER D 190 45.82 -7.00 -40.58
CA SER D 190 46.30 -5.73 -40.03
C SER D 190 47.64 -5.27 -40.63
N ALA D 191 48.54 -6.23 -40.85
CA ALA D 191 49.81 -5.95 -41.50
C ALA D 191 49.59 -5.44 -42.94
N ILE D 192 48.87 -6.23 -43.74
CA ILE D 192 48.71 -5.96 -45.17
C ILE D 192 47.72 -4.83 -45.45
N ASP D 193 46.71 -4.70 -44.60
CA ASP D 193 45.72 -3.62 -44.72
C ASP D 193 46.38 -2.25 -44.58
N ARG D 194 47.18 -2.09 -43.53
CA ARG D 194 47.88 -0.83 -43.25
C ARG D 194 49.18 -0.66 -44.04
N ALA D 195 49.61 -1.72 -44.72
CA ALA D 195 50.81 -1.68 -45.56
C ALA D 195 50.62 -0.79 -46.79
N GLY D 196 51.70 -0.55 -47.52
CA GLY D 196 51.72 0.39 -48.66
C GLY D 196 50.71 0.15 -49.77
N ALA D 197 50.43 1.19 -50.55
CA ALA D 197 49.54 1.09 -51.72
C ALA D 197 50.20 0.30 -52.85
N GLU D 198 51.54 0.28 -52.85
CA GLU D 198 52.32 -0.49 -53.80
C GLU D 198 52.27 -2.00 -53.50
N VAL D 199 52.28 -2.34 -52.21
CA VAL D 199 52.16 -3.74 -51.79
C VAL D 199 50.69 -4.18 -51.79
N LYS D 200 49.79 -3.20 -51.71
CA LYS D 200 48.35 -3.45 -51.82
C LYS D 200 48.00 -3.88 -53.24
N SER D 201 48.80 -3.44 -54.21
CA SER D 201 48.62 -3.80 -55.61
C SER D 201 49.38 -5.08 -55.97
N ARG D 202 49.72 -5.87 -54.95
CA ARG D 202 50.41 -7.14 -55.13
C ARG D 202 49.74 -8.23 -54.29
N THR D 203 48.59 -7.90 -53.73
CA THR D 203 47.83 -8.79 -52.85
C THR D 203 46.40 -8.92 -53.35
N THR D 204 45.99 -10.14 -53.71
CA THR D 204 44.61 -10.40 -54.12
C THR D 204 43.83 -11.13 -53.03
N LEU D 205 42.60 -10.66 -52.78
CA LEU D 205 41.66 -11.32 -51.86
C LEU D 205 40.79 -12.26 -52.70
N PHE D 206 40.33 -13.37 -52.11
CA PHE D 206 39.69 -14.42 -52.92
C PHE D 206 38.23 -14.75 -52.58
N ARG D 207 37.35 -14.59 -53.59
CA ARG D 207 35.90 -14.85 -53.45
C ARG D 207 35.14 -14.97 -54.78
N LYS D 208 35.50 -14.12 -55.75
CA LYS D 208 34.73 -13.98 -57.00
C LYS D 208 35.40 -14.62 -58.22
N ILE D 209 34.71 -14.59 -59.36
CA ILE D 209 35.25 -15.04 -60.65
C ILE D 209 36.32 -14.06 -61.15
N GLY D 210 36.12 -12.78 -60.86
CA GLY D 210 37.08 -11.74 -61.23
C GLY D 210 38.47 -12.04 -60.70
N ASP D 211 38.50 -12.64 -59.50
CA ASP D 211 39.74 -13.02 -58.83
C ASP D 211 40.32 -14.36 -59.33
N PHE D 212 39.43 -15.32 -59.61
CA PHE D 212 39.84 -16.59 -60.21
C PHE D 212 40.58 -16.35 -61.53
N ARG D 213 40.03 -15.51 -62.39
CA ARG D 213 40.67 -15.12 -63.64
C ARG D 213 41.97 -14.36 -63.40
N ALA D 214 41.93 -13.35 -62.54
CA ALA D 214 43.09 -12.53 -62.19
C ALA D 214 44.26 -13.40 -61.72
N LEU D 215 43.99 -14.29 -60.76
CA LEU D 215 45.03 -15.20 -60.25
C LEU D 215 45.42 -16.29 -61.23
N GLU D 216 44.46 -16.91 -61.89
CA GLU D 216 44.74 -17.92 -62.92
C GLU D 216 45.82 -17.38 -63.86
N LYS D 217 45.66 -16.13 -64.27
CA LYS D 217 46.64 -15.46 -65.14
C LYS D 217 47.92 -15.12 -64.38
N ILE D 218 47.79 -14.78 -63.09
CA ILE D 218 48.95 -14.50 -62.23
C ILE D 218 49.72 -15.80 -61.91
N SER D 219 48.99 -16.91 -61.81
CA SER D 219 49.58 -18.22 -61.49
C SER D 219 50.58 -18.72 -62.52
N ARG D 220 50.60 -18.06 -63.68
CA ARG D 220 51.54 -18.43 -64.75
C ARG D 220 52.45 -17.26 -65.15
N GLU D 221 52.59 -16.28 -64.27
CA GLU D 221 53.36 -15.06 -64.57
C GLU D 221 54.42 -14.61 -63.56
N VAL D 222 54.22 -14.92 -62.27
CA VAL D 222 55.21 -14.56 -61.24
C VAL D 222 55.90 -15.77 -60.60
N LYS D 223 57.13 -15.57 -60.14
CA LYS D 223 58.00 -16.65 -59.65
C LYS D 223 57.64 -17.25 -58.28
N SER D 224 56.86 -16.52 -57.48
CA SER D 224 56.47 -16.98 -56.14
C SER D 224 55.16 -16.39 -55.65
N ILE D 225 54.32 -17.25 -55.06
CA ILE D 225 53.01 -16.85 -54.50
C ILE D 225 52.80 -17.53 -53.14
N THR D 226 52.16 -16.82 -52.20
CA THR D 226 51.87 -17.35 -50.87
C THR D 226 50.38 -17.25 -50.51
N VAL D 227 49.81 -18.36 -50.03
CA VAL D 227 48.41 -18.41 -49.62
C VAL D 227 48.29 -18.49 -48.10
N ILE D 228 47.99 -17.35 -47.48
CA ILE D 228 47.76 -17.23 -46.04
C ILE D 228 46.46 -17.95 -45.63
N GLY D 229 46.45 -18.54 -44.44
CA GLY D 229 45.24 -19.15 -43.90
C GLY D 229 45.33 -20.66 -43.73
N GLY D 230 44.76 -21.15 -42.64
CA GLY D 230 44.86 -22.56 -42.29
C GLY D 230 43.63 -23.36 -42.66
N GLY D 231 42.47 -22.69 -42.60
CA GLY D 231 41.18 -23.30 -42.88
C GLY D 231 41.05 -23.94 -44.26
N PHE D 232 39.91 -24.59 -44.47
CA PHE D 232 39.64 -25.34 -45.71
C PHE D 232 39.93 -24.57 -47.00
N LEU D 233 39.60 -23.27 -47.04
CA LEU D 233 39.84 -22.44 -48.22
C LEU D 233 41.32 -22.21 -48.50
N GLY D 234 42.07 -21.88 -47.45
CA GLY D 234 43.53 -21.71 -47.55
C GLY D 234 44.29 -22.96 -47.94
N SER D 235 43.67 -24.13 -47.74
CA SER D 235 44.27 -25.42 -48.07
C SER D 235 43.85 -25.93 -49.44
N GLU D 236 42.69 -25.48 -49.93
CA GLU D 236 42.20 -25.85 -51.25
C GLU D 236 42.93 -25.07 -52.35
N LEU D 237 43.23 -23.80 -52.08
CA LEU D 237 43.99 -22.96 -53.02
C LEU D 237 45.48 -23.29 -53.02
N ALA D 238 45.97 -23.83 -51.91
CA ALA D 238 47.33 -24.34 -51.82
C ALA D 238 47.40 -25.71 -52.51
N CYS D 239 46.24 -26.37 -52.63
CA CYS D 239 46.12 -27.63 -53.35
C CYS D 239 46.13 -27.37 -54.85
N ALA D 240 45.44 -26.32 -55.27
CA ALA D 240 45.39 -25.90 -56.67
C ALA D 240 46.76 -25.51 -57.22
N LEU D 241 47.57 -24.88 -56.37
CA LEU D 241 48.93 -24.49 -56.72
C LEU D 241 49.92 -25.65 -56.49
N GLY D 242 49.37 -26.86 -56.43
CA GLY D 242 50.15 -28.10 -56.43
C GLY D 242 50.06 -28.76 -57.79
N ARG D 243 48.98 -28.52 -58.49
CA ARG D 243 48.78 -28.94 -59.88
C ARG D 243 49.50 -28.00 -60.84
N LYS D 244 49.32 -26.74 -60.54
CA LYS D 244 49.89 -25.66 -61.37
C LYS D 244 51.42 -25.64 -61.34
N SER D 245 51.99 -26.02 -60.19
CA SER D 245 53.44 -26.04 -59.98
C SER D 245 54.14 -27.19 -60.70
N GLN D 246 53.39 -28.23 -61.03
CA GLN D 246 53.94 -29.41 -61.70
C GLN D 246 54.15 -29.20 -63.21
N ALA D 247 53.96 -27.97 -63.66
CA ALA D 247 54.23 -27.59 -65.04
C ALA D 247 54.94 -26.22 -65.11
N SER D 248 54.30 -25.21 -64.51
CA SER D 248 54.82 -23.82 -64.52
C SER D 248 56.10 -23.62 -63.69
N GLY D 249 56.49 -24.64 -62.92
CA GLY D 249 57.71 -24.59 -62.10
C GLY D 249 57.63 -23.72 -60.85
N ILE D 250 56.70 -22.76 -60.87
CA ILE D 250 56.56 -21.74 -59.84
C ILE D 250 56.34 -22.31 -58.43
N GLU D 251 57.15 -21.84 -57.48
CA GLU D 251 57.09 -22.29 -56.09
C GLU D 251 55.97 -21.60 -55.31
N VAL D 252 55.34 -22.34 -54.39
CA VAL D 252 54.18 -21.85 -53.63
C VAL D 252 54.34 -22.15 -52.14
N ILE D 253 53.89 -21.22 -51.29
CA ILE D 253 54.02 -21.32 -49.84
C ILE D 253 52.67 -21.07 -49.12
N GLN D 254 52.58 -21.51 -47.86
CA GLN D 254 51.36 -21.37 -47.04
C GLN D 254 51.67 -21.15 -45.56
N LEU D 255 51.11 -20.07 -44.99
CA LEU D 255 51.27 -19.77 -43.57
C LEU D 255 49.95 -19.64 -42.79
N PHE D 256 49.92 -20.22 -41.59
CA PHE D 256 48.76 -20.14 -40.68
C PHE D 256 49.19 -20.23 -39.22
N PRO D 257 48.46 -19.53 -38.30
CA PRO D 257 48.78 -19.56 -36.86
C PRO D 257 48.63 -20.94 -36.19
N GLU D 258 47.90 -21.84 -36.83
CA GLU D 258 47.66 -23.19 -36.30
C GLU D 258 48.90 -24.10 -36.41
N LYS D 259 48.87 -25.23 -35.71
CA LYS D 259 49.98 -26.20 -35.74
C LYS D 259 49.86 -27.20 -36.90
N GLY D 260 48.66 -27.26 -37.48
CA GLY D 260 48.38 -28.14 -38.63
C GLY D 260 47.24 -27.59 -39.45
N ASN D 261 47.13 -28.06 -40.70
CA ASN D 261 46.11 -27.56 -41.62
C ASN D 261 44.68 -27.74 -41.12
N MET D 262 43.97 -26.61 -40.98
CA MET D 262 42.63 -26.57 -40.38
C MET D 262 42.68 -26.95 -38.89
N GLY D 263 43.69 -26.41 -38.21
CA GLY D 263 43.97 -26.74 -36.80
C GLY D 263 42.92 -26.27 -35.78
N LYS D 264 42.21 -25.20 -36.11
CA LYS D 264 41.17 -24.68 -35.22
C LYS D 264 39.82 -25.40 -35.44
N ILE D 265 39.87 -26.51 -36.17
CA ILE D 265 38.70 -27.35 -36.45
C ILE D 265 39.05 -28.82 -36.25
N LEU D 266 40.00 -29.32 -37.04
CA LEU D 266 40.46 -30.71 -36.94
C LEU D 266 41.33 -30.94 -35.70
N PRO D 267 41.48 -32.19 -35.25
CA PRO D 267 42.46 -32.44 -34.18
C PRO D 267 43.87 -32.28 -34.73
N GLN D 268 44.82 -31.99 -33.85
CA GLN D 268 46.21 -31.77 -34.23
C GLN D 268 46.73 -32.88 -35.17
N TYR D 269 46.43 -34.13 -34.82
CA TYR D 269 46.93 -35.31 -35.55
C TYR D 269 46.34 -35.52 -36.94
N LEU D 270 45.13 -35.02 -37.16
CA LEU D 270 44.48 -35.14 -38.47
C LEU D 270 44.75 -33.91 -39.33
N SER D 271 44.82 -32.75 -38.67
CA SER D 271 45.29 -31.53 -39.31
C SER D 271 46.77 -31.66 -39.65
N ASN D 272 47.43 -32.61 -38.98
CA ASN D 272 48.81 -32.97 -39.24
C ASN D 272 48.97 -33.75 -40.54
N TRP D 273 48.10 -34.73 -40.77
CA TRP D 273 48.13 -35.55 -41.99
C TRP D 273 47.87 -34.70 -43.24
N THR D 274 46.93 -33.75 -43.11
CA THR D 274 46.58 -32.80 -44.16
C THR D 274 47.80 -32.00 -44.61
N MET D 275 48.60 -31.59 -43.62
CA MET D 275 49.83 -30.83 -43.83
C MET D 275 50.89 -31.58 -44.66
N GLU D 276 50.94 -32.90 -44.52
CA GLU D 276 51.90 -33.74 -45.25
C GLU D 276 51.35 -34.23 -46.61
N LYS D 277 50.20 -33.69 -47.01
CA LYS D 277 49.68 -33.91 -48.35
C LYS D 277 49.74 -32.61 -49.16
N VAL D 278 49.59 -31.49 -48.47
CA VAL D 278 49.89 -30.17 -49.04
C VAL D 278 51.40 -30.09 -49.29
N LYS D 279 52.18 -30.75 -48.43
CA LYS D 279 53.61 -30.91 -48.64
C LYS D 279 53.89 -31.90 -49.79
N ARG D 280 52.98 -32.85 -50.00
CA ARG D 280 53.17 -33.89 -51.01
C ARG D 280 52.88 -33.37 -52.42
N GLU D 281 51.87 -32.50 -52.53
CA GLU D 281 51.41 -31.96 -53.81
C GLU D 281 52.39 -30.94 -54.42
N GLY D 282 53.31 -30.44 -53.60
CA GLY D 282 54.40 -29.58 -54.07
C GLY D 282 54.34 -28.15 -53.56
N VAL D 283 53.89 -27.98 -52.32
CA VAL D 283 53.76 -26.65 -51.70
C VAL D 283 54.38 -26.64 -50.31
N LYS D 284 55.35 -25.76 -50.11
CA LYS D 284 56.02 -25.59 -48.82
C LYS D 284 55.05 -25.07 -47.76
N VAL D 285 55.10 -25.69 -46.58
CA VAL D 285 54.18 -25.34 -45.50
C VAL D 285 54.95 -24.75 -44.31
N MET D 286 54.49 -23.58 -43.84
CA MET D 286 55.12 -22.86 -42.73
C MET D 286 54.10 -22.58 -41.60
N PRO D 287 54.14 -23.39 -40.51
CA PRO D 287 53.13 -23.34 -39.45
C PRO D 287 53.31 -22.20 -38.43
N ASN D 288 52.29 -22.01 -37.59
CA ASN D 288 52.22 -20.95 -36.55
C ASN D 288 53.11 -19.71 -36.73
N ALA D 289 52.65 -18.74 -37.51
CA ALA D 289 53.43 -17.54 -37.80
C ALA D 289 52.61 -16.28 -38.03
N ILE D 290 52.55 -15.42 -37.00
CA ILE D 290 51.90 -14.11 -37.12
C ILE D 290 52.80 -13.15 -37.89
N VAL D 291 52.21 -12.46 -38.86
CA VAL D 291 52.89 -11.48 -39.70
C VAL D 291 53.21 -10.21 -38.91
N GLN D 292 54.42 -9.68 -39.10
CA GLN D 292 54.80 -8.41 -38.50
C GLN D 292 54.53 -7.25 -39.48
N SER D 293 55.26 -7.23 -40.59
CA SER D 293 55.16 -6.15 -41.58
C SER D 293 55.34 -6.65 -43.03
N VAL D 294 54.95 -5.81 -43.99
CA VAL D 294 55.06 -6.14 -45.42
C VAL D 294 55.77 -5.01 -46.19
N GLY D 295 56.63 -5.39 -47.15
CA GLY D 295 57.35 -4.40 -47.96
C GLY D 295 57.85 -4.91 -49.30
N VAL D 296 58.43 -4.01 -50.08
CA VAL D 296 59.02 -4.32 -51.39
C VAL D 296 60.54 -4.54 -51.26
N SER D 297 61.04 -5.66 -51.78
CA SER D 297 62.46 -6.01 -51.69
C SER D 297 62.97 -6.71 -52.95
N GLY D 298 63.95 -6.08 -53.62
CA GLY D 298 64.52 -6.59 -54.87
C GLY D 298 63.48 -6.82 -55.96
N GLY D 299 62.61 -5.82 -56.15
CA GLY D 299 61.53 -5.93 -57.11
C GLY D 299 60.38 -6.83 -56.66
N ARG D 300 60.61 -7.58 -55.59
CA ARG D 300 59.64 -8.58 -55.08
C ARG D 300 58.90 -8.07 -53.83
N LEU D 301 58.49 -9.00 -52.96
CA LEU D 301 57.88 -8.67 -51.68
C LEU D 301 58.60 -9.39 -50.54
N LEU D 302 58.89 -8.65 -49.47
CA LEU D 302 59.52 -9.23 -48.28
C LEU D 302 58.55 -9.13 -47.10
N ILE D 303 58.27 -10.27 -46.48
CA ILE D 303 57.35 -10.34 -45.34
C ILE D 303 58.09 -10.81 -44.09
N LYS D 304 57.94 -10.04 -43.01
CA LYS D 304 58.53 -10.37 -41.72
C LYS D 304 57.48 -10.96 -40.79
N LEU D 305 57.89 -11.97 -40.02
CA LEU D 305 56.96 -12.69 -39.14
C LEU D 305 57.23 -12.40 -37.66
N LYS D 306 56.64 -13.21 -36.77
CA LYS D 306 56.92 -13.15 -35.34
C LYS D 306 58.23 -13.88 -35.03
N ASP D 307 58.50 -14.94 -35.79
CA ASP D 307 59.72 -15.74 -35.67
C ASP D 307 60.93 -15.05 -36.26
N GLY D 308 60.69 -14.23 -37.28
CA GLY D 308 61.73 -13.39 -37.87
C GLY D 308 62.26 -13.81 -39.24
N ARG D 309 61.71 -14.89 -39.81
CA ARG D 309 62.18 -15.39 -41.11
C ARG D 309 61.87 -14.43 -42.25
N LYS D 310 62.68 -14.52 -43.31
CA LYS D 310 62.50 -13.71 -44.51
C LYS D 310 61.63 -14.41 -45.54
N VAL D 311 60.31 -14.21 -45.44
CA VAL D 311 59.35 -14.75 -46.39
C VAL D 311 59.37 -13.94 -47.68
N GLU D 312 60.13 -14.43 -48.66
CA GLU D 312 60.26 -13.75 -49.94
C GLU D 312 59.30 -14.34 -50.96
N THR D 313 58.54 -13.45 -51.61
CA THR D 313 57.52 -13.83 -52.59
C THR D 313 57.23 -12.68 -53.56
N ASP D 314 56.54 -12.99 -54.66
CA ASP D 314 56.23 -11.98 -55.68
C ASP D 314 54.79 -11.46 -55.56
N HIS D 315 53.89 -12.31 -55.07
CA HIS D 315 52.47 -11.98 -54.97
C HIS D 315 51.82 -12.61 -53.72
N ILE D 316 50.70 -12.03 -53.27
CA ILE D 316 50.05 -12.46 -52.02
C ILE D 316 48.56 -12.81 -52.20
N VAL D 317 48.14 -13.92 -51.59
CA VAL D 317 46.74 -14.39 -51.62
C VAL D 317 46.25 -14.70 -50.21
N THR D 318 45.13 -14.10 -49.80
CA THR D 318 44.59 -14.26 -48.45
C THR D 318 43.30 -15.10 -48.37
N ALA D 319 43.23 -15.97 -47.36
CA ALA D 319 42.04 -16.77 -47.05
C ALA D 319 41.88 -16.98 -45.54
N VAL D 320 41.31 -15.98 -44.87
CA VAL D 320 41.24 -15.97 -43.41
C VAL D 320 39.80 -15.79 -42.89
N GLY D 321 38.84 -16.32 -43.62
CA GLY D 321 37.44 -16.18 -43.23
C GLY D 321 36.75 -14.97 -43.85
N LEU D 322 35.57 -14.64 -43.32
CA LEU D 322 34.64 -13.77 -44.03
C LEU D 322 33.97 -12.75 -43.11
N GLU D 323 34.17 -11.46 -43.40
CA GLU D 323 33.54 -10.36 -42.65
C GLU D 323 32.23 -10.00 -43.33
N PRO D 324 31.09 -10.33 -42.71
CA PRO D 324 29.78 -10.12 -43.31
C PRO D 324 29.56 -8.68 -43.80
N ASN D 325 29.01 -8.55 -45.02
CA ASN D 325 28.64 -7.25 -45.57
C ASN D 325 27.40 -6.77 -44.86
N VAL D 326 27.52 -5.62 -44.20
CA VAL D 326 26.43 -5.12 -43.37
C VAL D 326 26.24 -3.61 -43.53
N GLU D 327 26.87 -3.01 -44.54
CA GLU D 327 26.82 -1.56 -44.71
C GLU D 327 25.39 -1.02 -44.68
N LEU D 328 24.45 -1.77 -45.25
CA LEU D 328 23.04 -1.38 -45.32
C LEU D 328 22.43 -1.27 -43.93
N ALA D 329 22.90 -2.12 -43.02
CA ALA D 329 22.49 -2.11 -41.62
C ALA D 329 22.53 -0.71 -41.03
N LYS D 330 23.51 0.09 -41.44
CA LYS D 330 23.61 1.47 -40.98
C LYS D 330 22.32 2.25 -41.32
N THR D 331 22.05 2.46 -42.61
CA THR D 331 20.88 3.21 -43.06
C THR D 331 19.57 2.52 -42.70
N GLY D 332 19.57 1.19 -42.77
CA GLY D 332 18.38 0.40 -42.53
C GLY D 332 17.80 0.53 -41.14
N GLY D 333 18.67 0.72 -40.16
CA GLY D 333 18.29 0.68 -38.75
C GLY D 333 18.28 -0.74 -38.22
N LEU D 334 18.82 -1.67 -39.00
CA LEU D 334 18.86 -3.07 -38.61
C LEU D 334 20.04 -3.38 -37.70
N GLU D 335 19.85 -4.36 -36.82
CA GLU D 335 20.83 -4.70 -35.80
C GLU D 335 21.83 -5.76 -36.31
N ILE D 336 23.09 -5.62 -35.90
CA ILE D 336 24.13 -6.59 -36.23
C ILE D 336 24.41 -7.47 -35.01
N ASP D 337 25.02 -8.63 -35.22
CA ASP D 337 25.52 -9.43 -34.09
C ASP D 337 27.01 -9.19 -33.79
N SER D 338 27.30 -8.68 -32.59
CA SER D 338 28.65 -8.33 -32.21
C SER D 338 29.52 -9.57 -31.93
N ASP D 339 28.88 -10.70 -31.70
CA ASP D 339 29.57 -11.93 -31.33
C ASP D 339 29.86 -12.81 -32.54
N PHE D 340 28.94 -12.84 -33.49
CA PHE D 340 29.15 -13.60 -34.72
C PHE D 340 29.21 -12.68 -35.94
N GLY D 341 28.57 -11.52 -35.85
CA GLY D 341 28.56 -10.55 -36.93
C GLY D 341 27.58 -10.94 -38.02
N GLY D 342 26.81 -9.96 -38.49
CA GLY D 342 25.88 -10.20 -39.59
C GLY D 342 24.53 -9.62 -39.26
N PHE D 343 23.50 -10.11 -39.92
CA PHE D 343 22.16 -9.61 -39.67
C PHE D 343 21.42 -10.48 -38.67
N ARG D 344 21.13 -9.92 -37.50
CA ARG D 344 20.43 -10.65 -36.47
C ARG D 344 18.97 -10.84 -36.86
N VAL D 345 18.56 -12.10 -37.01
CA VAL D 345 17.16 -12.44 -37.30
C VAL D 345 16.68 -13.61 -36.43
N ASN D 346 15.36 -13.76 -36.38
CA ASN D 346 14.74 -14.86 -35.63
C ASN D 346 14.83 -16.23 -36.32
N ALA D 347 14.06 -17.17 -35.75
CA ALA D 347 13.97 -18.55 -36.20
C ALA D 347 13.30 -18.66 -37.57
N GLU D 348 12.62 -17.59 -37.95
CA GLU D 348 11.94 -17.51 -39.24
C GLU D 348 12.81 -16.78 -40.25
N LEU D 349 14.00 -16.39 -39.83
CA LEU D 349 14.94 -15.61 -40.64
C LEU D 349 14.47 -14.18 -40.91
N GLN D 350 13.48 -13.71 -40.17
CA GLN D 350 12.94 -12.38 -40.40
C GLN D 350 13.64 -11.31 -39.57
N ALA D 351 13.99 -10.19 -40.19
CA ALA D 351 14.61 -9.08 -39.49
C ALA D 351 13.58 -8.03 -38.98
N ARG D 352 12.78 -7.48 -39.90
CA ARG D 352 11.64 -6.63 -39.55
C ARG D 352 10.49 -7.08 -40.42
N SER D 353 9.29 -6.53 -40.19
CA SER D 353 8.13 -6.87 -41.03
C SER D 353 8.45 -6.51 -42.47
N ASN D 354 8.22 -7.44 -43.38
CA ASN D 354 8.62 -7.29 -44.79
C ASN D 354 10.14 -7.45 -45.08
N ILE D 355 10.93 -7.91 -44.11
CA ILE D 355 12.36 -8.13 -44.38
C ILE D 355 12.91 -9.44 -43.81
N TRP D 356 13.49 -10.25 -44.69
CA TRP D 356 14.13 -11.48 -44.26
C TRP D 356 15.62 -11.42 -44.55
N VAL D 357 16.40 -12.28 -43.91
CA VAL D 357 17.82 -12.43 -44.26
C VAL D 357 18.12 -13.91 -44.44
N ALA D 358 18.92 -14.25 -45.44
CA ALA D 358 19.35 -15.64 -45.66
C ALA D 358 20.84 -15.76 -45.97
N GLY D 359 21.27 -16.98 -46.31
CA GLY D 359 22.65 -17.28 -46.64
C GLY D 359 23.64 -17.02 -45.51
N ASP D 360 24.67 -16.24 -45.85
CA ASP D 360 25.85 -16.11 -44.99
C ASP D 360 25.91 -14.91 -44.05
N ALA D 361 25.14 -13.87 -44.33
CA ALA D 361 25.11 -12.71 -43.46
C ALA D 361 23.94 -12.86 -42.49
N ALA D 362 23.48 -14.11 -42.36
CA ALA D 362 22.23 -14.42 -41.67
C ALA D 362 22.45 -15.03 -40.28
N CYS D 363 22.70 -14.18 -39.29
CA CYS D 363 22.81 -14.66 -37.92
C CYS D 363 21.44 -15.01 -37.36
N PHE D 364 21.14 -16.30 -37.26
CA PHE D 364 19.79 -16.74 -36.91
C PHE D 364 19.65 -17.27 -35.49
N TYR D 365 18.48 -17.86 -35.21
CA TYR D 365 18.20 -18.57 -33.97
C TYR D 365 17.51 -19.87 -34.33
N ASP D 366 18.02 -20.98 -33.83
CA ASP D 366 17.41 -22.29 -34.02
C ASP D 366 16.88 -22.73 -32.67
N ILE D 367 15.65 -23.23 -32.66
CA ILE D 367 15.00 -23.66 -31.41
C ILE D 367 15.82 -24.72 -30.62
N LYS D 368 16.54 -25.58 -31.34
CA LYS D 368 17.34 -26.64 -30.72
C LYS D 368 18.72 -26.21 -30.19
N LEU D 369 19.51 -25.55 -31.04
CA LEU D 369 20.94 -25.33 -30.81
C LEU D 369 21.33 -23.89 -30.43
N GLY D 370 20.38 -22.96 -30.53
CA GLY D 370 20.62 -21.56 -30.16
C GLY D 370 21.08 -20.64 -31.28
N ARG D 371 21.35 -19.39 -30.92
CA ARG D 371 21.76 -18.36 -31.87
C ARG D 371 23.09 -18.74 -32.55
N ARG D 372 23.05 -18.83 -33.87
CA ARG D 372 24.21 -19.26 -34.65
C ARG D 372 24.44 -18.36 -35.87
N ARG D 373 25.46 -18.72 -36.65
CA ARG D 373 25.65 -18.23 -38.01
C ARG D 373 26.42 -19.28 -38.82
N VAL D 374 26.08 -19.42 -40.09
CA VAL D 374 26.54 -20.55 -40.89
C VAL D 374 26.97 -20.15 -42.30
N GLU D 375 28.25 -20.41 -42.61
CA GLU D 375 28.84 -20.11 -43.91
C GLU D 375 29.01 -21.40 -44.72
N HIS D 376 27.89 -21.87 -45.26
CA HIS D 376 27.85 -23.10 -46.03
C HIS D 376 27.22 -22.81 -47.37
N HIS D 377 27.46 -23.66 -48.35
CA HIS D 377 26.68 -23.60 -49.55
C HIS D 377 25.28 -24.11 -49.21
N ASP D 378 25.21 -25.35 -48.70
CA ASP D 378 23.96 -26.00 -48.31
C ASP D 378 23.02 -25.09 -47.51
N HIS D 379 23.54 -24.42 -46.48
CA HIS D 379 22.74 -23.48 -45.68
C HIS D 379 22.19 -22.34 -46.54
N ALA D 380 23.07 -21.73 -47.33
CA ALA D 380 22.70 -20.68 -48.27
C ALA D 380 21.56 -21.09 -49.21
N VAL D 381 21.45 -22.39 -49.45
CA VAL D 381 20.33 -22.91 -50.22
C VAL D 381 19.05 -22.98 -49.37
N VAL D 382 19.13 -23.72 -48.27
CA VAL D 382 17.96 -24.04 -47.45
C VAL D 382 17.46 -22.82 -46.70
N SER D 383 18.36 -21.88 -46.42
CA SER D 383 17.98 -20.58 -45.83
C SER D 383 17.24 -19.76 -46.86
N GLY D 384 17.81 -19.67 -48.06
CA GLY D 384 17.18 -18.99 -49.17
C GLY D 384 15.78 -19.51 -49.40
N ARG D 385 15.67 -20.82 -49.64
CA ARG D 385 14.38 -21.48 -49.91
C ARG D 385 13.34 -21.16 -48.84
N LEU D 386 13.78 -21.18 -47.58
CA LEU D 386 12.92 -20.84 -46.45
C LEU D 386 12.53 -19.38 -46.48
N ALA D 387 13.48 -18.52 -46.82
CA ALA D 387 13.21 -17.09 -46.91
C ALA D 387 12.07 -16.87 -47.90
N GLY D 388 12.16 -17.50 -49.07
CA GLY D 388 11.10 -17.40 -50.05
C GLY D 388 9.77 -17.89 -49.49
N GLU D 389 9.79 -19.11 -48.97
CA GLU D 389 8.61 -19.77 -48.43
C GLU D 389 7.88 -18.87 -47.42
N ASN D 390 8.65 -18.25 -46.53
CA ASN D 390 8.10 -17.33 -45.52
C ASN D 390 7.73 -15.96 -46.07
N MET D 391 8.35 -15.58 -47.19
CA MET D 391 8.07 -14.30 -47.83
C MET D 391 6.67 -14.22 -48.45
N THR D 392 6.12 -15.39 -48.78
CA THR D 392 4.71 -15.53 -49.17
C THR D 392 3.81 -15.89 -47.97
N GLY D 393 4.34 -15.74 -46.76
CA GLY D 393 3.54 -15.81 -45.53
C GLY D 393 3.34 -17.17 -44.90
N ALA D 394 4.27 -18.09 -45.16
CA ALA D 394 4.18 -19.47 -44.68
C ALA D 394 4.08 -19.55 -43.14
N ALA D 395 4.94 -18.79 -42.46
CA ALA D 395 5.13 -18.85 -40.98
C ALA D 395 5.87 -20.13 -40.56
N LYS D 396 6.94 -20.43 -41.29
CA LYS D 396 7.78 -21.58 -41.00
C LYS D 396 9.04 -21.20 -40.21
N PRO D 397 9.29 -21.87 -39.08
CA PRO D 397 10.58 -21.71 -38.42
C PRO D 397 11.67 -22.41 -39.22
N TYR D 398 12.85 -22.57 -38.66
CA TYR D 398 13.97 -23.18 -39.36
C TYR D 398 14.41 -24.43 -38.60
N TRP D 399 13.81 -25.58 -38.95
CA TRP D 399 14.04 -26.84 -38.23
C TRP D 399 15.12 -27.74 -38.85
N HIS D 400 15.80 -27.20 -39.87
CA HIS D 400 16.77 -27.97 -40.67
C HIS D 400 18.20 -27.89 -40.11
N GLN D 401 19.00 -28.92 -40.40
CA GLN D 401 20.42 -28.96 -40.02
C GLN D 401 21.32 -28.96 -41.26
N SER D 402 22.25 -28.00 -41.31
CA SER D 402 23.07 -27.74 -42.51
C SER D 402 24.46 -28.40 -42.50
N MET D 403 25.07 -28.54 -43.68
CA MET D 403 26.37 -29.25 -43.81
C MET D 403 27.43 -28.61 -44.73
N PHE D 404 28.68 -28.66 -44.25
CA PHE D 404 29.85 -28.12 -44.95
C PHE D 404 30.68 -29.25 -45.50
N TRP D 405 31.24 -29.05 -46.69
CA TRP D 405 32.24 -29.98 -47.20
C TRP D 405 33.44 -29.24 -47.78
N SER D 406 34.51 -30.01 -47.96
CA SER D 406 35.74 -29.55 -48.58
C SER D 406 36.40 -30.75 -49.22
N ASP D 407 36.84 -30.59 -50.46
CA ASP D 407 37.57 -31.63 -51.18
C ASP D 407 38.96 -31.14 -51.58
N LEU D 408 39.99 -31.80 -51.04
CA LEU D 408 41.36 -31.47 -51.41
C LEU D 408 41.79 -32.43 -52.52
N GLY D 409 41.33 -32.14 -53.73
CA GLY D 409 41.52 -33.05 -54.86
C GLY D 409 40.50 -34.17 -54.84
N PRO D 410 40.54 -35.05 -55.85
CA PRO D 410 39.57 -36.15 -55.94
C PRO D 410 39.85 -37.28 -54.94
N ASP D 411 40.96 -37.17 -54.21
CA ASP D 411 41.33 -38.18 -53.21
C ASP D 411 41.03 -37.81 -51.75
N VAL D 412 40.67 -36.54 -51.51
CA VAL D 412 40.46 -36.06 -50.14
C VAL D 412 39.13 -35.31 -50.00
N GLY D 413 38.30 -35.77 -49.06
CA GLY D 413 36.98 -35.17 -48.82
C GLY D 413 36.64 -35.00 -47.35
N TYR D 414 35.95 -33.90 -47.03
CA TYR D 414 35.50 -33.62 -45.67
C TYR D 414 33.98 -33.40 -45.63
N GLU D 415 33.40 -33.47 -44.44
CA GLU D 415 31.93 -33.46 -44.26
C GLU D 415 31.50 -32.88 -42.90
N ALA D 416 31.74 -31.60 -42.69
CA ALA D 416 31.39 -30.93 -41.43
C ALA D 416 29.88 -30.76 -41.24
N ILE D 417 29.42 -30.99 -40.02
CA ILE D 417 28.00 -30.87 -39.67
C ILE D 417 27.86 -30.67 -38.16
N GLY D 418 26.92 -29.82 -37.75
CA GLY D 418 26.65 -29.55 -36.34
C GLY D 418 27.62 -28.57 -35.71
N LEU D 419 27.86 -28.72 -34.41
CA LEU D 419 28.77 -27.86 -33.68
C LEU D 419 30.16 -28.48 -33.64
N VAL D 420 31.09 -27.92 -34.39
CA VAL D 420 32.40 -28.55 -34.61
C VAL D 420 33.60 -27.62 -34.36
N ASP D 421 34.47 -28.05 -33.44
CA ASP D 421 35.71 -27.33 -33.14
C ASP D 421 36.67 -28.24 -32.39
N SER D 422 37.95 -28.12 -32.71
CA SER D 422 39.01 -28.92 -32.07
C SER D 422 39.09 -28.71 -30.56
N SER D 423 38.67 -27.54 -30.09
CA SER D 423 38.67 -27.23 -28.66
C SER D 423 37.80 -28.20 -27.86
N LEU D 424 36.65 -28.57 -28.44
CA LEU D 424 35.79 -29.62 -27.87
C LEU D 424 36.52 -30.97 -27.91
N PRO D 425 36.35 -31.80 -26.84
CA PRO D 425 36.96 -33.14 -26.79
C PRO D 425 36.59 -33.99 -28.00
N THR D 426 37.53 -34.83 -28.43
CA THR D 426 37.46 -35.50 -29.73
C THR D 426 37.67 -37.02 -29.64
N VAL D 427 36.79 -37.76 -30.31
CA VAL D 427 36.91 -39.22 -30.47
C VAL D 427 36.78 -39.59 -31.95
N GLY D 428 37.80 -40.27 -32.48
CA GLY D 428 37.81 -40.69 -33.87
C GLY D 428 37.80 -42.21 -34.01
N VAL D 429 37.29 -42.68 -35.15
CA VAL D 429 37.23 -44.11 -35.48
C VAL D 429 37.65 -44.31 -36.94
N PHE D 430 38.56 -45.25 -37.20
CA PHE D 430 39.19 -45.36 -38.52
C PHE D 430 39.29 -46.82 -39.04
N ALA D 431 39.01 -47.00 -40.33
CA ALA D 431 39.09 -48.31 -40.99
C ALA D 431 39.71 -48.24 -42.40
N LYS D 432 39.61 -49.34 -43.16
CA LYS D 432 40.15 -49.41 -44.52
C LYS D 432 39.26 -48.66 -45.54
N ALA D 433 39.88 -48.15 -46.60
CA ALA D 433 39.19 -47.34 -47.61
C ALA D 433 39.02 -48.05 -48.97
N THR D 434 37.77 -48.39 -49.29
CA THR D 434 37.42 -49.08 -50.55
C THR D 434 37.32 -48.11 -51.74
N ALA D 435 36.94 -48.65 -52.91
CA ALA D 435 36.83 -47.88 -54.14
C ALA D 435 35.61 -46.95 -54.18
N GLN D 436 35.00 -46.71 -53.02
CA GLN D 436 33.88 -45.79 -52.87
C GLN D 436 34.30 -44.59 -52.03
N ASP D 437 35.53 -44.66 -51.52
CA ASP D 437 35.98 -43.80 -50.42
C ASP D 437 36.89 -42.64 -50.83
N ASN D 438 36.42 -41.83 -51.78
CA ASN D 438 37.11 -40.60 -52.20
C ASN D 438 36.20 -39.75 -53.07
N PRO D 439 36.29 -38.40 -52.93
CA PRO D 439 35.50 -37.41 -53.66
C PRO D 439 35.06 -37.83 -55.07
N LYS D 440 35.96 -38.48 -55.82
CA LYS D 440 35.70 -38.94 -57.19
C LYS D 440 34.63 -40.03 -57.31
N SER D 441 34.66 -40.98 -56.34
CA SER D 441 33.77 -42.14 -56.40
C SER D 441 32.36 -41.85 -55.92
N ALA D 442 32.23 -40.91 -54.99
CA ALA D 442 30.92 -40.43 -54.53
C ALA D 442 30.26 -39.63 -55.65
N THR D 443 31.08 -38.80 -56.32
CA THR D 443 30.67 -38.08 -57.52
C THR D 443 30.19 -39.05 -58.61
N GLU D 444 30.97 -40.10 -58.79
CA GLU D 444 30.58 -41.17 -59.70
C GLU D 444 29.22 -41.77 -59.36
N GLN D 445 29.00 -42.09 -58.09
CA GLN D 445 27.72 -42.65 -57.60
C GLN D 445 26.55 -41.65 -57.64
N SER D 446 26.76 -40.43 -57.14
CA SER D 446 25.67 -39.44 -57.06
C SER D 446 25.44 -38.62 -58.33
N GLY D 447 26.42 -38.70 -59.26
CA GLY D 447 26.40 -37.93 -60.50
C GLY D 447 27.07 -36.57 -60.39
N THR D 448 26.88 -35.92 -59.24
CA THR D 448 27.32 -34.53 -59.05
C THR D 448 28.67 -34.37 -58.31
N GLY D 449 29.32 -33.23 -58.58
CA GLY D 449 30.54 -32.84 -57.86
C GLY D 449 30.21 -32.13 -56.56
N ILE D 450 29.22 -31.24 -56.61
CA ILE D 450 28.64 -30.65 -55.40
C ILE D 450 28.24 -31.76 -54.43
N ARG D 451 28.44 -31.52 -53.12
CA ARG D 451 28.24 -32.58 -52.14
C ARG D 451 27.01 -32.38 -51.26
N SER D 452 26.64 -31.12 -51.05
CA SER D 452 25.47 -30.75 -50.24
C SER D 452 24.15 -31.40 -50.72
N GLU D 453 24.05 -31.63 -52.04
CA GLU D 453 22.85 -32.21 -52.65
C GLU D 453 22.86 -33.72 -52.62
N SER D 454 24.04 -34.30 -52.81
CA SER D 454 24.19 -35.76 -52.92
C SER D 454 23.79 -36.45 -51.62
N GLU D 455 24.24 -35.85 -50.50
CA GLU D 455 23.94 -36.39 -49.18
C GLU D 455 22.50 -36.07 -48.77
N THR D 456 21.83 -35.24 -49.58
CA THR D 456 20.46 -34.75 -49.35
C THR D 456 20.27 -34.00 -48.03
N GLU D 457 19.02 -33.67 -47.73
CA GLU D 457 18.65 -32.90 -46.54
C GLU D 457 17.68 -33.65 -45.62
N SER D 458 17.21 -34.82 -46.07
CA SER D 458 16.30 -35.67 -45.28
C SER D 458 16.99 -36.33 -44.09
N GLU D 459 16.20 -36.95 -43.20
CA GLU D 459 16.72 -37.57 -41.97
C GLU D 459 16.15 -38.97 -41.74
N ALA D 460 16.96 -39.99 -41.99
CA ALA D 460 16.58 -41.38 -41.72
C ALA D 460 16.30 -41.59 -40.23
N SER D 461 15.18 -42.25 -39.93
CA SER D 461 14.78 -42.52 -38.54
C SER D 461 13.97 -43.81 -38.44
N GLU D 480 47.53 -49.74 -39.50
CA GLU D 480 47.94 -48.38 -39.82
C GLU D 480 47.37 -47.89 -41.16
N ASP D 481 46.76 -48.80 -41.92
CA ASP D 481 46.21 -48.50 -43.24
C ASP D 481 45.07 -47.48 -43.24
N TYR D 482 44.62 -47.10 -42.04
CA TYR D 482 43.44 -46.25 -41.82
C TYR D 482 43.28 -45.09 -42.80
N GLY D 483 42.48 -45.31 -43.85
CA GLY D 483 42.29 -44.34 -44.93
C GLY D 483 40.97 -43.59 -44.89
N LYS D 484 40.03 -44.07 -44.08
CA LYS D 484 38.74 -43.40 -43.87
C LYS D 484 38.31 -43.46 -42.40
N GLY D 485 37.36 -42.61 -42.01
CA GLY D 485 36.84 -42.62 -40.65
C GLY D 485 35.77 -41.60 -40.31
N VAL D 486 35.26 -41.70 -39.08
CA VAL D 486 34.24 -40.79 -38.53
C VAL D 486 34.66 -40.25 -37.15
N ILE D 487 34.52 -38.93 -36.98
CA ILE D 487 34.88 -38.27 -35.72
C ILE D 487 33.62 -37.80 -35.00
N PHE D 488 33.66 -37.84 -33.67
CA PHE D 488 32.59 -37.28 -32.84
C PHE D 488 33.14 -36.16 -31.96
N TYR D 489 32.49 -35.00 -32.00
CA TYR D 489 32.90 -33.85 -31.18
C TYR D 489 32.00 -33.73 -29.94
N LEU D 490 32.36 -34.49 -28.92
CA LEU D 490 31.52 -34.66 -27.72
C LEU D 490 31.57 -33.48 -26.76
N ARG D 491 30.44 -33.23 -26.10
CA ARG D 491 30.32 -32.25 -25.04
C ARG D 491 29.23 -32.71 -24.08
N ASP D 492 29.62 -32.90 -22.81
CA ASP D 492 28.77 -33.50 -21.77
C ASP D 492 28.61 -35.02 -21.97
N LYS D 493 29.46 -35.57 -22.83
CA LYS D 493 29.37 -36.95 -23.35
C LYS D 493 28.27 -37.10 -24.43
N VAL D 494 27.66 -35.98 -24.81
CA VAL D 494 26.61 -35.91 -25.83
C VAL D 494 27.23 -35.68 -27.20
N VAL D 495 26.59 -36.21 -28.24
CA VAL D 495 27.00 -35.95 -29.62
C VAL D 495 26.45 -34.60 -30.05
N VAL D 496 27.36 -33.69 -30.37
CA VAL D 496 26.98 -32.35 -30.83
C VAL D 496 27.80 -31.94 -32.05
N GLY D 497 28.66 -32.86 -32.49
CA GLY D 497 29.49 -32.65 -33.66
C GLY D 497 29.94 -33.95 -34.31
N ILE D 498 29.94 -33.96 -35.65
CA ILE D 498 30.40 -35.09 -36.45
C ILE D 498 31.15 -34.60 -37.69
N VAL D 499 32.23 -35.31 -38.05
CA VAL D 499 33.03 -35.03 -39.24
C VAL D 499 33.32 -36.33 -40.00
N LEU D 500 33.14 -36.31 -41.34
CA LEU D 500 33.37 -37.49 -42.17
C LEU D 500 34.61 -37.39 -43.07
N TRP D 501 35.49 -38.38 -42.96
CA TRP D 501 36.72 -38.44 -43.75
C TRP D 501 36.61 -39.54 -44.80
N ASN D 502 36.28 -39.15 -46.04
CA ASN D 502 36.01 -40.08 -47.14
C ASN D 502 34.86 -41.06 -46.87
N VAL D 503 33.87 -40.60 -46.10
CA VAL D 503 32.64 -41.35 -45.86
C VAL D 503 31.44 -40.55 -46.37
N PHE D 504 30.68 -41.18 -47.27
CA PHE D 504 29.60 -40.51 -47.98
C PHE D 504 28.28 -41.27 -47.89
N ASN D 505 27.27 -40.80 -48.62
CA ASN D 505 25.92 -41.38 -48.64
C ASN D 505 25.19 -41.47 -47.28
N ARG D 506 25.93 -41.27 -46.18
CA ARG D 506 25.38 -41.41 -44.83
C ARG D 506 25.42 -40.11 -44.01
N MET D 507 24.46 -39.24 -44.28
CA MET D 507 24.25 -38.01 -43.50
C MET D 507 22.82 -37.90 -42.96
N PRO D 508 21.83 -38.55 -43.64
CA PRO D 508 20.50 -38.62 -43.05
C PRO D 508 20.48 -39.41 -41.74
N ILE D 509 21.59 -40.07 -41.44
CA ILE D 509 21.77 -40.75 -40.16
C ILE D 509 22.59 -39.89 -39.20
N ALA D 510 23.68 -39.29 -39.70
CA ALA D 510 24.55 -38.42 -38.89
C ALA D 510 23.74 -37.30 -38.23
N ARG D 511 22.64 -36.93 -38.88
CA ARG D 511 21.65 -36.02 -38.33
C ARG D 511 20.84 -36.70 -37.22
N LYS D 512 20.34 -37.91 -37.50
CA LYS D 512 19.53 -38.69 -36.53
C LYS D 512 20.15 -38.70 -35.13
N ILE D 513 21.48 -38.73 -35.06
CA ILE D 513 22.18 -38.72 -33.78
C ILE D 513 22.24 -37.31 -33.19
N ILE D 514 22.85 -36.39 -33.92
CA ILE D 514 23.02 -35.01 -33.45
C ILE D 514 21.69 -34.31 -33.09
N LYS D 515 20.66 -34.55 -33.91
CA LYS D 515 19.33 -33.97 -33.69
C LYS D 515 18.66 -34.49 -32.42
N ASP D 516 18.79 -35.80 -32.18
CA ASP D 516 18.23 -36.42 -30.98
C ASP D 516 18.94 -35.96 -29.69
N GLY D 517 20.26 -35.77 -29.77
CA GLY D 517 21.07 -35.50 -28.59
C GLY D 517 21.36 -36.81 -27.87
N GLU D 518 21.52 -37.87 -28.67
CA GLU D 518 21.77 -39.22 -28.17
C GLU D 518 23.03 -39.34 -27.32
N GLN D 519 22.97 -40.24 -26.34
CA GLN D 519 24.13 -40.60 -25.52
C GLN D 519 24.45 -42.06 -25.76
N HIS D 520 25.75 -42.35 -25.90
CA HIS D 520 26.20 -43.68 -26.32
C HIS D 520 26.74 -44.52 -25.18
N GLU D 521 26.12 -45.69 -25.00
CA GLU D 521 26.66 -46.70 -24.11
C GLU D 521 27.94 -47.27 -24.73
N ASP D 522 27.93 -47.36 -26.05
CA ASP D 522 29.08 -47.83 -26.82
C ASP D 522 29.26 -46.95 -28.06
N LEU D 523 30.50 -46.59 -28.37
CA LEU D 523 30.82 -45.80 -29.56
C LEU D 523 31.45 -46.64 -30.69
N ASN D 524 31.56 -47.94 -30.48
CA ASN D 524 31.97 -48.87 -31.53
C ASN D 524 30.78 -49.41 -32.33
N GLU D 525 29.58 -49.28 -31.75
CA GLU D 525 28.34 -49.80 -32.37
C GLU D 525 27.54 -48.69 -33.09
N VAL D 526 28.18 -47.55 -33.33
CA VAL D 526 27.58 -46.48 -34.11
C VAL D 526 28.46 -46.16 -35.33
N ALA D 527 29.70 -46.65 -35.28
CA ALA D 527 30.60 -46.65 -36.44
C ALA D 527 30.11 -47.60 -37.53
N LYS D 528 29.49 -48.71 -37.13
CA LYS D 528 28.93 -49.68 -38.08
C LYS D 528 27.83 -49.09 -38.98
N LEU D 529 27.04 -48.18 -38.42
CA LEU D 529 26.01 -47.45 -39.17
C LEU D 529 26.63 -46.54 -40.24
N PHE D 530 27.91 -46.25 -40.07
CA PHE D 530 28.67 -45.38 -40.98
C PHE D 530 29.59 -46.22 -41.88
N ASN D 531 29.37 -47.53 -41.88
CA ASN D 531 30.21 -48.52 -42.57
C ASN D 531 31.67 -48.49 -42.10
N ILE D 532 31.85 -48.42 -40.78
CA ILE D 532 33.18 -48.48 -40.16
C ILE D 532 33.20 -49.67 -39.20
N HIS D 533 34.09 -50.64 -39.46
CA HIS D 533 34.09 -51.92 -38.73
C HIS D 533 35.47 -52.31 -38.20
N UNK E 1 38.44 11.78 -10.00
CA UNK E 1 38.56 13.03 -9.21
C UNK E 1 37.26 13.85 -9.25
N UNK E 2 36.65 14.09 -8.10
CA UNK E 2 35.45 14.94 -8.02
C UNK E 2 35.85 16.42 -8.00
N UNK E 3 35.30 17.22 -8.90
CA UNK E 3 35.74 18.61 -9.02
C UNK E 3 34.65 19.64 -8.64
N UNK E 4 34.48 19.94 -7.35
CA UNK E 4 33.33 20.78 -6.92
C UNK E 4 33.49 22.34 -7.00
N UNK E 5 32.68 22.99 -7.83
CA UNK E 5 32.61 24.48 -7.89
C UNK E 5 31.35 25.06 -7.23
N UNK E 6 31.55 25.96 -6.27
CA UNK E 6 30.43 26.60 -5.57
C UNK E 6 30.45 28.13 -5.71
N UNK E 7 29.34 28.76 -5.29
CA UNK E 7 29.19 30.22 -5.29
C UNK E 7 27.92 30.60 -4.49
N UNK E 8 28.09 31.47 -3.49
CA UNK E 8 26.98 31.90 -2.64
C UNK E 8 27.04 33.40 -2.38
N UNK F 1 24.53 27.44 -9.51
CA UNK F 1 24.89 27.80 -8.12
C UNK F 1 25.68 26.72 -7.37
N UNK F 2 25.73 25.49 -7.93
CA UNK F 2 26.60 24.41 -7.41
C UNK F 2 26.87 23.31 -8.44
N UNK F 3 28.07 23.32 -9.04
CA UNK F 3 28.46 22.33 -10.06
C UNK F 3 29.43 21.27 -9.50
N UNK F 4 29.02 20.01 -9.45
CA UNK F 4 29.95 18.92 -9.09
C UNK F 4 30.30 18.05 -10.32
N UNK F 5 31.52 17.54 -10.40
CA UNK F 5 31.96 16.77 -11.57
C UNK F 5 32.80 15.55 -11.19
N UNK F 6 32.28 14.36 -11.44
CA UNK F 6 32.94 13.11 -11.05
C UNK F 6 33.21 12.26 -12.27
N UNK F 7 34.24 11.42 -12.19
CA UNK F 7 34.64 10.51 -13.28
C UNK F 7 35.52 9.41 -12.70
N UNK F 8 35.03 8.17 -12.70
CA UNK F 8 35.75 7.06 -12.04
C UNK F 8 35.43 5.65 -12.58
N UNK F 9 36.19 4.67 -12.10
CA UNK F 9 35.97 3.24 -12.36
C UNK F 9 35.79 2.88 -13.85
PA FAD G . 3.33 -6.69 -14.65
O1A FAD G . 4.02 -7.61 -13.67
O2A FAD G . 2.65 -5.41 -14.21
O5B FAD G . 2.27 -7.64 -15.38
C5B FAD G . 2.51 -9.04 -15.32
C4B FAD G . 1.27 -9.85 -15.01
O4B FAD G . 1.37 -11.05 -15.79
C3B FAD G . 1.20 -10.30 -13.55
O3B FAD G . -0.07 -9.95 -13.00
C2B FAD G . 1.39 -11.81 -13.60
O2B FAD G . 0.53 -12.50 -12.71
C1B FAD G . 0.97 -12.16 -15.00
N9A FAD G . 1.59 -13.39 -15.52
C8A FAD G . 2.91 -13.66 -15.56
N7A FAD G . 3.13 -14.86 -16.14
C5A FAD G . 1.95 -15.39 -16.48
C6A FAD G . 1.53 -16.56 -17.07
N6A FAD G . 2.44 -17.49 -17.46
N1A FAD G . 0.21 -16.75 -17.27
C2A FAD G . -0.70 -15.83 -16.89
N3A FAD G . -0.36 -14.66 -16.30
C4A FAD G . 0.93 -14.40 -16.08
N1 FAD G . 7.90 2.50 -12.55
C2 FAD G . 7.97 3.84 -12.69
O2 FAD G . 8.36 4.35 -13.76
N3 FAD G . 7.62 4.65 -11.67
C4 FAD G . 7.19 4.12 -10.50
O4 FAD G . 6.86 4.87 -9.57
C4X FAD G . 7.10 2.75 -10.32
N5 FAD G . 6.67 2.26 -9.14
C5X FAD G . 6.58 0.94 -8.99
C6 FAD G . 6.21 0.23 -8.01
C7 FAD G . 6.02 -0.91 -7.50
C7M FAD G . 5.51 -1.21 -6.11
C8 FAD G . 6.36 -1.85 -8.49
C8M FAD G . 6.24 -3.33 -8.24
C9 FAD G . 6.82 -1.41 -9.75
C9A FAD G . 6.95 -0.03 -10.05
N10 FAD G . 7.40 0.51 -11.27
C10 FAD G . 7.47 1.93 -11.40
C1' FAD G . 7.79 -0.34 -12.39
C2' FAD G . 6.61 -0.49 -13.36
O2' FAD G . 5.38 -0.39 -12.65
C3' FAD G . 6.66 -1.84 -14.05
O3' FAD G . 7.86 -1.87 -14.85
C4' FAD G . 5.44 -2.05 -14.95
O4' FAD G . 4.26 -1.89 -14.17
C5' FAD G . 5.49 -3.45 -15.55
O5' FAD G . 4.21 -3.77 -16.07
P FAD G . 4.01 -5.15 -16.85
O1P FAD G . 2.54 -5.27 -17.11
O2P FAD G . 5.00 -5.19 -17.99
O3P FAD G . 4.40 -6.27 -15.77
PA FAD H . -15.33 29.85 19.53
O1A FAD H . -16.34 29.61 18.44
O2A FAD H . -15.07 31.26 19.99
O5B FAD H . -13.95 29.23 18.96
C5B FAD H . -13.96 28.29 17.88
C4B FAD H . -12.88 28.61 16.86
O4B FAD H . -12.21 27.43 16.42
C3B FAD H . -13.44 29.24 15.61
O3B FAD H . -12.62 30.35 15.28
C2B FAD H . -13.33 28.15 14.55
O2B FAD H . -13.14 28.68 13.24
C1B FAD H . -12.11 27.36 15.01
N9A FAD H . -12.16 25.94 14.63
C8A FAD H . -13.21 25.11 14.73
N7A FAD H . -12.91 23.85 14.30
C5A FAD H . -11.62 23.88 13.91
C6A FAD H . -10.73 22.94 13.39
N6A FAD H . -11.11 21.68 13.17
N1A FAD H . -9.47 23.34 13.12
C2A FAD H . -9.06 24.62 13.33
N3A FAD H . -9.86 25.56 13.82
C4A FAD H . -11.13 25.26 14.13
N1 FAD H . -21.60 35.01 25.36
C2 FAD H . -21.88 35.77 26.44
O2 FAD H . -21.64 35.31 27.60
N3 FAD H . -22.41 37.02 26.28
C4 FAD H . -22.67 37.50 25.03
O4 FAD H . -23.16 38.64 24.88
C4X FAD H . -22.37 36.70 23.91
N5 FAD H . -22.62 37.18 22.67
C5X FAD H . -22.34 36.41 21.62
C6 FAD H . -22.47 36.61 20.39
C7 FAD H . -22.35 36.23 19.19
C7M FAD H . -22.74 37.03 17.98
C8 FAD H . -21.80 34.95 19.22
C8M FAD H . -21.53 34.21 17.93
C9 FAD H . -21.51 34.36 20.49
C9A FAD H . -21.75 35.05 21.72
N10 FAD H . -21.51 34.59 23.02
C10 FAD H . -21.83 35.44 24.11
C1' FAD H . -20.94 33.27 23.29
C2' FAD H . -19.40 33.25 23.33
O2' FAD H . -18.80 34.50 22.89
C3' FAD H . -18.87 32.09 22.49
O3' FAD H . -19.59 30.87 22.75
C4' FAD H . -17.39 31.95 22.77
O4' FAD H . -16.71 32.28 21.56
C5' FAD H . -16.97 30.56 23.18
O5' FAD H . -15.57 30.43 22.89
P FAD H . -14.96 29.08 22.28
O1P FAD H . -13.49 29.34 22.13
O2P FAD H . -15.40 27.91 23.12
O3P FAD H . -15.69 28.98 20.84
PA FAD I . -14.38 -8.79 42.16
O1A FAD I . -15.76 -8.89 42.76
O2A FAD I . -13.61 -10.04 41.78
O5B FAD I . -13.46 -7.92 43.15
C5B FAD I . -14.05 -7.04 44.08
C4B FAD I . -13.35 -7.18 45.43
O4B FAD I . -13.13 -5.88 45.96
C3B FAD I . -14.20 -7.94 46.42
O3B FAD I . -13.39 -8.91 47.08
C2B FAD I . -14.67 -6.89 47.41
O2B FAD I . -14.81 -7.41 48.73
C1B FAD I . -13.57 -5.84 47.32
N9A FAD I . -14.09 -4.49 47.68
C8A FAD I . -15.27 -3.96 47.33
N7A FAD I . -15.43 -2.72 47.85
C5A FAD I . -14.33 -2.43 48.57
C6A FAD I . -13.89 -1.37 49.34
N6A FAD I . -14.63 -0.24 49.49
N1A FAD I . -12.68 -1.44 49.93
C2A FAD I . -11.90 -2.53 49.80
N3A FAD I . -12.28 -3.61 49.08
C4A FAD I . -13.45 -3.62 48.45
N1 FAD I . -16.74 -14.68 34.53
C2 FAD I . -16.44 -15.41 33.43
O2 FAD I . -16.03 -14.84 32.37
N3 FAD I . -16.55 -16.77 33.46
C4 FAD I . -16.98 -17.41 34.59
O4 FAD I . -17.07 -18.66 34.59
C4X FAD I . -17.30 -16.67 35.72
N5 FAD I . -17.72 -17.31 36.83
C5X FAD I . -18.03 -16.58 37.91
C6 FAD I . -18.43 -16.91 39.05
C7 FAD I . -18.80 -16.60 40.21
C7M FAD I . -19.23 -17.55 41.30
C8 FAD I . -18.73 -15.21 40.31
C8M FAD I . -19.10 -14.50 41.59
C9 FAD I . -18.30 -14.48 39.17
C9A FAD I . -17.94 -15.11 37.95
N10 FAD I . -17.48 -14.46 36.78
C10 FAD I . -17.16 -15.27 35.67
C1' FAD I . -17.35 -13.00 36.73
C2' FAD I . -15.92 -12.55 37.03
O2' FAD I . -15.13 -13.64 37.54
C3' FAD I . -15.92 -11.41 38.05
O3' FAD I . -16.66 -10.35 37.48
C4' FAD I . -14.49 -10.98 38.42
O4' FAD I . -14.18 -11.42 39.74
C5' FAD I . -14.32 -9.46 38.34
O5' FAD I . -13.20 -9.01 39.12
P FAD I . -13.30 -7.60 39.87
O1P FAD I . -12.07 -7.42 40.72
O2P FAD I . -13.70 -6.52 38.89
O3P FAD I . -14.53 -7.81 40.89
PA FAD J . 27.16 -14.65 -51.72
O1A FAD J . 28.38 -13.82 -51.39
O2A FAD J . 27.27 -15.77 -52.73
O5B FAD J . 26.07 -13.64 -52.33
C5B FAD J . 26.33 -12.24 -52.20
C4B FAD J . 26.27 -11.52 -53.54
O4B FAD J . 25.58 -10.28 -53.35
C3B FAD J . 27.63 -11.17 -54.09
O3B FAD J . 27.64 -11.56 -55.45
C2B FAD J . 27.74 -9.66 -53.99
O2B FAD J . 28.41 -9.08 -55.13
C1B FAD J . 26.30 -9.20 -53.94
N9A FAD J . 26.13 -7.98 -53.13
C8A FAD J . 26.70 -7.75 -51.93
N7A FAD J . 26.33 -6.53 -51.45
C5A FAD J . 25.49 -5.95 -52.35
C6A FAD J . 24.80 -4.74 -52.45
N6A FAD J . 24.88 -3.82 -51.46
N1A FAD J . 24.04 -4.48 -53.55
C2A FAD J . 23.96 -5.40 -54.54
N3A FAD J . 24.59 -6.59 -54.49
C4A FAD J . 25.38 -6.92 -53.46
N1 FAD J . 30.29 -24.13 -49.02
C2 FAD J . 30.11 -25.48 -48.96
O2 FAD J . 29.14 -25.95 -48.32
N3 FAD J . 30.99 -26.30 -49.60
C4 FAD J . 32.05 -25.81 -50.29
O4 FAD J . 32.82 -26.60 -50.87
C4X FAD J . 32.25 -24.42 -50.37
N5 FAD J . 33.29 -23.93 -51.06
C5X FAD J . 33.47 -22.60 -51.13
C6 FAD J . 34.34 -21.89 -51.68
C7 FAD J . 34.83 -20.75 -51.97
C7M FAD J . 36.05 -20.50 -52.80
C8 FAD J . 34.01 -19.79 -51.36
C8M FAD J . 34.29 -18.31 -51.48
C9 FAD J . 32.88 -20.25 -50.61
C9A FAD J . 32.57 -21.63 -50.46
N10 FAD J . 31.47 -22.17 -49.74
C10 FAD J . 31.33 -23.58 -49.70
C1' FAD J . 30.51 -21.31 -49.04
C2' FAD J . 29.30 -20.91 -49.91
O2' FAD J . 29.30 -21.65 -51.14
C3' FAD J . 29.30 -19.41 -50.18
O3' FAD J . 29.60 -18.69 -48.96
C4' FAD J . 27.99 -18.92 -50.81
O4' FAD J . 28.30 -18.03 -51.90
C5' FAD J . 27.06 -18.20 -49.86
O5' FAD J . 25.93 -17.73 -50.58
P FAD J . 25.29 -16.28 -50.32
O1P FAD J . 24.36 -15.98 -51.46
O2P FAD J . 24.77 -16.33 -48.91
O3P FAD J . 26.54 -15.25 -50.35
#